data_2POC
#
_entry.id   2POC
#
_cell.length_a   65.977
_cell.length_b   117.832
_cell.length_c   99.711
_cell.angle_alpha   90.00
_cell.angle_beta   91.60
_cell.angle_gamma   90.00
#
_symmetry.space_group_name_H-M   'P 1 21 1'
#
loop_
_entity.id
_entity.type
_entity.pdbx_description
1 polymer 'isomerase domain of glutamine-fructose-6-phosphate transaminase (isomerizing)'
2 non-polymer 6-O-phosphono-beta-D-glucopyranose
3 non-polymer 'SODIUM ION'
4 non-polymer URIDINE-DIPHOSPHATE-N-ACETYLGLUCOSAMINE
5 non-polymer 'ACETATE ION'
6 water water
#
_entity_poly.entity_id   1
_entity_poly.type   'polypeptide(L)'
_entity_poly.pdbx_seq_one_letter_code
;MKGPYKHFMQKEIFEQPDSAFNTMRGRIDFENCVVTLGGLKSWLSTIRRCRRIIMIACGTSYHSCLATRSIFEELTEIPV
SVELASDFLDRRSPVFRDDTCVFVSQSGETADSILALQYCLERGALTVGIVNSVGSSMSRQTHCGVHINAGPEIGVASTK
AYTSQYIALVMFALSLSNDSISRKGRHEEIIKGLQKIPEQIKQVLKLENKIKDLCNSSLNDQKSLLLLGRGYQFATALEG
ALKIKEISYMHSEGVLAGELKHGILALVDEDLPIIAFATRDSLFPKVMSAIEQVTARDGRPIVICNEGDAIISNDKVHTT
LEVPETVDCLQGLLNVIPLQLISYWLAVNRGIDVDFPRNLAKSVTVE
;
_entity_poly.pdbx_strand_id   A,B,C,D
#
loop_
_chem_comp.id
_chem_comp.type
_chem_comp.name
_chem_comp.formula
ACT non-polymer 'ACETATE ION' 'C2 H3 O2 -1'
BG6 D-saccharide, beta linking 6-O-phosphono-beta-D-glucopyranose 'C6 H13 O9 P'
NA non-polymer 'SODIUM ION' 'Na 1'
UD1 non-polymer URIDINE-DIPHOSPHATE-N-ACETYLGLUCOSAMINE 'C17 H27 N3 O17 P2'
#
# COMPACT_ATOMS: atom_id res chain seq x y z
N GLY A 3 45.88 27.74 5.55
CA GLY A 3 46.79 27.64 6.73
C GLY A 3 47.97 26.75 6.42
N PRO A 4 48.21 25.73 7.26
CA PRO A 4 49.25 24.74 6.97
C PRO A 4 49.03 23.98 5.63
N TYR A 5 47.90 24.21 4.99
CA TYR A 5 47.47 23.36 3.88
C TYR A 5 47.86 23.87 2.50
N LYS A 6 48.47 22.99 1.71
CA LYS A 6 48.76 23.26 0.29
C LYS A 6 47.53 23.74 -0.49
N HIS A 7 46.39 23.07 -0.33
CA HIS A 7 45.21 23.28 -1.17
C HIS A 7 43.90 23.28 -0.37
N PHE A 8 42.85 23.91 -0.91
CA PHE A 8 41.53 23.83 -0.30
C PHE A 8 41.05 22.40 -0.12
N MET A 9 41.33 21.53 -1.10
CA MET A 9 40.87 20.15 -0.99
C MET A 9 41.50 19.43 0.18
N GLN A 10 42.81 19.62 0.38
CA GLN A 10 43.53 19.05 1.51
C GLN A 10 42.97 19.57 2.82
N LYS A 11 42.74 20.88 2.90
CA LYS A 11 42.11 21.50 4.08
C LYS A 11 40.75 20.83 4.39
N GLU A 12 39.91 20.70 3.36
CA GLU A 12 38.57 20.16 3.55
C GLU A 12 38.58 18.69 3.92
N ILE A 13 39.55 17.92 3.41
CA ILE A 13 39.74 16.54 3.87
C ILE A 13 40.10 16.52 5.33
N PHE A 14 41.06 17.34 5.73
CA PHE A 14 41.51 17.35 7.09
C PHE A 14 40.50 17.98 8.08
N GLU A 15 39.55 18.75 7.54
CA GLU A 15 38.44 19.38 8.30
C GLU A 15 37.36 18.37 8.71
N GLN A 16 37.41 17.14 8.19
CA GLN A 16 36.28 16.17 8.44
C GLN A 16 35.99 15.79 9.91
N PRO A 17 37.01 15.72 10.81
CA PRO A 17 36.58 15.52 12.19
C PRO A 17 35.62 16.63 12.63
N ASP A 18 35.88 17.86 12.22
CA ASP A 18 35.07 18.99 12.63
C ASP A 18 33.74 19.02 11.88
N SER A 19 33.77 18.73 10.57
CA SER A 19 32.50 18.77 9.83
C SER A 19 31.58 17.63 10.26
N ALA A 20 32.16 16.46 10.57
CA ALA A 20 31.39 15.31 11.04
C ALA A 20 30.74 15.67 12.38
N PHE A 21 31.52 16.29 13.28
CA PHE A 21 30.94 16.77 14.56
C PHE A 21 29.83 17.80 14.36
N ASN A 22 30.07 18.76 13.47
CA ASN A 22 29.16 19.86 13.22
C ASN A 22 27.83 19.36 12.63
N THR A 23 27.92 18.34 11.81
CA THR A 23 26.68 17.75 11.25
C THR A 23 25.79 17.15 12.36
N MET A 24 26.40 16.54 13.37
CA MET A 24 25.70 15.93 14.49
C MET A 24 25.29 16.93 15.58
N ARG A 25 25.94 18.09 15.59
CA ARG A 25 25.83 19.05 16.70
C ARG A 25 24.37 19.46 16.97
N GLY A 26 23.92 19.34 18.21
CA GLY A 26 22.54 19.73 18.53
C GLY A 26 21.48 18.73 18.07
N ARG A 27 21.90 17.62 17.44
CA ARG A 27 20.95 16.64 16.89
C ARG A 27 21.03 15.27 17.50
N ILE A 28 22.12 14.98 18.18
CA ILE A 28 22.22 13.69 18.85
C ILE A 28 22.56 13.83 20.33
N ASP A 29 21.71 13.23 21.16
CA ASP A 29 21.99 13.08 22.58
C ASP A 29 22.65 11.73 22.72
N PHE A 30 23.97 11.72 22.94
CA PHE A 30 24.70 10.45 22.95
C PHE A 30 24.48 9.64 24.22
N GLU A 31 24.13 10.32 25.29
CA GLU A 31 23.87 9.66 26.56
C GLU A 31 22.53 8.94 26.56
N ASN A 32 21.47 9.62 26.14
CA ASN A 32 20.16 9.00 26.06
C ASN A 32 19.89 8.29 24.74
N CYS A 33 20.78 8.50 23.77
CA CYS A 33 20.72 7.86 22.46
C CYS A 33 19.45 8.30 21.75
N VAL A 34 19.33 9.61 21.60
CA VAL A 34 18.15 10.22 21.01
C VAL A 34 18.60 11.14 19.87
N VAL A 35 18.03 10.94 18.70
CA VAL A 35 18.31 11.80 17.55
C VAL A 35 17.14 12.71 17.30
N THR A 36 17.43 14.00 17.19
CA THR A 36 16.41 14.99 16.92
C THR A 36 16.75 15.90 15.76
N LEU A 37 16.02 15.74 14.67
CA LEU A 37 16.26 16.53 13.48
C LEU A 37 15.11 17.54 13.35
N GLY A 38 15.43 18.79 13.67
CA GLY A 38 14.39 19.82 13.76
C GLY A 38 13.60 20.02 12.49
N GLY A 39 14.26 19.96 11.33
CA GLY A 39 13.59 20.06 10.05
C GLY A 39 12.54 19.01 9.73
N LEU A 40 12.65 17.84 10.36
CA LEU A 40 11.82 16.69 9.98
C LEU A 40 10.77 16.40 11.02
N LYS A 41 10.99 16.98 12.19
CA LYS A 41 10.19 16.75 13.40
C LYS A 41 8.76 16.29 13.15
N SER A 42 8.01 17.17 12.51
CA SER A 42 6.58 16.95 12.44
C SER A 42 6.20 16.26 11.13
N TRP A 43 7.20 15.81 10.39
CA TRP A 43 6.95 15.19 9.09
C TRP A 43 7.22 13.71 9.15
N LEU A 44 7.85 13.26 10.23
CA LEU A 44 8.30 11.87 10.31
C LEU A 44 7.19 10.88 10.23
N SER A 45 6.07 11.15 10.90
CA SER A 45 5.00 10.19 10.94
C SER A 45 4.47 9.98 9.54
N THR A 46 4.47 11.03 8.75
CA THR A 46 4.01 10.95 7.36
C THR A 46 5.01 10.17 6.52
N ILE A 47 6.29 10.55 6.61
CA ILE A 47 7.30 9.75 5.89
C ILE A 47 7.24 8.25 6.25
N ARG A 48 7.04 7.90 7.51
CA ARG A 48 7.05 6.47 7.93
C ARG A 48 5.97 5.63 7.27
N ARG A 49 4.95 6.30 6.74
CA ARG A 49 3.82 5.54 6.20
C ARG A 49 3.74 5.46 4.68
N CYS A 50 4.74 5.97 3.96
CA CYS A 50 4.71 5.96 2.51
C CYS A 50 4.86 4.57 1.88
N ARG A 51 4.62 4.46 0.58
CA ARG A 51 4.76 3.22 -0.17
C ARG A 51 6.25 2.85 -0.26
N ARG A 52 7.05 3.87 -0.52
CA ARG A 52 8.50 3.67 -0.76
C ARG A 52 9.24 4.99 -0.67
N ILE A 53 10.55 4.89 -0.46
CA ILE A 53 11.46 6.04 -0.43
C ILE A 53 12.27 5.93 -1.70
N ILE A 54 12.38 7.03 -2.43
CA ILE A 54 13.26 7.05 -3.60
C ILE A 54 14.31 8.10 -3.29
N MET A 55 15.60 7.70 -3.26
CA MET A 55 16.69 8.68 -3.02
C MET A 55 17.19 9.09 -4.38
N ILE A 56 17.34 10.40 -4.62
CA ILE A 56 17.62 10.90 -5.93
C ILE A 56 18.75 11.89 -5.85
N ALA A 57 19.80 11.69 -6.65
CA ALA A 57 21.01 12.51 -6.47
C ALA A 57 21.96 12.35 -7.66
N CYS A 58 23.00 13.20 -7.71
CA CYS A 58 24.04 13.16 -8.77
C CYS A 58 25.39 12.97 -8.09
N GLY A 59 26.32 12.40 -8.84
CA GLY A 59 27.75 12.38 -8.40
C GLY A 59 27.96 11.83 -7.02
N THR A 60 28.77 12.53 -6.23
CA THR A 60 29.15 12.08 -4.93
C THR A 60 27.93 11.97 -4.02
N SER A 61 26.92 12.79 -4.28
CA SER A 61 25.70 12.75 -3.47
C SER A 61 24.95 11.46 -3.77
N TYR A 62 24.96 11.04 -5.03
CA TYR A 62 24.37 9.71 -5.38
C TYR A 62 25.13 8.60 -4.63
N HIS A 63 26.47 8.71 -4.56
CA HIS A 63 27.20 7.78 -3.73
C HIS A 63 26.80 7.72 -2.25
N SER A 64 26.56 8.87 -1.64
CA SER A 64 26.16 8.87 -0.24
C SER A 64 24.83 8.17 -0.07
N CYS A 65 24.00 8.21 -1.11
CA CYS A 65 22.72 7.42 -1.05
C CYS A 65 22.96 5.94 -1.13
N LEU A 66 23.78 5.50 -2.07
CA LEU A 66 24.15 4.10 -2.10
C LEU A 66 24.75 3.63 -0.78
N ALA A 67 25.62 4.45 -0.21
CA ALA A 67 26.33 4.18 1.06
C ALA A 67 25.42 3.97 2.27
N THR A 68 24.17 4.45 2.19
CA THR A 68 23.24 4.43 3.29
C THR A 68 21.93 3.73 2.93
N ARG A 69 21.84 3.22 1.72
CA ARG A 69 20.60 2.51 1.30
C ARG A 69 20.28 1.37 2.28
N SER A 70 21.28 0.53 2.58
CA SER A 70 21.05 -0.67 3.36
C SER A 70 20.52 -0.35 4.78
N ILE A 71 21.13 0.64 5.45
CA ILE A 71 20.66 1.02 6.80
C ILE A 71 19.27 1.61 6.82
N PHE A 72 18.90 2.41 5.81
CA PHE A 72 17.49 2.79 5.69
C PHE A 72 16.60 1.56 5.58
N GLU A 73 16.96 0.64 4.69
CA GLU A 73 16.12 -0.56 4.52
C GLU A 73 16.04 -1.35 5.80
N GLU A 74 17.20 -1.57 6.42
CA GLU A 74 17.23 -2.36 7.65
C GLU A 74 16.40 -1.75 8.80
N LEU A 75 16.57 -0.44 9.02
CA LEU A 75 15.97 0.17 10.19
C LEU A 75 14.49 0.44 9.98
N THR A 76 14.10 0.74 8.74
CA THR A 76 12.70 1.16 8.49
C THR A 76 11.80 0.09 7.93
N GLU A 77 12.38 -0.90 7.26
CA GLU A 77 11.57 -1.84 6.45
C GLU A 77 10.65 -1.18 5.41
N ILE A 78 11.00 0.01 4.99
CA ILE A 78 10.34 0.66 3.88
C ILE A 78 11.21 0.35 2.66
N PRO A 79 10.57 0.03 1.51
CA PRO A 79 11.37 -0.16 0.29
C PRO A 79 12.18 1.11 -0.03
N VAL A 80 13.47 0.96 -0.37
CA VAL A 80 14.29 2.16 -0.64
C VAL A 80 14.98 1.91 -1.97
N SER A 81 14.81 2.82 -2.90
CA SER A 81 15.60 2.69 -4.14
C SER A 81 16.48 3.91 -4.28
N VAL A 82 17.54 3.76 -5.06
CA VAL A 82 18.50 4.87 -5.21
C VAL A 82 18.63 5.15 -6.73
N GLU A 83 18.37 6.40 -7.12
CA GLU A 83 18.30 6.83 -8.52
C GLU A 83 19.31 7.91 -8.80
N LEU A 84 20.02 7.78 -9.89
CA LEU A 84 20.79 8.87 -10.42
C LEU A 84 19.83 9.86 -11.08
N ALA A 85 19.92 11.15 -10.75
CA ALA A 85 18.85 12.10 -11.22
C ALA A 85 18.63 12.09 -12.71
N SER A 86 19.70 12.09 -13.51
CA SER A 86 19.54 12.16 -14.95
C SER A 86 18.86 10.90 -15.47
N ASP A 87 19.25 9.72 -14.96
CA ASP A 87 18.68 8.45 -15.46
C ASP A 87 17.19 8.33 -15.04
N PHE A 88 16.86 8.78 -13.84
CA PHE A 88 15.46 8.80 -13.34
C PHE A 88 14.58 9.61 -14.30
N LEU A 89 15.10 10.76 -14.71
CA LEU A 89 14.42 11.62 -15.69
C LEU A 89 14.43 10.98 -17.07
N ASP A 90 15.58 10.46 -17.53
CA ASP A 90 15.60 9.75 -18.84
C ASP A 90 14.55 8.64 -18.98
N ARG A 91 14.33 7.87 -17.93
CA ARG A 91 13.32 6.79 -17.92
C ARG A 91 11.91 7.31 -17.71
N ARG A 92 11.76 8.58 -17.39
CA ARG A 92 10.46 9.14 -16.97
C ARG A 92 9.78 8.25 -15.92
N SER A 93 10.53 7.91 -14.88
CA SER A 93 10.08 6.97 -13.89
C SER A 93 8.84 7.56 -13.22
N PRO A 94 7.72 6.82 -13.24
CA PRO A 94 6.52 7.37 -12.59
C PRO A 94 6.73 7.60 -11.08
N VAL A 95 6.29 8.74 -10.56
CA VAL A 95 6.16 8.86 -9.10
C VAL A 95 4.77 9.36 -8.74
N PHE A 96 4.38 9.08 -7.50
CA PHE A 96 2.99 9.39 -7.05
C PHE A 96 2.91 9.94 -5.65
N ARG A 97 1.67 10.31 -5.25
CA ARG A 97 1.46 10.91 -3.93
C ARG A 97 2.12 10.12 -2.80
N ASP A 98 2.11 8.78 -2.92
CA ASP A 98 2.52 7.90 -1.86
C ASP A 98 4.03 7.65 -1.81
N ASP A 99 4.76 8.33 -2.67
CA ASP A 99 6.22 8.23 -2.68
C ASP A 99 6.84 9.33 -1.78
N THR A 100 7.93 8.97 -1.10
CA THR A 100 8.73 9.99 -0.38
C THR A 100 10.01 10.04 -1.19
N CYS A 101 10.29 11.20 -1.75
CA CYS A 101 11.49 11.37 -2.63
C CYS A 101 12.48 12.19 -1.86
N VAL A 102 13.69 11.65 -1.71
CA VAL A 102 14.72 12.25 -0.85
C VAL A 102 15.81 12.75 -1.75
N PHE A 103 16.08 14.06 -1.69
CA PHE A 103 17.04 14.66 -2.63
C PHE A 103 18.26 15.03 -1.88
N VAL A 104 19.42 14.54 -2.34
CA VAL A 104 20.67 14.83 -1.62
C VAL A 104 21.58 15.69 -2.56
N SER A 105 22.08 16.81 -2.04
CA SER A 105 22.87 17.72 -2.84
C SER A 105 23.66 18.60 -1.91
N GLN A 106 24.95 18.72 -2.18
CA GLN A 106 25.78 19.65 -1.44
C GLN A 106 25.32 21.08 -1.77
N SER A 107 25.29 21.42 -3.06
CA SER A 107 25.04 22.81 -3.52
C SER A 107 23.58 23.23 -3.47
N GLY A 108 22.68 22.26 -3.55
CA GLY A 108 21.24 22.54 -3.74
C GLY A 108 20.90 23.19 -5.08
N GLU A 109 21.83 23.16 -6.04
CA GLU A 109 21.62 23.85 -7.33
C GLU A 109 21.86 22.96 -8.57
N THR A 110 22.21 21.70 -8.37
CA THR A 110 22.60 20.88 -9.54
C THR A 110 21.41 20.75 -10.45
N ALA A 111 21.60 21.04 -11.76
CA ALA A 111 20.49 21.12 -12.73
C ALA A 111 19.61 19.87 -12.75
N ASP A 112 20.24 18.70 -12.91
CA ASP A 112 19.47 17.43 -12.99
C ASP A 112 18.69 17.11 -11.72
N SER A 113 19.27 17.46 -10.56
CA SER A 113 18.61 17.25 -9.25
C SER A 113 17.40 18.16 -9.09
N ILE A 114 17.58 19.43 -9.49
CA ILE A 114 16.44 20.34 -9.50
C ILE A 114 15.34 19.90 -10.47
N LEU A 115 15.70 19.48 -11.69
CA LEU A 115 14.70 19.04 -12.66
C LEU A 115 13.95 17.85 -12.08
N ALA A 116 14.71 16.95 -11.42
CA ALA A 116 14.07 15.77 -10.81
C ALA A 116 13.09 16.14 -9.65
N LEU A 117 13.50 17.08 -8.83
CA LEU A 117 12.67 17.59 -7.73
C LEU A 117 11.37 18.17 -8.32
N GLN A 118 11.50 18.94 -9.39
CA GLN A 118 10.32 19.63 -9.91
C GLN A 118 9.32 18.61 -10.48
N TYR A 119 9.87 17.60 -11.16
CA TYR A 119 9.11 16.46 -11.65
C TYR A 119 8.35 15.76 -10.53
N CYS A 120 9.01 15.50 -9.40
CA CYS A 120 8.38 14.81 -8.27
C CYS A 120 7.31 15.71 -7.62
N LEU A 121 7.61 17.00 -7.47
CA LEU A 121 6.65 17.92 -6.85
C LEU A 121 5.36 17.95 -7.67
N GLU A 122 5.49 18.00 -9.00
CA GLU A 122 4.35 18.17 -9.89
C GLU A 122 3.48 16.95 -9.87
N ARG A 123 4.08 15.82 -9.48
CA ARG A 123 3.35 14.57 -9.39
C ARG A 123 2.74 14.34 -8.05
N GLY A 124 2.99 15.28 -7.15
CA GLY A 124 2.39 15.21 -5.81
C GLY A 124 3.11 14.38 -4.74
N ALA A 125 4.35 13.95 -5.00
CA ALA A 125 5.11 13.19 -4.01
C ALA A 125 5.54 14.10 -2.88
N LEU A 126 5.88 13.50 -1.75
CA LEU A 126 6.40 14.24 -0.63
C LEU A 126 7.91 14.32 -0.90
N THR A 127 8.50 15.49 -0.68
CA THR A 127 9.91 15.66 -1.05
C THR A 127 10.72 16.08 0.20
N VAL A 128 11.97 15.56 0.34
CA VAL A 128 12.73 15.76 1.56
C VAL A 128 14.14 16.09 1.01
N GLY A 129 14.74 17.17 1.51
CA GLY A 129 16.09 17.54 1.02
C GLY A 129 17.16 17.30 2.10
N ILE A 130 18.35 16.85 1.66
CA ILE A 130 19.49 16.68 2.58
C ILE A 130 20.52 17.54 1.86
N VAL A 131 20.70 18.76 2.35
CA VAL A 131 21.38 19.78 1.51
C VAL A 131 22.40 20.53 2.36
N ASN A 132 23.49 20.96 1.77
CA ASN A 132 24.48 21.74 2.56
C ASN A 132 24.22 23.24 2.48
N SER A 133 23.95 23.74 1.29
CA SER A 133 23.75 25.17 1.07
C SER A 133 22.33 25.66 1.50
N VAL A 134 22.28 26.35 2.64
CA VAL A 134 21.00 26.82 3.22
C VAL A 134 20.28 27.82 2.32
N GLY A 135 19.00 27.59 2.05
CA GLY A 135 18.27 28.50 1.16
C GLY A 135 18.55 28.39 -0.33
N SER A 136 19.28 27.34 -0.74
CA SER A 136 19.47 27.04 -2.15
C SER A 136 18.17 26.52 -2.73
N SER A 137 18.10 26.40 -4.04
CA SER A 137 16.88 25.99 -4.73
C SER A 137 16.31 24.73 -4.11
N MET A 138 17.18 23.74 -3.90
CA MET A 138 16.71 22.43 -3.39
C MET A 138 16.27 22.50 -1.96
N SER A 139 16.92 23.37 -1.18
CA SER A 139 16.54 23.57 0.21
C SER A 139 15.16 24.23 0.28
N ARG A 140 14.96 25.29 -0.49
CA ARG A 140 13.66 25.96 -0.53
C ARG A 140 12.56 25.08 -1.05
N GLN A 141 12.83 24.36 -2.13
CA GLN A 141 11.74 23.72 -2.86
C GLN A 141 11.31 22.35 -2.34
N THR A 142 12.14 21.68 -1.54
CA THR A 142 11.71 20.45 -0.89
C THR A 142 10.72 20.84 0.20
N HIS A 143 9.82 19.94 0.54
CA HIS A 143 8.83 20.21 1.61
C HIS A 143 9.46 20.37 3.00
N CYS A 144 10.48 19.57 3.26
CA CYS A 144 11.19 19.58 4.53
C CYS A 144 12.58 18.98 4.28
N GLY A 145 13.41 18.92 5.30
CA GLY A 145 14.77 18.46 5.02
C GLY A 145 15.68 18.72 6.21
N VAL A 146 16.97 18.44 5.98
CA VAL A 146 17.99 18.57 7.00
C VAL A 146 19.10 19.34 6.32
N HIS A 147 19.57 20.44 6.91
CA HIS A 147 20.76 21.06 6.41
C HIS A 147 21.92 20.37 7.10
N ILE A 148 22.89 19.92 6.31
CA ILE A 148 23.92 19.07 6.83
C ILE A 148 24.98 19.81 7.64
N ASN A 149 25.09 21.14 7.49
CA ASN A 149 25.94 21.91 8.41
C ASN A 149 27.45 21.55 8.30
N ALA A 150 27.89 21.22 7.09
CA ALA A 150 29.29 20.89 6.87
C ALA A 150 30.16 22.14 6.71
N GLY A 151 29.52 23.30 6.53
CA GLY A 151 30.20 24.56 6.16
C GLY A 151 30.49 24.62 4.68
N PRO A 152 30.97 25.78 4.16
CA PRO A 152 31.22 25.96 2.71
C PRO A 152 32.25 25.00 2.17
N GLU A 153 32.00 24.49 0.97
CA GLU A 153 32.92 23.55 0.32
C GLU A 153 33.52 24.26 -0.90
N ILE A 154 34.82 24.51 -0.85
CA ILE A 154 35.52 25.33 -1.86
C ILE A 154 36.23 24.43 -2.88
N GLY A 155 36.74 23.28 -2.43
CA GLY A 155 37.39 22.32 -3.31
C GLY A 155 36.47 21.86 -4.43
N VAL A 156 37.06 21.44 -5.53
CA VAL A 156 36.30 21.15 -6.75
C VAL A 156 35.51 19.86 -6.59
N ALA A 157 36.04 18.92 -5.80
CA ALA A 157 35.33 17.67 -5.56
C ALA A 157 34.84 17.63 -4.11
N SER A 158 33.80 16.83 -3.88
CA SER A 158 33.19 16.80 -2.56
C SER A 158 33.94 15.86 -1.66
N THR A 159 34.37 16.38 -0.52
CA THR A 159 35.02 15.51 0.44
C THR A 159 34.20 15.52 1.72
N LYS A 160 34.23 16.62 2.44
CA LYS A 160 33.48 16.72 3.69
C LYS A 160 31.99 16.62 3.45
N ALA A 161 31.52 17.05 2.28
CA ALA A 161 30.08 16.97 2.03
C ALA A 161 29.64 15.52 1.91
N TYR A 162 30.51 14.63 1.38
CA TYR A 162 30.16 13.19 1.30
C TYR A 162 29.99 12.61 2.70
N THR A 163 31.00 12.82 3.57
CA THR A 163 30.88 12.25 4.90
C THR A 163 29.75 12.92 5.69
N SER A 164 29.53 14.22 5.50
CA SER A 164 28.47 14.85 6.28
C SER A 164 27.09 14.40 5.76
N GLN A 165 26.98 14.28 4.43
CA GLN A 165 25.67 13.77 3.84
C GLN A 165 25.36 12.37 4.35
N TYR A 166 26.37 11.50 4.34
CA TYR A 166 26.23 10.13 4.83
C TYR A 166 25.76 10.18 6.29
N ILE A 167 26.43 11.01 7.13
CA ILE A 167 25.99 11.11 8.52
C ILE A 167 24.56 11.63 8.67
N ALA A 168 24.22 12.66 7.91
CA ALA A 168 22.85 13.22 7.93
C ALA A 168 21.85 12.13 7.50
N LEU A 169 22.20 11.33 6.50
CA LEU A 169 21.28 10.28 6.03
C LEU A 169 21.10 9.18 7.11
N VAL A 170 22.19 8.83 7.79
CA VAL A 170 22.10 7.87 8.89
C VAL A 170 21.19 8.48 10.00
N MET A 171 21.35 9.76 10.31
CA MET A 171 20.48 10.36 11.36
C MET A 171 19.02 10.30 10.93
N PHE A 172 18.80 10.45 9.64
CA PHE A 172 17.43 10.43 9.09
C PHE A 172 16.85 9.03 9.23
N ALA A 173 17.65 8.01 8.88
CA ALA A 173 17.21 6.64 9.06
C ALA A 173 16.91 6.31 10.53
N LEU A 174 17.77 6.77 11.44
CA LEU A 174 17.55 6.56 12.87
C LEU A 174 16.25 7.26 13.28
N SER A 175 16.02 8.49 12.82
CA SER A 175 14.80 9.26 13.17
C SER A 175 13.55 8.49 12.72
N LEU A 176 13.61 7.91 11.52
CA LEU A 176 12.43 7.19 11.00
C LEU A 176 12.09 5.94 11.81
N SER A 177 13.10 5.35 12.45
CA SER A 177 12.92 4.08 13.12
C SER A 177 12.99 4.23 14.65
N ASN A 178 12.77 5.46 15.14
CA ASN A 178 12.95 5.73 16.57
C ASN A 178 11.79 5.20 17.44
N ASP A 179 10.77 4.60 16.82
CA ASP A 179 9.65 4.06 17.63
C ASP A 179 9.65 2.56 17.74
N SER A 180 10.70 1.93 17.26
CA SER A 180 10.79 0.51 17.23
C SER A 180 11.56 -0.07 18.43
N ILE A 181 10.87 -0.85 19.24
CA ILE A 181 11.51 -1.57 20.36
C ILE A 181 12.55 -2.53 19.84
N SER A 182 12.23 -3.32 18.81
CA SER A 182 13.21 -4.28 18.30
C SER A 182 14.49 -3.61 17.74
N ARG A 183 14.38 -2.38 17.29
CA ARG A 183 15.53 -1.60 16.73
C ARG A 183 16.39 -0.94 17.76
N LYS A 184 15.93 -0.92 19.03
CA LYS A 184 16.56 -0.07 20.01
C LYS A 184 18.05 -0.41 20.21
N GLY A 185 18.39 -1.68 20.27
CA GLY A 185 19.83 -2.06 20.43
C GLY A 185 20.69 -1.60 19.26
N ARG A 186 20.15 -1.75 18.06
CA ARG A 186 20.84 -1.37 16.83
C ARG A 186 20.99 0.16 16.80
N HIS A 187 19.94 0.90 17.17
CA HIS A 187 19.99 2.35 17.34
C HIS A 187 21.10 2.83 18.23
N GLU A 188 21.17 2.21 19.40
CA GLU A 188 22.13 2.63 20.40
C GLU A 188 23.51 2.32 19.89
N GLU A 189 23.68 1.16 19.26
CA GLU A 189 24.98 0.78 18.68
C GLU A 189 25.44 1.86 17.67
N ILE A 190 24.54 2.23 16.79
CA ILE A 190 24.91 3.22 15.72
C ILE A 190 25.20 4.59 16.30
N ILE A 191 24.40 5.02 17.28
CA ILE A 191 24.62 6.33 17.90
C ILE A 191 25.92 6.38 18.69
N LYS A 192 26.24 5.32 19.44
CA LYS A 192 27.53 5.28 20.19
C LYS A 192 28.69 5.28 19.16
N GLY A 193 28.49 4.56 18.06
CA GLY A 193 29.47 4.55 16.92
C GLY A 193 29.66 5.95 16.36
N LEU A 194 28.57 6.65 16.08
CA LEU A 194 28.63 7.99 15.50
C LEU A 194 29.40 8.93 16.42
N GLN A 195 29.27 8.73 17.71
CA GLN A 195 29.97 9.62 18.66
C GLN A 195 31.49 9.60 18.47
N LYS A 196 32.01 8.42 18.14
CA LYS A 196 33.44 8.17 18.02
C LYS A 196 33.99 8.47 16.63
N ILE A 197 33.10 8.72 15.66
CA ILE A 197 33.54 8.99 14.26
C ILE A 197 34.53 10.16 14.12
N PRO A 198 34.26 11.33 14.73
CA PRO A 198 35.20 12.44 14.53
C PRO A 198 36.64 12.12 14.96
N GLU A 199 36.81 11.52 16.14
CA GLU A 199 38.12 11.05 16.60
C GLU A 199 38.71 9.93 15.77
N GLN A 200 37.87 9.01 15.29
CA GLN A 200 38.37 8.00 14.37
C GLN A 200 38.85 8.58 13.02
N ILE A 201 38.16 9.63 12.55
CA ILE A 201 38.56 10.31 11.31
C ILE A 201 39.94 10.96 11.54
N LYS A 202 40.11 11.62 12.70
CA LYS A 202 41.44 12.14 13.08
C LYS A 202 42.52 11.04 12.98
N GLN A 203 42.21 9.86 13.49
CA GLN A 203 43.14 8.70 13.42
C GLN A 203 43.43 8.24 12.02
N VAL A 204 42.38 8.14 11.18
CA VAL A 204 42.59 7.69 9.82
C VAL A 204 43.47 8.70 9.03
N LEU A 205 43.35 9.99 9.33
CA LEU A 205 44.12 11.06 8.62
C LEU A 205 45.65 10.87 8.81
N LYS A 206 45.99 10.12 9.84
CA LYS A 206 47.40 9.78 10.12
C LYS A 206 47.95 8.75 9.16
N LEU A 207 47.10 8.19 8.29
CA LEU A 207 47.60 7.39 7.16
C LEU A 207 48.26 8.23 6.07
N GLU A 208 48.25 9.57 6.18
CA GLU A 208 48.65 10.39 5.05
C GLU A 208 50.08 10.06 4.61
N ASN A 209 50.99 9.93 5.57
CA ASN A 209 52.38 9.65 5.12
C ASN A 209 52.55 8.32 4.37
N LYS A 210 51.89 7.27 4.85
CA LYS A 210 51.88 6.00 4.14
C LYS A 210 51.31 6.19 2.72
N ILE A 211 50.26 6.99 2.61
CA ILE A 211 49.61 7.22 1.32
C ILE A 211 50.51 8.09 0.43
N LYS A 212 51.20 9.07 1.00
CA LYS A 212 52.21 9.81 0.24
C LYS A 212 53.30 8.90 -0.33
N ASP A 213 53.77 7.95 0.48
CA ASP A 213 54.81 6.99 0.01
C ASP A 213 54.27 6.16 -1.16
N LEU A 214 53.03 5.69 -1.00
CA LEU A 214 52.36 4.93 -2.07
C LEU A 214 52.21 5.76 -3.33
N CYS A 215 51.83 7.03 -3.20
CA CYS A 215 51.62 7.91 -4.35
C CYS A 215 52.94 8.41 -4.99
N ASN A 216 54.05 8.27 -4.28
CA ASN A 216 55.36 8.62 -4.89
C ASN A 216 55.84 7.47 -5.75
N SER A 217 55.33 6.27 -5.51
CA SER A 217 55.73 5.10 -6.29
C SER A 217 55.22 5.16 -7.75
N SER A 218 55.52 4.11 -8.52
CA SER A 218 55.05 4.00 -9.91
C SER A 218 53.50 3.99 -10.02
N LEU A 219 52.80 3.83 -8.88
CA LEU A 219 51.33 4.06 -8.84
C LEU A 219 50.93 5.36 -9.54
N ASN A 220 51.71 6.43 -9.36
CA ASN A 220 51.35 7.69 -9.98
C ASN A 220 51.53 7.79 -11.51
N ASP A 221 52.13 6.75 -12.09
CA ASP A 221 52.36 6.64 -13.55
C ASP A 221 51.36 5.69 -14.21
N GLN A 222 50.47 5.09 -13.43
CA GLN A 222 49.54 4.07 -13.98
C GLN A 222 48.43 4.71 -14.81
N LYS A 223 47.82 3.94 -15.72
CA LYS A 223 46.77 4.52 -16.56
C LYS A 223 45.39 4.21 -15.99
N SER A 224 45.29 3.19 -15.15
CA SER A 224 44.01 2.75 -14.58
C SER A 224 44.21 2.23 -13.14
N LEU A 225 43.22 2.43 -12.28
CA LEU A 225 43.25 1.91 -10.93
C LEU A 225 41.89 1.30 -10.62
N LEU A 226 41.85 0.03 -10.28
CA LEU A 226 40.58 -0.66 -10.02
C LEU A 226 40.32 -0.73 -8.54
N LEU A 227 39.06 -0.53 -8.13
CA LEU A 227 38.73 -0.57 -6.72
C LEU A 227 37.71 -1.63 -6.56
N LEU A 228 37.98 -2.57 -5.65
CA LEU A 228 37.10 -3.73 -5.46
C LEU A 228 36.36 -3.65 -4.12
N GLY A 229 35.04 -3.75 -4.15
CA GLY A 229 34.29 -3.69 -2.88
C GLY A 229 32.97 -4.38 -3.05
N ARG A 230 32.31 -4.65 -1.94
CA ARG A 230 31.02 -5.33 -1.98
C ARG A 230 30.21 -4.86 -0.77
N GLY A 231 28.88 -5.06 -0.78
CA GLY A 231 28.06 -4.69 0.36
C GLY A 231 28.18 -3.21 0.71
N TYR A 232 28.39 -2.92 2.00
CA TYR A 232 28.47 -1.54 2.45
C TYR A 232 29.56 -0.79 1.68
N GLN A 233 30.63 -1.51 1.33
CA GLN A 233 31.81 -0.85 0.71
C GLN A 233 31.75 -0.71 -0.80
N PHE A 234 30.67 -1.19 -1.44
CA PHE A 234 30.60 -0.95 -2.87
C PHE A 234 30.47 0.55 -3.16
N ALA A 235 29.66 1.29 -2.37
CA ALA A 235 29.57 2.74 -2.57
C ALA A 235 30.94 3.39 -2.47
N THR A 236 31.72 2.94 -1.49
CA THR A 236 33.05 3.50 -1.25
C THR A 236 33.94 3.26 -2.47
N ALA A 237 33.82 2.08 -3.07
CA ALA A 237 34.56 1.79 -4.32
C ALA A 237 34.14 2.75 -5.43
N LEU A 238 32.85 3.00 -5.60
CA LEU A 238 32.41 3.92 -6.63
C LEU A 238 32.86 5.35 -6.39
N GLU A 239 32.83 5.75 -5.13
CA GLU A 239 33.18 7.11 -4.78
C GLU A 239 34.71 7.27 -4.89
N GLY A 240 35.47 6.25 -4.48
CA GLY A 240 36.95 6.30 -4.74
C GLY A 240 37.29 6.43 -6.23
N ALA A 241 36.63 5.62 -7.06
CA ALA A 241 36.78 5.73 -8.50
C ALA A 241 36.47 7.10 -9.04
N LEU A 242 35.38 7.70 -8.61
CA LEU A 242 35.01 9.00 -9.06
C LEU A 242 36.07 10.01 -8.67
N LYS A 243 36.57 9.90 -7.45
CA LYS A 243 37.60 10.88 -6.97
C LYS A 243 38.87 10.77 -7.84
N ILE A 244 39.30 9.56 -8.13
CA ILE A 244 40.54 9.34 -8.90
C ILE A 244 40.36 9.93 -10.32
N LYS A 245 39.22 9.68 -10.94
CA LYS A 245 38.90 10.28 -12.22
C LYS A 245 38.84 11.81 -12.20
N GLU A 246 38.11 12.36 -11.24
CA GLU A 246 37.82 13.78 -11.23
C GLU A 246 38.99 14.63 -10.73
N ILE A 247 39.83 14.07 -9.87
CA ILE A 247 40.88 14.82 -9.20
C ILE A 247 42.28 14.46 -9.77
N SER A 248 42.52 13.17 -9.95
CA SER A 248 43.85 12.66 -10.33
C SER A 248 43.99 12.49 -11.83
N TYR A 249 42.87 12.56 -12.56
CA TYR A 249 42.83 12.36 -14.01
C TYR A 249 43.47 11.02 -14.38
N MET A 250 43.06 9.99 -13.66
CA MET A 250 43.48 8.67 -13.97
C MET A 250 42.18 7.90 -14.11
N HIS A 251 42.09 7.03 -15.09
CA HIS A 251 40.90 6.19 -15.16
C HIS A 251 40.82 5.33 -13.91
N SER A 252 39.59 5.12 -13.43
CA SER A 252 39.39 4.24 -12.31
C SER A 252 37.98 3.64 -12.42
N GLU A 253 37.81 2.45 -11.89
CA GLU A 253 36.50 1.78 -11.91
C GLU A 253 36.27 1.11 -10.57
N GLY A 254 35.05 1.28 -10.03
CA GLY A 254 34.67 0.56 -8.85
C GLY A 254 33.98 -0.70 -9.31
N VAL A 255 34.49 -1.83 -8.87
CA VAL A 255 34.08 -3.15 -9.33
C VAL A 255 33.43 -3.90 -8.16
N LEU A 256 32.34 -4.60 -8.42
CA LEU A 256 31.73 -5.41 -7.39
C LEU A 256 32.56 -6.68 -7.26
N ALA A 257 33.21 -6.81 -6.12
CA ALA A 257 34.26 -7.81 -5.90
C ALA A 257 33.77 -9.24 -6.11
N GLY A 258 34.44 -9.90 -7.05
CA GLY A 258 34.25 -11.32 -7.27
C GLY A 258 32.93 -11.64 -7.94
N GLU A 259 32.31 -10.64 -8.54
CA GLU A 259 31.05 -10.86 -9.21
C GLU A 259 31.32 -11.59 -10.52
N LEU A 260 32.31 -11.11 -11.27
CA LEU A 260 32.69 -11.81 -12.49
C LEU A 260 33.58 -13.02 -12.23
N LEU A 272 48.29 -3.14 -13.56
CA LEU A 272 47.01 -2.59 -13.07
C LEU A 272 46.93 -2.60 -11.54
N PRO A 273 47.02 -1.42 -10.93
CA PRO A 273 46.90 -1.34 -9.46
C PRO A 273 45.46 -1.65 -9.02
N ILE A 274 45.32 -2.33 -7.88
CA ILE A 274 44.00 -2.73 -7.36
C ILE A 274 43.94 -2.29 -5.91
N ILE A 275 42.88 -1.58 -5.53
CA ILE A 275 42.61 -1.28 -4.10
C ILE A 275 41.42 -2.16 -3.71
N ALA A 276 41.53 -2.87 -2.59
CA ALA A 276 40.46 -3.72 -2.17
C ALA A 276 39.98 -3.28 -0.79
N PHE A 277 38.65 -3.15 -0.63
CA PHE A 277 38.10 -2.89 0.71
C PHE A 277 37.83 -4.21 1.40
N ALA A 278 38.51 -4.45 2.52
CA ALA A 278 38.40 -5.75 3.19
C ALA A 278 38.18 -5.52 4.67
N THR A 279 37.56 -4.40 5.03
CA THR A 279 37.12 -4.22 6.40
C THR A 279 36.03 -5.22 6.75
N ARG A 280 35.91 -5.50 8.05
CA ARG A 280 35.11 -6.64 8.50
C ARG A 280 33.65 -6.60 8.09
N ASP A 281 33.13 -5.38 7.97
CA ASP A 281 31.72 -5.15 7.62
C ASP A 281 31.37 -5.70 6.25
N SER A 282 32.39 -5.78 5.38
CA SER A 282 32.18 -6.16 3.96
C SER A 282 33.20 -7.22 3.51
N LEU A 283 33.67 -8.01 4.47
CA LEU A 283 34.61 -9.10 4.17
C LEU A 283 33.88 -10.38 3.76
N PHE A 284 33.29 -10.37 2.57
CA PHE A 284 32.50 -11.52 2.11
C PHE A 284 33.42 -12.52 1.47
N PRO A 285 32.98 -13.80 1.37
CA PRO A 285 33.70 -14.82 0.58
C PRO A 285 34.11 -14.32 -0.81
N LYS A 286 33.20 -13.65 -1.52
CA LYS A 286 33.54 -13.18 -2.86
C LYS A 286 34.66 -12.17 -2.85
N VAL A 287 34.76 -11.36 -1.78
CA VAL A 287 35.87 -10.41 -1.67
C VAL A 287 37.19 -11.19 -1.49
N MET A 288 37.17 -12.17 -0.62
CA MET A 288 38.40 -12.99 -0.38
C MET A 288 38.83 -13.68 -1.66
N SER A 289 37.86 -14.23 -2.39
CA SER A 289 38.12 -14.88 -3.69
C SER A 289 38.75 -13.97 -4.72
N ALA A 290 38.20 -12.77 -4.84
CA ALA A 290 38.76 -11.73 -5.70
C ALA A 290 40.17 -11.43 -5.29
N ILE A 291 40.40 -11.29 -3.99
CA ILE A 291 41.72 -10.91 -3.50
C ILE A 291 42.72 -12.07 -3.79
N GLU A 292 42.28 -13.30 -3.55
CA GLU A 292 43.09 -14.52 -3.85
C GLU A 292 43.46 -14.55 -5.33
N GLN A 293 42.49 -14.31 -6.22
CA GLN A 293 42.79 -14.26 -7.66
C GLN A 293 43.89 -13.28 -8.00
N VAL A 294 43.86 -12.10 -7.38
CA VAL A 294 44.86 -11.09 -7.63
C VAL A 294 46.23 -11.54 -7.11
N THR A 295 46.29 -12.04 -5.87
CA THR A 295 47.60 -12.41 -5.28
C THR A 295 48.22 -13.61 -6.00
N ALA A 296 47.39 -14.49 -6.51
CA ALA A 296 47.83 -15.70 -7.24
C ALA A 296 48.60 -15.35 -8.50
N ARG A 297 48.22 -14.24 -9.16
CA ARG A 297 48.95 -13.69 -10.30
C ARG A 297 49.98 -12.65 -9.84
N ASP A 298 50.40 -12.73 -8.58
CA ASP A 298 51.26 -11.71 -7.93
C ASP A 298 50.90 -10.25 -8.24
N GLY A 299 49.60 -9.93 -8.18
CA GLY A 299 49.13 -8.56 -8.41
C GLY A 299 49.47 -7.45 -7.42
N ARG A 300 49.88 -7.76 -6.18
CA ARG A 300 50.27 -6.67 -5.21
C ARG A 300 49.16 -5.63 -4.89
N PRO A 301 48.04 -6.14 -4.40
CA PRO A 301 46.91 -5.27 -4.09
C PRO A 301 47.17 -4.37 -2.89
N ILE A 302 46.49 -3.24 -2.89
CA ILE A 302 46.49 -2.32 -1.77
C ILE A 302 45.24 -2.66 -1.02
N VAL A 303 45.34 -2.94 0.29
CA VAL A 303 44.21 -3.50 1.02
C VAL A 303 43.82 -2.52 2.12
N ILE A 304 42.54 -2.12 2.13
CA ILE A 304 42.05 -1.24 3.21
C ILE A 304 41.34 -2.19 4.15
N CYS A 305 41.85 -2.32 5.38
CA CYS A 305 41.30 -3.34 6.27
C CYS A 305 41.31 -2.78 7.70
N ASN A 306 40.66 -3.48 8.62
CA ASN A 306 40.66 -2.96 10.00
C ASN A 306 41.99 -3.16 10.71
N GLU A 307 42.35 -2.22 11.59
CA GLU A 307 43.53 -2.33 12.46
C GLU A 307 43.73 -3.73 13.00
N GLY A 308 44.93 -4.28 12.69
CA GLY A 308 45.36 -5.56 13.19
C GLY A 308 44.99 -6.78 12.36
N ASP A 309 44.10 -6.63 11.37
CA ASP A 309 43.69 -7.76 10.51
C ASP A 309 44.73 -8.06 9.43
N ALA A 310 45.00 -9.35 9.23
CA ALA A 310 45.84 -9.82 8.12
C ALA A 310 44.97 -10.52 7.09
N ILE A 311 44.67 -9.80 6.02
CA ILE A 311 43.77 -10.27 4.99
C ILE A 311 44.56 -11.12 3.99
N ILE A 312 45.83 -10.74 3.81
CA ILE A 312 46.80 -11.42 2.95
C ILE A 312 48.06 -11.80 3.76
N SER A 313 48.56 -13.00 3.52
CA SER A 313 49.90 -13.40 3.95
C SER A 313 50.97 -12.73 3.11
N VAL A 317 53.30 -10.08 -1.47
CA VAL A 317 53.57 -8.64 -1.46
C VAL A 317 52.24 -7.89 -1.67
N HIS A 318 52.02 -6.92 -0.79
CA HIS A 318 50.80 -6.10 -0.79
C HIS A 318 51.06 -4.91 0.11
N THR A 319 50.21 -3.90 -0.01
CA THR A 319 50.27 -2.73 0.82
C THR A 319 49.00 -2.76 1.68
N THR A 320 49.14 -2.43 2.95
CA THR A 320 48.00 -2.42 3.87
C THR A 320 47.76 -0.99 4.38
N LEU A 321 46.49 -0.56 4.35
CA LEU A 321 46.14 0.72 4.93
C LEU A 321 45.13 0.38 6.02
N GLU A 322 45.53 0.48 7.27
CA GLU A 322 44.62 0.03 8.34
C GLU A 322 43.74 1.13 8.85
N VAL A 323 42.46 0.82 9.10
CA VAL A 323 41.53 1.84 9.59
C VAL A 323 40.81 1.30 10.85
N PRO A 324 40.37 2.20 11.76
CA PRO A 324 39.69 1.78 12.97
C PRO A 324 38.41 1.05 12.60
N GLU A 325 38.02 0.11 13.44
CA GLU A 325 36.81 -0.64 13.21
C GLU A 325 35.68 0.20 13.82
N THR A 326 34.61 0.40 13.04
CA THR A 326 33.46 1.10 13.55
C THR A 326 32.26 0.21 13.32
N VAL A 327 31.07 0.72 13.63
CA VAL A 327 29.84 -0.06 13.39
C VAL A 327 29.78 -0.38 11.89
N ASP A 328 29.34 -1.58 11.50
CA ASP A 328 29.33 -1.91 10.08
C ASP A 328 28.82 -0.82 9.14
N CYS A 329 27.62 -0.29 9.39
CA CYS A 329 27.02 0.70 8.48
C CYS A 329 27.73 2.08 8.50
N LEU A 330 28.67 2.27 9.43
CA LEU A 330 29.41 3.54 9.51
C LEU A 330 30.85 3.38 8.94
N GLN A 331 31.26 2.15 8.61
CA GLN A 331 32.66 1.90 8.18
C GLN A 331 33.02 2.71 6.94
N GLY A 332 32.05 2.91 6.04
CA GLY A 332 32.31 3.71 4.85
C GLY A 332 32.77 5.13 5.14
N LEU A 333 32.41 5.68 6.31
CA LEU A 333 32.82 7.04 6.64
C LEU A 333 34.33 7.08 6.86
N LEU A 334 34.89 5.99 7.39
CA LEU A 334 36.36 5.95 7.63
C LEU A 334 37.04 5.44 6.37
N ASN A 335 36.45 4.47 5.66
CA ASN A 335 37.12 3.92 4.47
C ASN A 335 37.31 4.88 3.30
N VAL A 336 36.47 5.90 3.22
CA VAL A 336 36.53 6.79 2.07
C VAL A 336 37.72 7.72 2.24
N ILE A 337 38.13 7.92 3.49
CA ILE A 337 39.12 8.95 3.76
C ILE A 337 40.48 8.62 3.07
N PRO A 338 40.99 7.38 3.18
CA PRO A 338 42.25 7.10 2.40
C PRO A 338 42.09 7.32 0.92
N LEU A 339 40.92 7.06 0.33
CA LEU A 339 40.69 7.33 -1.08
C LEU A 339 40.71 8.81 -1.43
N GLN A 340 40.14 9.64 -0.56
CA GLN A 340 40.23 11.06 -0.71
C GLN A 340 41.72 11.46 -0.75
N LEU A 341 42.49 10.90 0.19
CA LEU A 341 43.93 11.30 0.33
C LEU A 341 44.74 10.76 -0.86
N ILE A 342 44.44 9.55 -1.27
CA ILE A 342 45.10 9.00 -2.48
C ILE A 342 44.77 9.84 -3.71
N SER A 343 43.50 10.23 -3.92
CA SER A 343 43.19 10.96 -5.14
C SER A 343 43.91 12.32 -5.11
N TYR A 344 44.01 12.90 -3.92
CA TYR A 344 44.64 14.20 -3.73
C TYR A 344 46.16 14.10 -4.02
N TRP A 345 46.83 13.17 -3.36
CA TRP A 345 48.30 13.03 -3.57
C TRP A 345 48.70 12.51 -4.95
N LEU A 346 47.89 11.63 -5.53
CA LEU A 346 48.12 11.25 -6.93
C LEU A 346 48.14 12.48 -7.83
N ALA A 347 47.21 13.41 -7.59
CA ALA A 347 47.08 14.61 -8.38
C ALA A 347 48.32 15.49 -8.20
N VAL A 348 48.69 15.71 -6.95
CA VAL A 348 49.93 16.47 -6.62
C VAL A 348 51.16 15.84 -7.28
N ASN A 349 51.31 14.53 -7.21
CA ASN A 349 52.46 13.84 -7.80
C ASN A 349 52.47 13.97 -9.33
N ARG A 350 51.28 14.11 -9.92
CA ARG A 350 51.10 14.25 -11.38
C ARG A 350 51.07 15.73 -11.80
N GLY A 351 51.37 16.61 -10.86
CA GLY A 351 51.46 18.05 -11.14
C GLY A 351 50.14 18.73 -11.44
N ILE A 352 49.03 18.19 -10.96
CA ILE A 352 47.71 18.77 -11.20
C ILE A 352 47.32 19.71 -10.05
N ASP A 353 46.83 20.91 -10.37
CA ASP A 353 46.35 21.81 -9.31
C ASP A 353 44.92 21.44 -8.98
N VAL A 354 44.70 20.77 -7.85
CA VAL A 354 43.36 20.25 -7.49
C VAL A 354 42.30 21.31 -7.24
N ASP A 355 42.73 22.55 -7.00
CA ASP A 355 41.78 23.63 -6.73
C ASP A 355 41.47 24.38 -8.02
N PRO B 4 27.31 -25.81 -40.15
CA PRO B 4 27.87 -24.71 -40.94
C PRO B 4 28.64 -23.73 -40.07
N TYR B 5 28.33 -23.71 -38.77
CA TYR B 5 28.88 -22.71 -37.87
C TYR B 5 30.15 -23.20 -37.18
N LYS B 6 31.11 -22.31 -37.04
CA LYS B 6 32.36 -22.61 -36.36
C LYS B 6 32.13 -23.02 -34.90
N HIS B 7 31.16 -22.39 -34.24
CA HIS B 7 30.95 -22.59 -32.82
C HIS B 7 29.48 -22.54 -32.49
N PHE B 8 29.10 -23.13 -31.37
CA PHE B 8 27.72 -23.08 -30.90
C PHE B 8 27.30 -21.63 -30.64
N MET B 9 28.22 -20.81 -30.13
CA MET B 9 27.92 -19.40 -29.90
C MET B 9 27.53 -18.69 -31.20
N GLN B 10 28.32 -18.87 -32.27
CA GLN B 10 27.97 -18.27 -33.58
C GLN B 10 26.62 -18.76 -34.05
N LYS B 11 26.37 -20.06 -33.88
CA LYS B 11 25.08 -20.65 -34.24
C LYS B 11 23.94 -19.99 -33.44
N GLU B 12 24.16 -19.82 -32.14
CA GLU B 12 23.13 -19.25 -31.25
C GLU B 12 22.84 -17.78 -31.57
N ILE B 13 23.86 -17.01 -31.91
CA ILE B 13 23.65 -15.61 -32.34
C ILE B 13 22.81 -15.60 -33.60
N PHE B 14 23.19 -16.44 -34.56
CA PHE B 14 22.50 -16.49 -35.85
C PHE B 14 21.13 -17.13 -35.76
N GLU B 15 20.89 -17.87 -34.69
CA GLU B 15 19.62 -18.50 -34.45
C GLU B 15 18.57 -17.51 -33.93
N GLN B 16 18.98 -16.28 -33.61
CA GLN B 16 18.03 -15.34 -32.94
C GLN B 16 16.72 -14.97 -33.66
N PRO B 17 16.71 -14.89 -35.02
CA PRO B 17 15.41 -14.67 -35.67
C PRO B 17 14.46 -15.78 -35.23
N ASP B 18 14.97 -17.01 -35.17
CA ASP B 18 14.13 -18.13 -34.83
C ASP B 18 13.79 -18.21 -33.35
N SER B 19 14.77 -17.96 -32.48
CA SER B 19 14.47 -18.00 -31.04
C SER B 19 13.53 -16.86 -30.64
N ALA B 20 13.68 -15.68 -31.23
CA ALA B 20 12.75 -14.58 -30.91
C ALA B 20 11.32 -14.97 -31.29
N PHE B 21 11.17 -15.55 -32.49
CA PHE B 21 9.85 -16.02 -32.94
C PHE B 21 9.31 -17.13 -31.98
N ASN B 22 10.18 -18.05 -31.59
CA ASN B 22 9.81 -19.18 -30.72
C ASN B 22 9.32 -18.71 -29.35
N THR B 23 9.97 -17.67 -28.80
CA THR B 23 9.56 -17.05 -27.52
C THR B 23 8.13 -16.50 -27.62
N MET B 24 7.77 -15.97 -28.79
CA MET B 24 6.48 -15.34 -28.99
C MET B 24 5.44 -16.32 -29.45
N ARG B 25 5.87 -17.44 -29.99
CA ARG B 25 4.96 -18.39 -30.63
C ARG B 25 3.85 -18.80 -29.67
N GLY B 26 2.60 -18.68 -30.13
CA GLY B 26 1.46 -19.14 -29.33
C GLY B 26 1.07 -18.18 -28.25
N ARG B 27 1.81 -17.07 -28.13
CA ARG B 27 1.64 -16.14 -27.06
C ARG B 27 1.15 -14.77 -27.49
N ILE B 28 1.37 -14.42 -28.74
CA ILE B 28 0.95 -13.12 -29.23
C ILE B 28 0.05 -13.32 -30.45
N ASP B 29 -1.14 -12.75 -30.39
CA ASP B 29 -2.03 -12.65 -31.54
C ASP B 29 -1.72 -11.30 -32.12
N PHE B 30 -0.96 -11.28 -33.22
CA PHE B 30 -0.52 -10.01 -33.82
C PHE B 30 -1.66 -9.25 -34.50
N GLU B 31 -2.65 -9.98 -34.99
CA GLU B 31 -3.86 -9.39 -35.63
C GLU B 31 -4.72 -8.57 -34.67
N ASN B 32 -5.08 -9.16 -33.53
CA ASN B 32 -5.90 -8.52 -32.53
C ASN B 32 -5.11 -7.88 -31.39
N CYS B 33 -3.78 -8.02 -31.45
CA CYS B 33 -2.89 -7.44 -30.44
C CYS B 33 -3.26 -7.91 -29.04
N VAL B 34 -3.19 -9.22 -28.84
CA VAL B 34 -3.43 -9.81 -27.51
C VAL B 34 -2.24 -10.69 -27.14
N VAL B 35 -1.70 -10.45 -25.97
CA VAL B 35 -0.71 -11.32 -25.38
C VAL B 35 -1.34 -12.28 -24.39
N THR B 36 -1.01 -13.54 -24.52
CA THR B 36 -1.46 -14.56 -23.60
C THR B 36 -0.31 -15.42 -23.14
N LEU B 37 0.04 -15.26 -21.88
CA LEU B 37 1.09 -16.09 -21.23
C LEU B 37 0.46 -17.15 -20.29
N GLY B 38 0.39 -18.39 -20.77
CA GLY B 38 -0.43 -19.40 -20.08
C GLY B 38 0.08 -19.67 -18.69
N GLY B 39 1.40 -19.61 -18.52
CA GLY B 39 2.02 -19.84 -17.22
C GLY B 39 1.66 -18.84 -16.13
N LEU B 40 1.17 -17.67 -16.51
CA LEU B 40 0.87 -16.63 -15.56
C LEU B 40 -0.63 -16.47 -15.41
N LYS B 41 -1.34 -17.42 -16.04
CA LYS B 41 -2.82 -17.49 -16.16
C LYS B 41 -3.59 -16.94 -14.98
N SER B 42 -3.74 -17.76 -13.95
CA SER B 42 -4.58 -17.38 -12.84
C SER B 42 -3.86 -16.39 -11.87
N TRP B 43 -2.76 -15.79 -12.32
CA TRP B 43 -1.89 -15.06 -11.37
C TRP B 43 -1.78 -13.56 -11.59
N LEU B 44 -2.16 -13.10 -12.80
CA LEU B 44 -1.98 -11.68 -13.17
C LEU B 44 -2.66 -10.70 -12.25
N SER B 45 -3.94 -10.98 -11.89
CA SER B 45 -4.63 -10.04 -11.00
C SER B 45 -3.93 -9.98 -9.66
N THR B 46 -3.31 -11.07 -9.24
CA THR B 46 -2.56 -11.06 -7.98
C THR B 46 -1.25 -10.32 -8.16
N ILE B 47 -0.49 -10.70 -9.19
CA ILE B 47 0.80 -10.00 -9.42
C ILE B 47 0.65 -8.48 -9.39
N ARG B 48 -0.30 -7.91 -10.11
CA ARG B 48 -0.51 -6.45 -10.04
C ARG B 48 -0.73 -5.90 -8.61
N ARG B 49 -1.59 -6.54 -7.85
CA ARG B 49 -1.86 -6.16 -6.43
C ARG B 49 -0.63 -6.37 -5.53
N CYS B 50 0.43 -5.63 -5.78
CA CYS B 50 1.61 -5.74 -4.94
C CYS B 50 2.09 -4.36 -4.70
N ARG B 51 2.88 -4.16 -3.64
CA ARG B 51 3.49 -2.88 -3.29
C ARG B 51 4.45 -2.50 -4.45
N ARG B 52 5.09 -3.52 -5.01
CA ARG B 52 6.23 -3.27 -5.88
C ARG B 52 6.73 -4.58 -6.52
N ILE B 53 7.46 -4.45 -7.65
CA ILE B 53 8.03 -5.60 -8.38
C ILE B 53 9.52 -5.53 -8.15
N ILE B 54 10.13 -6.65 -7.78
CA ILE B 54 11.59 -6.65 -7.58
C ILE B 54 12.13 -7.66 -8.62
N MET B 55 12.93 -7.18 -9.57
CA MET B 55 13.53 -8.10 -10.58
C MET B 55 14.87 -8.51 -10.07
N ILE B 56 15.12 -9.83 -9.97
CA ILE B 56 16.37 -10.30 -9.33
C ILE B 56 17.08 -11.26 -10.28
N ALA B 57 18.36 -11.02 -10.56
CA ALA B 57 19.04 -11.91 -11.50
C ALA B 57 20.55 -11.67 -11.46
N CYS B 58 21.29 -12.47 -12.23
CA CYS B 58 22.76 -12.37 -12.29
C CYS B 58 23.16 -12.13 -13.74
N GLY B 59 24.35 -11.53 -13.94
CA GLY B 59 24.98 -11.44 -15.28
C GLY B 59 24.10 -10.89 -16.40
N THR B 60 24.05 -11.60 -17.53
CA THR B 60 23.30 -11.14 -18.70
C THR B 60 21.79 -11.12 -18.37
N SER B 61 21.35 -12.03 -17.49
CA SER B 61 19.94 -12.04 -17.10
C SER B 61 19.56 -10.77 -16.32
N TYR B 62 20.49 -10.28 -15.52
CA TYR B 62 20.33 -8.96 -14.84
C TYR B 62 20.26 -7.84 -15.87
N HIS B 63 21.08 -7.89 -16.92
CA HIS B 63 20.97 -6.86 -17.93
C HIS B 63 19.58 -6.87 -18.65
N SER B 64 19.00 -8.07 -18.84
CA SER B 64 17.67 -8.13 -19.51
C SER B 64 16.64 -7.45 -18.63
N CYS B 65 16.87 -7.47 -17.30
CA CYS B 65 15.98 -6.75 -16.36
C CYS B 65 16.20 -5.27 -16.50
N LEU B 66 17.46 -4.83 -16.48
CA LEU B 66 17.70 -3.40 -16.75
C LEU B 66 17.10 -2.90 -18.06
N ALA B 67 17.19 -3.73 -19.09
CA ALA B 67 16.71 -3.39 -20.43
C ALA B 67 15.21 -3.21 -20.56
N THR B 68 14.46 -3.78 -19.61
CA THR B 68 12.99 -3.77 -19.64
C THR B 68 12.38 -3.05 -18.44
N ARG B 69 13.20 -2.55 -17.52
CA ARG B 69 12.66 -1.89 -16.31
C ARG B 69 11.71 -0.73 -16.69
N SER B 70 12.15 0.10 -17.64
CA SER B 70 11.45 1.34 -17.98
C SER B 70 10.08 0.98 -18.52
N ILE B 71 10.02 0.01 -19.41
CA ILE B 71 8.72 -0.33 -19.99
C ILE B 71 7.79 -0.98 -18.96
N PHE B 72 8.33 -1.77 -18.02
CA PHE B 72 7.48 -2.27 -16.91
C PHE B 72 6.93 -1.10 -16.14
N GLU B 73 7.79 -0.13 -15.80
CA GLU B 73 7.34 1.06 -15.07
C GLU B 73 6.29 1.84 -15.83
N GLU B 74 6.56 2.04 -17.11
CA GLU B 74 5.69 2.84 -17.97
C GLU B 74 4.27 2.23 -18.09
N LEU B 75 4.23 0.94 -18.40
CA LEU B 75 2.99 0.25 -18.70
C LEU B 75 2.17 -0.03 -17.46
N THR B 76 2.84 -0.35 -16.34
CA THR B 76 2.11 -0.77 -15.11
C THR B 76 1.92 0.24 -14.04
N GLU B 77 2.77 1.26 -14.02
CA GLU B 77 2.83 2.18 -12.89
C GLU B 77 2.98 1.49 -11.51
N ILE B 78 3.53 0.29 -11.51
CA ILE B 78 3.95 -0.34 -10.27
C ILE B 78 5.44 0.03 -10.12
N PRO B 79 5.90 0.35 -8.90
CA PRO B 79 7.35 0.51 -8.74
C PRO B 79 8.11 -0.78 -9.13
N VAL B 80 9.22 -0.63 -9.86
CA VAL B 80 10.04 -1.78 -10.28
C VAL B 80 11.45 -1.49 -9.89
N SER B 81 12.06 -2.40 -9.16
CA SER B 81 13.46 -2.19 -8.90
C SER B 81 14.22 -3.36 -9.50
N VAL B 82 15.51 -3.16 -9.80
CA VAL B 82 16.29 -4.27 -10.38
C VAL B 82 17.48 -4.53 -9.49
N GLU B 83 17.65 -5.80 -9.06
CA GLU B 83 18.65 -6.17 -8.10
C GLU B 83 19.55 -7.20 -8.74
N LEU B 84 20.82 -7.08 -8.47
CA LEU B 84 21.76 -8.18 -8.78
C LEU B 84 21.60 -9.16 -7.63
N ALA B 85 21.42 -10.46 -7.92
CA ALA B 85 21.12 -11.41 -6.87
C ALA B 85 22.10 -11.42 -5.68
N SER B 86 23.41 -11.38 -5.95
CA SER B 86 24.37 -11.44 -4.88
C SER B 86 24.34 -10.18 -4.03
N ASP B 87 24.14 -9.02 -4.65
CA ASP B 87 24.10 -7.79 -3.85
C ASP B 87 22.80 -7.72 -3.01
N PHE B 88 21.70 -8.19 -3.57
CA PHE B 88 20.42 -8.25 -2.84
C PHE B 88 20.64 -9.05 -1.55
N LEU B 89 21.32 -10.21 -1.67
CA LEU B 89 21.63 -11.06 -0.51
C LEU B 89 22.60 -10.37 0.45
N ASP B 90 23.68 -9.81 -0.10
CA ASP B 90 24.66 -9.06 0.75
C ASP B 90 24.01 -7.98 1.63
N ARG B 91 23.05 -7.27 1.06
CA ARG B 91 22.31 -6.21 1.77
C ARG B 91 21.21 -6.74 2.69
N ARG B 92 20.93 -8.03 2.63
CA ARG B 92 19.79 -8.60 3.37
C ARG B 92 18.58 -7.66 3.20
N SER B 93 18.26 -7.27 1.94
CA SER B 93 17.17 -6.35 1.64
C SER B 93 15.85 -6.96 2.07
N PRO B 94 15.10 -6.27 2.95
CA PRO B 94 13.80 -6.79 3.41
C PRO B 94 12.82 -7.04 2.27
N VAL B 95 12.16 -8.20 2.33
CA VAL B 95 11.15 -8.54 1.37
C VAL B 95 9.96 -9.05 2.19
N PHE B 96 8.77 -8.81 1.67
CA PHE B 96 7.52 -9.08 2.42
C PHE B 96 6.44 -9.67 1.52
N ARG B 97 5.29 -10.04 2.12
CA ARG B 97 4.21 -10.71 1.39
C ARG B 97 3.71 -9.91 0.23
N ASP B 98 3.84 -8.57 0.33
CA ASP B 98 3.27 -7.63 -0.65
C ASP B 98 4.20 -7.32 -1.84
N ASP B 99 5.32 -8.03 -1.90
CA ASP B 99 6.31 -7.81 -2.99
C ASP B 99 6.09 -8.92 -4.00
N THR B 100 6.23 -8.57 -5.28
CA THR B 100 6.29 -9.56 -6.33
C THR B 100 7.75 -9.62 -6.78
N CYS B 101 8.37 -10.78 -6.64
CA CYS B 101 9.80 -10.96 -6.94
C CYS B 101 9.92 -11.73 -8.24
N VAL B 102 10.60 -11.15 -9.23
CA VAL B 102 10.63 -11.74 -10.58
C VAL B 102 12.08 -12.21 -10.83
N PHE B 103 12.28 -13.52 -11.02
CA PHE B 103 13.63 -14.09 -11.14
C PHE B 103 13.85 -14.43 -12.61
N VAL B 104 14.92 -13.91 -13.16
CA VAL B 104 15.22 -14.18 -14.56
C VAL B 104 16.49 -14.99 -14.61
N SER B 105 16.49 -16.10 -15.35
CA SER B 105 17.67 -16.95 -15.41
C SER B 105 17.55 -17.84 -16.63
N GLN B 106 18.65 -17.96 -17.37
CA GLN B 106 18.70 -18.84 -18.52
C GLN B 106 18.70 -20.29 -18.00
N SER B 107 19.68 -20.63 -17.17
CA SER B 107 19.90 -21.97 -16.64
C SER B 107 18.90 -22.40 -15.57
N GLY B 108 18.38 -21.44 -14.81
CA GLY B 108 17.52 -21.80 -13.68
C GLY B 108 18.30 -22.50 -12.55
N GLU B 109 19.63 -22.45 -12.59
CA GLU B 109 20.46 -23.14 -11.60
C GLU B 109 21.46 -22.27 -10.90
N THR B 110 21.56 -21.00 -11.26
CA THR B 110 22.65 -20.18 -10.74
C THR B 110 22.55 -20.06 -9.23
N ALA B 111 23.66 -20.24 -8.52
CA ALA B 111 23.55 -20.40 -7.05
C ALA B 111 22.99 -19.14 -6.41
N ASP B 112 23.45 -17.96 -6.84
CA ASP B 112 23.02 -16.73 -6.14
C ASP B 112 21.57 -16.44 -6.42
N SER B 113 21.11 -16.82 -7.61
CA SER B 113 19.68 -16.67 -7.92
C SER B 113 18.81 -17.59 -7.09
N ILE B 114 19.24 -18.85 -6.93
CA ILE B 114 18.49 -19.78 -6.09
CA ILE B 114 18.51 -19.80 -6.08
C ILE B 114 18.48 -19.36 -4.62
N LEU B 115 19.60 -18.85 -4.12
CA LEU B 115 19.63 -18.41 -2.72
C LEU B 115 18.68 -17.23 -2.50
N ALA B 116 18.67 -16.30 -3.47
CA ALA B 116 17.78 -15.14 -3.39
C ALA B 116 16.30 -15.58 -3.42
N LEU B 117 16.00 -16.56 -4.25
CA LEU B 117 14.64 -17.09 -4.39
C LEU B 117 14.18 -17.72 -3.06
N GLN B 118 15.06 -18.50 -2.45
CA GLN B 118 14.75 -19.14 -1.14
C GLN B 118 14.48 -18.07 -0.09
N TYR B 119 15.33 -17.05 -0.05
CA TYR B 119 15.11 -15.88 0.80
C TYR B 119 13.74 -15.22 0.58
N CYS B 120 13.34 -14.94 -0.67
CA CYS B 120 12.05 -14.38 -0.95
C CYS B 120 10.90 -15.33 -0.58
N LEU B 121 11.05 -16.62 -0.89
CA LEU B 121 9.96 -17.58 -0.61
C LEU B 121 9.71 -17.65 0.89
N GLU B 122 10.76 -17.71 1.69
CA GLU B 122 10.58 -17.89 3.14
C GLU B 122 10.00 -16.66 3.79
N ARG B 123 10.13 -15.52 3.14
CA ARG B 123 9.55 -14.27 3.61
C ARG B 123 8.15 -14.02 3.13
N GLY B 124 7.62 -14.94 2.32
CA GLY B 124 6.21 -14.90 1.91
C GLY B 124 5.88 -14.07 0.68
N ALA B 125 6.90 -13.65 -0.05
CA ALA B 125 6.70 -12.94 -1.30
C ALA B 125 6.17 -13.86 -2.37
N LEU B 126 5.44 -13.26 -3.31
CA LEU B 126 5.03 -13.97 -4.50
C LEU B 126 6.26 -14.00 -5.43
N THR B 127 6.50 -15.15 -6.04
CA THR B 127 7.66 -15.30 -6.94
C THR B 127 7.27 -15.72 -8.35
N VAL B 128 7.97 -15.18 -9.35
CA VAL B 128 7.65 -15.41 -10.74
C VAL B 128 8.99 -15.72 -11.42
N GLY B 129 9.05 -16.77 -12.23
CA GLY B 129 10.31 -17.10 -12.92
C GLY B 129 10.17 -16.77 -14.40
N ILE B 130 11.27 -16.27 -14.97
CA ILE B 130 11.39 -16.07 -16.41
C ILE B 130 12.64 -16.89 -16.75
N VAL B 131 12.44 -18.12 -17.24
CA VAL B 131 13.53 -19.13 -17.21
C VAL B 131 13.63 -19.87 -18.56
N ASN B 132 14.81 -20.25 -19.00
CA ASN B 132 14.91 -20.99 -20.28
C ASN B 132 14.87 -22.48 -20.07
N SER B 133 15.72 -22.97 -19.17
CA SER B 133 15.75 -24.41 -18.90
C SER B 133 14.48 -24.91 -18.20
N VAL B 134 13.62 -25.62 -18.93
CA VAL B 134 12.36 -26.09 -18.39
C VAL B 134 12.51 -27.07 -17.22
N GLY B 135 11.77 -26.85 -16.13
CA GLY B 135 11.85 -27.73 -14.97
C GLY B 135 13.11 -27.61 -14.16
N SER B 136 13.94 -26.60 -14.45
CA SER B 136 15.15 -26.36 -13.67
C SER B 136 14.75 -25.90 -12.27
N SER B 137 15.71 -25.73 -11.37
CA SER B 137 15.37 -25.35 -9.97
C SER B 137 14.53 -24.10 -9.87
N MET B 138 14.93 -23.05 -10.58
CA MET B 138 14.20 -21.79 -10.50
C MET B 138 12.79 -21.89 -11.07
N SER B 139 12.67 -22.68 -12.13
CA SER B 139 11.34 -22.94 -12.70
C SER B 139 10.43 -23.67 -11.70
N ARG B 140 10.93 -24.77 -11.13
CA ARG B 140 10.12 -25.52 -10.15
C ARG B 140 9.72 -24.66 -8.94
N GLN B 141 10.69 -23.90 -8.40
CA GLN B 141 10.57 -23.27 -7.09
C GLN B 141 9.81 -21.94 -7.12
N THR B 142 9.76 -21.26 -8.29
CA THR B 142 8.90 -20.09 -8.41
C THR B 142 7.42 -20.48 -8.41
N HIS B 143 6.56 -19.63 -7.86
CA HIS B 143 5.11 -19.87 -7.85
C HIS B 143 4.54 -20.07 -9.26
N CYS B 144 4.94 -19.18 -10.18
CA CYS B 144 4.53 -19.23 -11.56
C CYS B 144 5.63 -18.61 -12.42
N GLY B 145 5.39 -18.59 -13.73
CA GLY B 145 6.42 -18.05 -14.61
C GLY B 145 6.18 -18.29 -16.07
N VAL B 146 7.21 -17.95 -16.83
CA VAL B 146 7.18 -18.11 -18.28
C VAL B 146 8.45 -18.82 -18.67
N HIS B 147 8.32 -19.94 -19.38
CA HIS B 147 9.47 -20.56 -20.02
C HIS B 147 9.71 -19.85 -21.33
N ILE B 148 10.92 -19.30 -21.52
CA ILE B 148 11.14 -18.42 -22.65
C ILE B 148 11.28 -19.10 -24.01
N ASN B 149 11.51 -20.42 -24.00
CA ASN B 149 11.49 -21.23 -25.23
C ASN B 149 12.53 -20.80 -26.27
N ALA B 150 13.72 -20.47 -25.81
CA ALA B 150 14.83 -20.14 -26.71
C ALA B 150 15.56 -21.37 -27.24
N GLY B 151 15.35 -22.52 -26.59
CA GLY B 151 16.15 -23.70 -26.88
C GLY B 151 17.42 -23.73 -26.09
N PRO B 152 18.10 -24.89 -26.09
CA PRO B 152 19.37 -25.08 -25.37
C PRO B 152 20.42 -24.08 -25.78
N GLU B 153 21.16 -23.59 -24.80
CA GLU B 153 22.26 -22.67 -25.05
C GLU B 153 23.53 -23.38 -24.63
N ILE B 154 24.46 -23.53 -25.58
CA ILE B 154 25.74 -24.23 -25.34
C ILE B 154 26.94 -23.29 -25.36
N GLY B 155 26.81 -22.12 -25.96
CA GLY B 155 27.88 -21.11 -25.92
C GLY B 155 28.17 -20.79 -24.47
N VAL B 156 29.37 -20.31 -24.14
CA VAL B 156 29.67 -20.06 -22.72
C VAL B 156 28.92 -18.81 -22.21
N ALA B 157 28.61 -17.89 -23.12
CA ALA B 157 27.87 -16.69 -22.74
C ALA B 157 26.50 -16.66 -23.39
N SER B 158 25.60 -15.89 -22.78
CA SER B 158 24.24 -15.87 -23.25
C SER B 158 24.03 -14.92 -24.41
N THR B 159 23.40 -15.41 -25.47
CA THR B 159 23.16 -14.61 -26.65
C THR B 159 21.70 -14.65 -26.92
N LYS B 160 21.20 -15.76 -27.49
CA LYS B 160 19.77 -15.85 -27.76
C LYS B 160 18.90 -15.81 -26.50
N ALA B 161 19.47 -16.26 -25.36
CA ALA B 161 18.70 -16.23 -24.12
C ALA B 161 18.44 -14.80 -23.67
N TYR B 162 19.40 -13.91 -23.92
CA TYR B 162 19.22 -12.49 -23.63
C TYR B 162 18.08 -11.90 -24.45
N THR B 163 18.07 -12.12 -25.75
CA THR B 163 17.02 -11.48 -26.56
C THR B 163 15.70 -12.16 -26.22
N SER B 164 15.70 -13.47 -25.97
CA SER B 164 14.42 -14.15 -25.63
C SER B 164 13.90 -13.74 -24.25
N GLN B 165 14.81 -13.57 -23.27
CA GLN B 165 14.42 -13.04 -21.94
C GLN B 165 13.79 -11.65 -21.99
N TYR B 166 14.45 -10.76 -22.72
CA TYR B 166 13.97 -9.43 -22.94
C TYR B 166 12.56 -9.48 -23.56
N ILE B 167 12.39 -10.27 -24.61
CA ILE B 167 11.04 -10.41 -25.22
C ILE B 167 10.00 -10.94 -24.23
N ALA B 168 10.33 -12.01 -23.51
CA ALA B 168 9.41 -12.55 -22.45
C ALA B 168 9.06 -11.49 -21.41
N LEU B 169 10.05 -10.69 -20.97
CA LEU B 169 9.77 -9.63 -19.99
C LEU B 169 8.84 -8.53 -20.55
N VAL B 170 9.08 -8.14 -21.81
CA VAL B 170 8.14 -7.24 -22.46
C VAL B 170 6.72 -7.89 -22.53
N MET B 171 6.61 -9.16 -22.92
CA MET B 171 5.26 -9.78 -22.97
C MET B 171 4.62 -9.78 -21.58
N PHE B 172 5.43 -10.03 -20.55
CA PHE B 172 4.95 -9.97 -19.14
C PHE B 172 4.43 -8.56 -18.78
N ALA B 173 5.21 -7.54 -19.10
CA ALA B 173 4.74 -6.16 -18.89
C ALA B 173 3.42 -5.84 -19.64
N LEU B 174 3.35 -6.25 -20.89
CA LEU B 174 2.11 -6.09 -21.66
C LEU B 174 0.92 -6.83 -21.00
N SER B 175 1.19 -8.03 -20.50
CA SER B 175 0.16 -8.86 -19.85
C SER B 175 -0.35 -8.15 -18.62
N LEU B 176 0.58 -7.62 -17.82
CA LEU B 176 0.20 -6.87 -16.62
C LEU B 176 -0.66 -5.64 -16.88
N SER B 177 -0.52 -5.03 -18.05
CA SER B 177 -1.18 -3.74 -18.33
C SER B 177 -2.29 -3.89 -19.39
N ASN B 178 -2.79 -5.12 -19.52
CA ASN B 178 -3.72 -5.47 -20.62
C ASN B 178 -5.17 -5.05 -20.30
N ASP B 179 -5.39 -4.40 -19.18
CA ASP B 179 -6.75 -3.94 -18.87
C ASP B 179 -6.89 -2.43 -19.00
N SER B 180 -5.83 -1.74 -19.42
CA SER B 180 -5.82 -0.26 -19.43
C SER B 180 -6.24 0.28 -20.77
N ILE B 181 -7.35 1.04 -20.78
CA ILE B 181 -7.74 1.71 -22.00
C ILE B 181 -6.65 2.70 -22.46
N SER B 182 -6.12 3.48 -21.54
CA SER B 182 -5.13 4.49 -21.86
C SER B 182 -3.83 3.90 -22.41
N ARG B 183 -3.61 2.61 -22.26
CA ARG B 183 -2.35 1.95 -22.72
C ARG B 183 -2.50 1.27 -24.02
N LYS B 184 -3.72 1.29 -24.56
CA LYS B 184 -3.99 0.38 -25.63
C LYS B 184 -3.18 0.74 -26.88
N GLY B 185 -3.06 2.02 -27.20
CA GLY B 185 -2.23 2.46 -28.35
C GLY B 185 -0.76 2.04 -28.22
N ARG B 186 -0.22 2.23 -27.02
CA ARG B 186 1.14 1.84 -26.69
C ARG B 186 1.33 0.34 -26.82
N HIS B 187 0.40 -0.42 -26.24
CA HIS B 187 0.39 -1.86 -26.45
C HIS B 187 0.41 -2.28 -27.89
N GLU B 188 -0.48 -1.68 -28.72
CA GLU B 188 -0.57 -2.05 -30.11
C GLU B 188 0.75 -1.71 -30.84
N GLU B 189 1.31 -0.56 -30.52
CA GLU B 189 2.59 -0.14 -31.10
C GLU B 189 3.65 -1.21 -30.80
N ILE B 190 3.71 -1.62 -29.55
CA ILE B 190 4.81 -2.52 -29.12
C ILE B 190 4.60 -3.89 -29.74
N ILE B 191 3.36 -4.36 -29.76
CA ILE B 191 3.09 -5.70 -30.30
C ILE B 191 3.37 -5.77 -31.81
N LYS B 192 2.96 -4.75 -32.54
CA LYS B 192 3.31 -4.67 -33.99
C LYS B 192 4.81 -4.65 -34.22
N GLY B 193 5.50 -3.87 -33.37
CA GLY B 193 6.98 -3.88 -33.36
C GLY B 193 7.57 -5.26 -33.10
N LEU B 194 7.09 -5.96 -32.07
CA LEU B 194 7.55 -7.33 -31.80
C LEU B 194 7.40 -8.25 -33.01
N GLN B 195 6.31 -8.11 -33.73
CA GLN B 195 6.08 -9.00 -34.87
C GLN B 195 7.23 -8.88 -35.90
N LYS B 196 7.82 -7.69 -35.99
CA LYS B 196 8.88 -7.37 -36.99
C LYS B 196 10.29 -7.69 -36.48
N ILE B 197 10.44 -7.93 -35.17
CA ILE B 197 11.77 -8.19 -34.61
C ILE B 197 12.60 -9.34 -35.26
N PRO B 198 12.01 -10.54 -35.47
CA PRO B 198 12.74 -11.65 -36.04
C PRO B 198 13.33 -11.29 -37.41
N GLU B 199 12.56 -10.63 -38.28
CA GLU B 199 13.12 -10.25 -39.59
C GLU B 199 14.12 -9.12 -39.47
N GLN B 200 13.94 -8.24 -38.48
CA GLN B 200 14.92 -7.18 -38.29
C GLN B 200 16.22 -7.72 -37.71
N ILE B 201 16.13 -8.75 -36.89
CA ILE B 201 17.34 -9.43 -36.41
C ILE B 201 18.11 -10.02 -37.59
N LYS B 202 17.40 -10.66 -38.52
CA LYS B 202 18.05 -11.16 -39.74
C LYS B 202 18.78 -10.06 -40.48
N GLN B 203 18.18 -8.87 -40.57
CA GLN B 203 18.80 -7.71 -41.23
C GLN B 203 20.07 -7.33 -40.49
N VAL B 204 19.98 -7.26 -39.16
CA VAL B 204 21.15 -6.87 -38.38
C VAL B 204 22.32 -7.84 -38.53
N LEU B 205 22.01 -9.12 -38.61
CA LEU B 205 23.04 -10.14 -38.83
C LEU B 205 23.89 -9.95 -40.09
N LYS B 206 23.33 -9.25 -41.09
CA LYS B 206 24.08 -8.95 -42.33
C LYS B 206 25.25 -8.00 -42.05
N LEU B 207 25.32 -7.45 -40.84
CA LEU B 207 26.47 -6.62 -40.47
C LEU B 207 27.72 -7.46 -40.19
N GLU B 208 27.59 -8.78 -40.13
CA GLU B 208 28.74 -9.61 -39.73
C GLU B 208 30.02 -9.33 -40.53
N ASN B 209 29.92 -9.15 -41.84
CA ASN B 209 31.14 -8.87 -42.63
C ASN B 209 31.87 -7.60 -42.24
N LYS B 210 31.12 -6.51 -42.13
CA LYS B 210 31.65 -5.24 -41.63
C LYS B 210 32.30 -5.42 -40.24
N ILE B 211 31.63 -6.18 -39.35
CA ILE B 211 32.15 -6.45 -38.01
C ILE B 211 33.47 -7.26 -38.03
N LYS B 212 33.48 -8.34 -38.80
CA LYS B 212 34.68 -9.18 -38.98
C LYS B 212 35.83 -8.28 -39.43
N ASP B 213 35.56 -7.43 -40.41
CA ASP B 213 36.57 -6.49 -40.91
C ASP B 213 37.11 -5.61 -39.79
N LEU B 214 36.20 -5.07 -38.99
CA LEU B 214 36.54 -4.14 -37.93
C LEU B 214 37.31 -4.86 -36.84
N CYS B 215 36.96 -6.12 -36.61
CA CYS B 215 37.66 -6.92 -35.62
C CYS B 215 39.06 -7.32 -36.10
N ASN B 216 39.28 -7.37 -37.42
CA ASN B 216 40.63 -7.62 -37.98
C ASN B 216 41.52 -6.40 -38.03
N SER B 217 40.94 -5.22 -37.78
CA SER B 217 41.66 -3.96 -37.83
C SER B 217 42.55 -3.79 -36.62
N SER B 218 42.98 -2.55 -36.42
CA SER B 218 43.82 -2.16 -35.27
C SER B 218 43.14 -2.51 -33.92
N LEU B 219 41.82 -2.72 -33.97
CA LEU B 219 40.97 -3.10 -32.85
C LEU B 219 41.46 -4.36 -32.12
N ASN B 220 41.90 -5.36 -32.89
CA ASN B 220 42.53 -6.59 -32.38
C ASN B 220 43.53 -6.39 -31.26
N ASP B 221 44.38 -5.38 -31.45
CA ASP B 221 45.56 -5.18 -30.59
C ASP B 221 45.24 -4.42 -29.32
N GLN B 222 44.15 -3.65 -29.34
CA GLN B 222 43.78 -2.79 -28.22
C GLN B 222 43.39 -3.61 -26.98
N LYS B 223 43.60 -3.03 -25.81
CA LYS B 223 43.45 -3.75 -24.56
C LYS B 223 42.11 -3.50 -23.87
N SER B 224 41.41 -2.45 -24.31
CA SER B 224 40.14 -2.11 -23.69
C SER B 224 39.17 -1.61 -24.73
N LEU B 225 37.89 -1.57 -24.38
CA LEU B 225 36.90 -0.97 -25.25
C LEU B 225 35.83 -0.41 -24.33
N LEU B 226 35.46 0.84 -24.57
CA LEU B 226 34.46 1.56 -23.77
C LEU B 226 33.17 1.62 -24.55
N LEU B 227 32.02 1.50 -23.88
CA LEU B 227 30.73 1.59 -24.58
C LEU B 227 29.95 2.68 -23.90
N LEU B 228 29.36 3.59 -24.69
CA LEU B 228 28.60 4.73 -24.18
C LEU B 228 27.11 4.49 -24.48
N GLY B 229 26.25 4.63 -23.47
CA GLY B 229 24.82 4.40 -23.66
C GLY B 229 24.09 5.25 -22.61
N ARG B 230 22.87 5.65 -22.93
CA ARG B 230 22.02 6.28 -21.94
C ARG B 230 20.60 5.73 -22.13
N GLY B 231 19.71 5.90 -21.13
CA GLY B 231 18.31 5.51 -21.37
C GLY B 231 18.15 4.04 -21.67
N TYR B 232 17.26 3.69 -22.62
CA TYR B 232 17.02 2.29 -22.97
C TYR B 232 18.35 1.60 -23.30
N GLN B 233 19.32 2.35 -23.82
CA GLN B 233 20.56 1.67 -24.30
C GLN B 233 21.66 1.56 -23.26
N PHE B 234 21.41 2.04 -22.05
CA PHE B 234 22.46 1.82 -21.01
C PHE B 234 22.61 0.32 -20.71
N ALA B 235 21.50 -0.42 -20.57
CA ALA B 235 21.57 -1.86 -20.40
C ALA B 235 22.41 -2.51 -21.53
N THR B 236 22.19 -2.06 -22.76
CA THR B 236 22.91 -2.62 -23.92
C THR B 236 24.42 -2.33 -23.77
N ALA B 237 24.78 -1.15 -23.26
CA ALA B 237 26.19 -0.81 -23.03
C ALA B 237 26.81 -1.76 -21.97
N LEU B 238 26.08 -2.02 -20.90
CA LEU B 238 26.54 -2.93 -19.87
C LEU B 238 26.67 -4.39 -20.37
N GLU B 239 25.72 -4.83 -21.20
CA GLU B 239 25.73 -6.16 -21.74
C GLU B 239 26.86 -6.33 -22.76
N GLY B 240 27.07 -5.30 -23.54
CA GLY B 240 28.19 -5.32 -24.51
C GLY B 240 29.53 -5.45 -23.79
N ALA B 241 29.71 -4.67 -22.72
CA ALA B 241 30.91 -4.77 -21.88
C ALA B 241 31.11 -6.14 -21.26
N LEU B 242 30.03 -6.71 -20.72
CA LEU B 242 30.11 -8.06 -20.18
C LEU B 242 30.54 -9.08 -21.25
N LYS B 243 29.96 -8.96 -22.45
CA LYS B 243 30.28 -9.89 -23.52
C LYS B 243 31.78 -9.81 -23.88
N ILE B 244 32.29 -8.58 -24.01
CA ILE B 244 33.70 -8.37 -24.37
C ILE B 244 34.60 -8.96 -23.28
N LYS B 245 34.23 -8.73 -22.02
CA LYS B 245 34.96 -9.34 -20.88
C LYS B 245 34.90 -10.86 -20.80
N GLU B 246 33.70 -11.43 -20.87
CA GLU B 246 33.50 -12.88 -20.65
CA GLU B 246 33.52 -12.88 -20.65
C GLU B 246 33.96 -13.73 -21.83
N ILE B 247 33.83 -13.20 -23.04
CA ILE B 247 34.11 -13.95 -24.26
C ILE B 247 35.50 -13.60 -24.80
N SER B 248 35.75 -12.31 -25.02
CA SER B 248 36.94 -11.83 -25.71
C SER B 248 38.15 -11.69 -24.79
N TYR B 249 37.90 -11.81 -23.48
CA TYR B 249 38.92 -11.58 -22.47
C TYR B 249 39.64 -10.26 -22.70
N MET B 250 38.87 -9.21 -22.95
CA MET B 250 39.45 -7.89 -23.11
C MET B 250 38.74 -7.02 -22.07
N HIS B 251 39.40 -6.00 -21.55
CA HIS B 251 38.74 -5.13 -20.60
C HIS B 251 37.70 -4.25 -21.31
N SER B 252 36.56 -4.03 -20.63
CA SER B 252 35.50 -3.24 -21.25
C SER B 252 34.71 -2.62 -20.13
N GLU B 253 34.23 -1.41 -20.33
CA GLU B 253 33.33 -0.77 -19.34
C GLU B 253 32.15 -0.14 -20.07
N GLY B 254 30.93 -0.30 -19.55
CA GLY B 254 29.77 0.44 -20.06
C GLY B 254 29.62 1.72 -19.29
N VAL B 255 29.55 2.85 -19.99
CA VAL B 255 29.57 4.18 -19.38
C VAL B 255 28.26 4.91 -19.65
N LEU B 256 27.72 5.58 -18.62
CA LEU B 256 26.49 6.36 -18.87
C LEU B 256 26.88 7.64 -19.59
N ALA B 257 26.39 7.82 -20.81
CA ALA B 257 26.96 8.78 -21.75
C ALA B 257 26.75 10.20 -21.28
N GLY B 258 27.85 10.95 -21.15
CA GLY B 258 27.74 12.38 -20.92
C GLY B 258 27.36 12.72 -19.48
N GLU B 259 27.36 11.72 -18.60
CA GLU B 259 27.02 11.96 -17.20
C GLU B 259 28.10 12.87 -16.57
N LEU B 260 29.37 12.52 -16.81
CA LEU B 260 30.47 13.35 -16.31
C LEU B 260 31.09 14.11 -17.49
N LYS B 261 31.28 15.41 -17.32
CA LYS B 261 32.04 16.20 -18.28
C LYS B 261 33.52 15.80 -18.23
N HIS B 262 34.01 15.54 -17.02
CA HIS B 262 35.43 15.27 -16.79
C HIS B 262 35.66 13.85 -16.26
N GLY B 263 34.91 12.89 -16.82
CA GLY B 263 35.06 11.48 -16.48
C GLY B 263 36.04 10.80 -17.41
N ILE B 264 35.84 9.51 -17.61
CA ILE B 264 36.67 8.68 -18.48
C ILE B 264 36.93 9.29 -19.88
N LEU B 265 35.92 9.96 -20.47
CA LEU B 265 36.07 10.51 -21.84
C LEU B 265 37.11 11.63 -21.95
N ALA B 266 37.34 12.32 -20.84
CA ALA B 266 38.38 13.35 -20.81
C ALA B 266 39.78 12.72 -20.71
N LEU B 267 39.83 11.40 -20.49
CA LEU B 267 41.08 10.70 -20.18
C LEU B 267 41.52 9.77 -21.29
N VAL B 268 40.57 9.34 -22.11
CA VAL B 268 40.85 8.33 -23.13
C VAL B 268 41.93 8.79 -24.12
N ASP B 269 42.72 7.85 -24.60
CA ASP B 269 43.71 8.06 -25.67
C ASP B 269 42.98 8.19 -27.03
N GLU B 270 43.52 9.00 -27.95
CA GLU B 270 43.05 9.14 -29.36
C GLU B 270 42.52 7.86 -29.94
N ASP B 271 43.20 6.74 -29.66
CA ASP B 271 42.89 5.48 -30.35
C ASP B 271 42.17 4.42 -29.50
N LEU B 272 41.70 4.81 -28.32
CA LEU B 272 40.95 3.87 -27.48
C LEU B 272 39.66 3.55 -28.24
N PRO B 273 39.32 2.26 -28.39
CA PRO B 273 38.05 1.92 -29.06
C PRO B 273 36.88 2.34 -28.18
N ILE B 274 35.93 3.04 -28.80
CA ILE B 274 34.70 3.50 -28.10
C ILE B 274 33.54 3.17 -29.02
N ILE B 275 32.53 2.50 -28.47
CA ILE B 275 31.30 2.26 -29.20
C ILE B 275 30.25 3.11 -28.50
N ALA B 276 29.48 3.86 -29.27
CA ALA B 276 28.40 4.68 -28.74
C ALA B 276 27.11 4.23 -29.32
N PHE B 277 26.10 4.07 -28.46
CA PHE B 277 24.75 3.78 -28.94
C PHE B 277 24.04 5.09 -29.21
N ALA B 278 23.63 5.30 -30.46
CA ALA B 278 23.04 6.58 -30.85
C ALA B 278 21.78 6.38 -31.69
N THR B 279 21.11 5.25 -31.46
CA THR B 279 19.80 4.99 -32.05
C THR B 279 18.78 6.01 -31.49
N ARG B 280 17.75 6.32 -32.26
CA ARG B 280 16.87 7.45 -31.91
C ARG B 280 16.21 7.37 -30.53
N ASP B 281 15.92 6.15 -30.09
CA ASP B 281 15.27 5.91 -28.76
C ASP B 281 16.08 6.47 -27.58
N SER B 282 17.41 6.56 -27.76
CA SER B 282 18.32 6.93 -26.67
C SER B 282 19.28 8.04 -27.11
N LEU B 283 18.85 8.82 -28.10
CA LEU B 283 19.68 9.90 -28.62
C LEU B 283 19.51 11.21 -27.83
N PHE B 284 20.00 11.21 -26.59
CA PHE B 284 19.86 12.33 -25.66
C PHE B 284 20.93 13.36 -25.95
N PRO B 285 20.69 14.63 -25.60
CA PRO B 285 21.74 15.67 -25.66
C PRO B 285 23.06 15.23 -25.02
N LYS B 286 23.01 14.53 -23.89
CA LYS B 286 24.25 14.10 -23.22
C LYS B 286 24.99 13.06 -24.06
N VAL B 287 24.23 12.26 -24.83
CA VAL B 287 24.86 11.30 -25.73
C VAL B 287 25.62 12.03 -26.83
N MET B 288 24.97 13.04 -27.42
CA MET B 288 25.62 13.86 -28.45
C MET B 288 26.83 14.59 -27.88
N SER B 289 26.70 15.12 -26.65
CA SER B 289 27.85 15.77 -25.97
C SER B 289 29.04 14.85 -25.78
N ALA B 290 28.78 13.63 -25.32
CA ALA B 290 29.80 12.61 -25.15
C ALA B 290 30.47 12.31 -26.48
N ILE B 291 29.65 12.12 -27.53
CA ILE B 291 30.19 11.79 -28.86
C ILE B 291 31.04 12.95 -29.38
N GLU B 292 30.53 14.18 -29.22
CA GLU B 292 31.30 15.38 -29.65
C GLU B 292 32.63 15.50 -28.91
N GLN B 293 32.64 15.15 -27.62
CA GLN B 293 33.84 15.16 -26.78
C GLN B 293 34.89 14.20 -27.33
N VAL B 294 34.43 13.03 -27.78
CA VAL B 294 35.37 12.03 -28.32
C VAL B 294 35.97 12.57 -29.62
N THR B 295 35.12 13.06 -30.52
CA THR B 295 35.60 13.52 -31.84
C THR B 295 36.47 14.78 -31.72
N ALA B 296 36.18 15.64 -30.73
CA ALA B 296 36.96 16.87 -30.48
C ALA B 296 38.41 16.57 -30.10
N ARG B 297 38.60 15.43 -29.43
CA ARG B 297 39.90 14.93 -29.03
C ARG B 297 40.53 14.05 -30.12
N ASP B 298 39.96 14.04 -31.33
CA ASP B 298 40.42 13.18 -32.46
C ASP B 298 40.17 11.68 -32.23
N GLY B 299 39.26 11.32 -31.34
CA GLY B 299 38.90 9.93 -31.22
C GLY B 299 38.08 9.53 -32.44
N ARG B 300 38.04 8.23 -32.74
CA ARG B 300 37.42 7.72 -33.97
C ARG B 300 36.44 6.64 -33.53
N PRO B 301 35.28 7.07 -33.04
CA PRO B 301 34.31 6.14 -32.41
C PRO B 301 33.55 5.26 -33.39
N ILE B 302 33.03 4.15 -32.90
CA ILE B 302 32.13 3.27 -33.67
C ILE B 302 30.72 3.61 -33.20
N VAL B 303 29.82 3.99 -34.12
CA VAL B 303 28.50 4.48 -33.74
C VAL B 303 27.49 3.48 -34.19
N ILE B 304 26.66 3.02 -33.25
CA ILE B 304 25.58 2.13 -33.62
C ILE B 304 24.38 3.07 -33.66
N CYS B 305 23.77 3.22 -34.83
CA CYS B 305 22.70 4.20 -35.02
C CYS B 305 21.67 3.63 -35.99
N ASN B 306 20.55 4.32 -36.12
CA ASN B 306 19.53 3.84 -37.06
C ASN B 306 19.88 4.11 -38.52
N GLU B 307 19.46 3.20 -39.38
CA GLU B 307 19.70 3.32 -40.84
C GLU B 307 19.38 4.70 -41.32
N GLY B 308 20.35 5.34 -41.95
CA GLY B 308 20.07 6.64 -42.56
C GLY B 308 20.43 7.84 -41.72
N ASP B 309 20.80 7.62 -40.46
CA ASP B 309 21.02 8.79 -39.60
C ASP B 309 22.51 9.11 -39.57
N ALA B 310 22.84 10.38 -39.72
CA ALA B 310 24.23 10.79 -39.71
C ALA B 310 24.45 11.40 -38.35
N ILE B 311 25.09 10.67 -37.46
CA ILE B 311 25.30 11.15 -36.07
C ILE B 311 26.55 12.01 -35.95
N ILE B 312 27.54 11.62 -36.75
CA ILE B 312 28.84 12.32 -36.83
C ILE B 312 29.03 12.70 -38.27
N SER B 313 29.42 13.95 -38.48
CA SER B 313 29.69 14.47 -39.81
C SER B 313 30.65 13.56 -40.57
N ASN B 314 30.42 13.43 -41.86
CA ASN B 314 31.32 12.68 -42.74
C ASN B 314 32.76 13.20 -42.78
N ASP B 315 32.94 14.42 -42.28
CA ASP B 315 34.24 15.09 -42.21
C ASP B 315 35.13 14.53 -41.12
N LYS B 316 34.55 13.82 -40.15
CA LYS B 316 35.32 13.29 -39.03
C LYS B 316 35.36 11.76 -39.11
N VAL B 317 36.56 11.18 -38.96
CA VAL B 317 36.69 9.74 -39.12
C VAL B 317 35.90 9.05 -38.00
N HIS B 318 35.09 8.08 -38.39
CA HIS B 318 34.32 7.28 -37.45
C HIS B 318 33.75 6.08 -38.21
N THR B 319 33.30 5.07 -37.48
CA THR B 319 32.72 3.88 -38.09
C THR B 319 31.25 3.88 -37.74
N THR B 320 30.40 3.47 -38.67
CA THR B 320 28.96 3.35 -38.36
C THR B 320 28.55 1.90 -38.49
N LEU B 321 27.67 1.45 -37.60
CA LEU B 321 27.07 0.15 -37.78
C LEU B 321 25.58 0.47 -37.71
N GLU B 322 24.86 0.39 -38.82
CA GLU B 322 23.50 0.90 -38.90
C GLU B 322 22.54 -0.22 -38.62
N VAL B 323 21.50 0.06 -37.82
CA VAL B 323 20.51 -0.98 -37.50
C VAL B 323 19.08 -0.46 -37.80
N PRO B 324 18.15 -1.37 -38.11
CA PRO B 324 16.78 -0.92 -38.33
C PRO B 324 16.21 -0.14 -37.13
N GLU B 325 15.33 0.82 -37.38
CA GLU B 325 14.58 1.46 -36.30
C GLU B 325 13.36 0.61 -35.87
N THR B 326 13.21 0.44 -34.56
CA THR B 326 12.04 -0.29 -34.06
C THR B 326 11.42 0.62 -33.02
N VAL B 327 10.35 0.13 -32.38
CA VAL B 327 9.73 0.82 -31.26
C VAL B 327 10.80 1.04 -30.22
N ASP B 328 10.79 2.21 -29.60
CA ASP B 328 11.82 2.59 -28.66
C ASP B 328 12.24 1.54 -27.64
N CYS B 329 11.27 0.97 -26.95
CA CYS B 329 11.60 0.00 -25.89
C CYS B 329 12.07 -1.35 -26.41
N LEU B 330 12.04 -1.55 -27.76
CA LEU B 330 12.49 -2.79 -28.38
C LEU B 330 13.86 -2.63 -29.07
N GLN B 331 14.32 -1.41 -29.16
CA GLN B 331 15.58 -1.16 -29.92
C GLN B 331 16.78 -1.92 -29.35
N GLY B 332 16.80 -2.11 -28.04
CA GLY B 332 17.86 -2.92 -27.38
C GLY B 332 18.00 -4.31 -27.93
N LEU B 333 16.90 -4.87 -28.45
CA LEU B 333 16.96 -6.21 -29.02
C LEU B 333 17.82 -6.28 -30.30
N LEU B 334 17.83 -5.18 -31.06
CA LEU B 334 18.62 -5.09 -32.28
C LEU B 334 20.01 -4.59 -31.95
N ASN B 335 20.13 -3.64 -31.02
CA ASN B 335 21.45 -3.00 -30.76
C ASN B 335 22.43 -3.92 -30.10
N VAL B 336 21.93 -4.95 -29.42
CA VAL B 336 22.84 -5.88 -28.75
C VAL B 336 23.53 -6.83 -29.75
N ILE B 337 22.87 -7.08 -30.88
CA ILE B 337 23.36 -8.10 -31.81
C ILE B 337 24.80 -7.75 -32.32
N PRO B 338 25.06 -6.49 -32.73
CA PRO B 338 26.43 -6.28 -33.17
C PRO B 338 27.46 -6.51 -32.08
N LEU B 339 27.09 -6.26 -30.81
CA LEU B 339 28.01 -6.49 -29.72
C LEU B 339 28.30 -7.96 -29.48
N GLN B 340 27.28 -8.80 -29.66
CA GLN B 340 27.43 -10.24 -29.57
C GLN B 340 28.45 -10.68 -30.65
N LEU B 341 28.26 -10.14 -31.86
CA LEU B 341 29.14 -10.47 -33.00
C LEU B 341 30.57 -9.95 -32.82
N ILE B 342 30.69 -8.69 -32.35
CA ILE B 342 32.00 -8.12 -32.08
C ILE B 342 32.74 -8.94 -31.04
N SER B 343 32.06 -9.28 -29.93
CA SER B 343 32.71 -10.05 -28.87
C SER B 343 33.13 -11.45 -29.40
N TYR B 344 32.27 -12.05 -30.22
CA TYR B 344 32.54 -13.34 -30.83
C TYR B 344 33.80 -13.25 -31.70
N TRP B 345 33.81 -12.31 -32.65
CA TRP B 345 34.92 -12.19 -33.62
C TRP B 345 36.24 -11.71 -33.03
N LEU B 346 36.17 -10.92 -31.95
CA LEU B 346 37.37 -10.54 -31.23
C LEU B 346 38.03 -11.74 -30.55
N ALA B 347 37.20 -12.62 -29.98
CA ALA B 347 37.65 -13.87 -29.36
C ALA B 347 38.27 -14.81 -30.38
N VAL B 348 37.66 -14.86 -31.57
CA VAL B 348 38.22 -15.60 -32.72
C VAL B 348 39.55 -15.00 -33.18
N ASN B 349 39.56 -13.72 -33.54
CA ASN B 349 40.81 -13.04 -33.84
C ASN B 349 41.95 -13.34 -32.83
N ARG B 350 41.58 -13.74 -31.61
CA ARG B 350 42.54 -13.96 -30.51
C ARG B 350 42.78 -15.44 -30.18
N GLY B 351 42.04 -16.34 -30.81
CA GLY B 351 42.30 -17.76 -30.64
C GLY B 351 41.52 -18.46 -29.55
N ILE B 352 40.60 -17.74 -28.91
CA ILE B 352 39.82 -18.27 -27.78
C ILE B 352 38.69 -19.22 -28.23
N ASP B 353 38.43 -20.28 -27.45
CA ASP B 353 37.25 -21.12 -27.70
C ASP B 353 36.09 -20.60 -26.87
N VAL B 354 34.93 -20.45 -27.53
CA VAL B 354 33.78 -19.79 -26.95
C VAL B 354 32.64 -20.76 -26.56
N ASP B 355 32.91 -22.06 -26.65
CA ASP B 355 31.91 -23.09 -26.29
C ASP B 355 32.30 -23.91 -25.05
N PRO C 4 -48.35 24.52 -7.26
CA PRO C 4 -49.46 23.60 -7.06
C PRO C 4 -49.24 22.64 -5.88
N TYR C 5 -48.13 22.80 -5.16
CA TYR C 5 -47.81 21.86 -4.09
C TYR C 5 -48.22 22.37 -2.72
N LYS C 6 -48.65 21.46 -1.85
CA LYS C 6 -49.03 21.80 -0.48
C LYS C 6 -47.83 22.25 0.34
N HIS C 7 -46.67 21.64 0.08
CA HIS C 7 -45.45 21.96 0.83
C HIS C 7 -44.22 21.94 -0.08
N PHE C 8 -43.15 22.58 0.36
CA PHE C 8 -41.88 22.51 -0.34
C PHE C 8 -41.39 21.07 -0.41
N MET C 9 -41.58 20.31 0.67
CA MET C 9 -41.14 18.94 0.65
C MET C 9 -41.83 18.18 -0.47
N GLN C 10 -43.14 18.40 -0.67
CA GLN C 10 -43.84 17.72 -1.78
C GLN C 10 -43.30 18.14 -3.13
N LYS C 11 -43.06 19.44 -3.28
CA LYS C 11 -42.48 19.95 -4.51
C LYS C 11 -41.13 19.31 -4.78
N GLU C 12 -40.33 19.11 -3.72
CA GLU C 12 -38.97 18.58 -3.87
C GLU C 12 -38.98 17.11 -4.24
N ILE C 13 -39.95 16.37 -3.72
CA ILE C 13 -40.09 14.98 -4.08
C ILE C 13 -40.47 14.89 -5.55
N PHE C 14 -41.46 15.69 -5.96
CA PHE C 14 -41.88 15.71 -7.35
C PHE C 14 -40.87 16.34 -8.31
N GLU C 15 -39.93 17.11 -7.78
CA GLU C 15 -38.85 17.68 -8.59
C GLU C 15 -37.78 16.69 -9.08
N GLN C 16 -37.79 15.47 -8.56
CA GLN C 16 -36.66 14.56 -8.75
C GLN C 16 -36.36 14.17 -10.18
N PRO C 17 -37.38 14.09 -11.08
CA PRO C 17 -36.94 13.86 -12.45
C PRO C 17 -36.05 14.98 -12.94
N ASP C 18 -36.35 16.19 -12.50
CA ASP C 18 -35.59 17.34 -12.95
C ASP C 18 -34.26 17.47 -12.22
N SER C 19 -34.27 17.23 -10.91
CA SER C 19 -32.99 17.33 -10.12
C SER C 19 -32.01 16.23 -10.53
N ALA C 20 -32.54 15.03 -10.81
CA ALA C 20 -31.68 13.91 -11.26
C ALA C 20 -31.02 14.30 -12.57
N PHE C 21 -31.80 14.88 -13.50
CA PHE C 21 -31.28 15.30 -14.79
C PHE C 21 -30.25 16.43 -14.61
N ASN C 22 -30.57 17.38 -13.72
CA ASN C 22 -29.70 18.53 -13.44
C ASN C 22 -28.37 18.14 -12.83
N THR C 23 -28.39 17.10 -12.00
CA THR C 23 -27.15 16.54 -11.47
C THR C 23 -26.26 15.97 -12.57
N MET C 24 -26.86 15.28 -13.54
CA MET C 24 -26.09 14.63 -14.63
C MET C 24 -25.67 15.56 -15.78
N ARG C 25 -26.31 16.72 -15.83
CA ARG C 25 -26.22 17.61 -16.98
C ARG C 25 -24.78 18.11 -17.19
N GLY C 26 -24.28 18.01 -18.43
CA GLY C 26 -22.90 18.44 -18.73
C GLY C 26 -21.83 17.45 -18.28
N ARG C 27 -22.22 16.35 -17.62
CA ARG C 27 -21.30 15.41 -16.99
C ARG C 27 -21.33 14.00 -17.60
N ILE C 28 -22.40 13.65 -18.30
CA ILE C 28 -22.48 12.35 -18.94
C ILE C 28 -22.80 12.49 -20.43
N ASP C 29 -21.93 11.88 -21.25
CA ASP C 29 -22.14 11.71 -22.68
C ASP C 29 -22.78 10.35 -22.81
N PHE C 30 -24.09 10.32 -23.00
CA PHE C 30 -24.81 9.04 -23.01
C PHE C 30 -24.59 8.21 -24.26
N GLU C 31 -24.13 8.84 -25.34
CA GLU C 31 -23.87 8.12 -26.60
C GLU C 31 -22.51 7.47 -26.56
N ASN C 32 -21.50 8.22 -26.13
CA ASN C 32 -20.15 7.67 -26.03
C ASN C 32 -19.86 7.00 -24.68
N CYS C 33 -20.84 7.06 -23.78
CA CYS C 33 -20.67 6.53 -22.42
C CYS C 33 -19.43 7.06 -21.74
N VAL C 34 -19.33 8.38 -21.67
CA VAL C 34 -18.24 9.04 -20.98
C VAL C 34 -18.79 9.91 -19.85
N VAL C 35 -18.20 9.80 -18.68
CA VAL C 35 -18.53 10.67 -17.57
C VAL C 35 -17.37 11.63 -17.34
N THR C 36 -17.67 12.91 -17.17
CA THR C 36 -16.65 13.92 -16.91
C THR C 36 -17.12 14.77 -15.77
N LEU C 37 -16.37 14.73 -14.66
CA LEU C 37 -16.69 15.60 -13.53
C LEU C 37 -15.62 16.67 -13.42
N GLY C 38 -15.97 17.89 -13.83
CA GLY C 38 -14.93 18.92 -13.93
C GLY C 38 -14.16 19.15 -12.66
N GLY C 39 -14.83 19.14 -11.52
CA GLY C 39 -14.18 19.43 -10.24
C GLY C 39 -13.18 18.38 -9.77
N LEU C 40 -13.22 17.19 -10.39
CA LEU C 40 -12.36 16.05 -9.99
C LEU C 40 -11.34 15.67 -11.03
N LYS C 41 -11.60 16.10 -12.25
CA LYS C 41 -10.75 15.82 -13.42
C LYS C 41 -9.27 15.67 -13.14
N SER C 42 -8.64 16.72 -12.60
CA SER C 42 -7.21 16.75 -12.40
C SER C 42 -6.76 15.96 -11.15
N TRP C 43 -7.71 15.35 -10.46
CA TRP C 43 -7.46 14.79 -9.16
C TRP C 43 -7.63 13.30 -9.23
N LEU C 44 -8.25 12.80 -10.32
CA LEU C 44 -8.63 11.39 -10.41
C LEU C 44 -7.46 10.43 -10.35
N SER C 45 -6.37 10.72 -11.07
CA SER C 45 -5.25 9.78 -11.01
C SER C 45 -4.72 9.69 -9.60
N THR C 46 -4.78 10.78 -8.84
CA THR C 46 -4.36 10.76 -7.47
C THR C 46 -5.30 9.89 -6.61
N ILE C 47 -6.61 10.17 -6.70
CA ILE C 47 -7.56 9.31 -6.00
C ILE C 47 -7.42 7.82 -6.42
N ARG C 48 -7.27 7.52 -7.71
CA ARG C 48 -7.14 6.13 -8.17
C ARG C 48 -6.06 5.32 -7.45
N ARG C 49 -5.09 6.03 -6.87
CA ARG C 49 -3.81 5.50 -6.33
C ARG C 49 -3.80 5.23 -4.80
N CYS C 50 -4.80 5.71 -4.06
CA CYS C 50 -4.76 5.75 -2.58
C CYS C 50 -4.90 4.37 -1.93
N ARG C 51 -4.64 4.29 -0.63
CA ARG C 51 -4.72 3.01 0.09
C ARG C 51 -6.18 2.60 0.21
N ARG C 52 -7.04 3.60 0.39
CA ARG C 52 -8.47 3.35 0.69
C ARG C 52 -9.25 4.63 0.61
N ILE C 53 -10.57 4.46 0.40
CA ILE C 53 -11.54 5.56 0.37
C ILE C 53 -12.35 5.44 1.62
N ILE C 54 -12.50 6.55 2.34
CA ILE C 54 -13.34 6.61 3.53
C ILE C 54 -14.46 7.58 3.21
N MET C 55 -15.71 7.07 3.18
CA MET C 55 -16.83 7.96 2.96
C MET C 55 -17.37 8.40 4.31
N ILE C 56 -17.54 9.71 4.52
CA ILE C 56 -17.85 10.21 5.82
C ILE C 56 -19.02 11.17 5.76
N ALA C 57 -20.11 10.90 6.49
CA ALA C 57 -21.30 11.71 6.35
C ALA C 57 -22.26 11.52 7.55
N CYS C 58 -23.34 12.31 7.55
CA CYS C 58 -24.34 12.27 8.61
C CYS C 58 -25.69 11.96 7.97
N GLY C 59 -26.58 11.30 8.72
CA GLY C 59 -28.02 11.22 8.36
C GLY C 59 -28.27 10.67 6.97
N THR C 60 -29.15 11.33 6.18
CA THR C 60 -29.46 10.88 4.82
C THR C 60 -28.21 10.85 3.92
N SER C 61 -27.26 11.76 4.15
CA SER C 61 -26.04 11.70 3.35
C SER C 61 -25.22 10.42 3.64
N TYR C 62 -25.18 10.01 4.89
CA TYR C 62 -24.59 8.72 5.28
C TYR C 62 -25.28 7.58 4.52
N HIS C 63 -26.60 7.61 4.45
CA HIS C 63 -27.30 6.61 3.65
C HIS C 63 -26.94 6.60 2.18
N SER C 64 -26.68 7.76 1.57
CA SER C 64 -26.31 7.78 0.14
C SER C 64 -24.97 7.10 -0.04
N CYS C 65 -24.12 7.17 0.99
CA CYS C 65 -22.81 6.49 0.96
C CYS C 65 -23.02 4.99 1.09
N LEU C 66 -23.87 4.56 2.02
CA LEU C 66 -24.11 3.12 2.10
C LEU C 66 -24.72 2.61 0.80
N ALA C 67 -25.60 3.42 0.22
CA ALA C 67 -26.30 3.02 -1.03
C ALA C 67 -25.40 2.85 -2.23
N THR C 68 -24.19 3.40 -2.15
CA THR C 68 -23.28 3.40 -3.29
C THR C 68 -21.94 2.71 -2.96
N ARG C 69 -21.79 2.22 -1.72
CA ARG C 69 -20.53 1.61 -1.30
C ARG C 69 -20.18 0.41 -2.21
N SER C 70 -21.18 -0.43 -2.48
CA SER C 70 -20.91 -1.65 -3.28
C SER C 70 -20.40 -1.35 -4.70
N ILE C 71 -21.01 -0.38 -5.35
CA ILE C 71 -20.60 -0.05 -6.73
C ILE C 71 -19.22 0.62 -6.79
N PHE C 72 -18.87 1.43 -5.78
CA PHE C 72 -17.51 1.93 -5.65
C PHE C 72 -16.54 0.76 -5.51
N GLU C 73 -16.84 -0.17 -4.62
CA GLU C 73 -15.94 -1.32 -4.46
C GLU C 73 -15.82 -2.15 -5.74
N GLU C 74 -16.97 -2.45 -6.35
CA GLU C 74 -16.98 -3.23 -7.57
C GLU C 74 -16.19 -2.61 -8.73
N LEU C 75 -16.47 -1.34 -9.01
CA LEU C 75 -15.89 -0.70 -10.15
C LEU C 75 -14.42 -0.37 -9.94
N THR C 76 -14.03 -0.01 -8.72
CA THR C 76 -12.62 0.45 -8.48
C THR C 76 -11.67 -0.57 -7.89
N GLU C 77 -12.21 -1.57 -7.16
CA GLU C 77 -11.35 -2.46 -6.38
C GLU C 77 -10.44 -1.73 -5.36
N ILE C 78 -10.85 -0.52 -4.97
CA ILE C 78 -10.17 0.20 -3.87
C ILE C 78 -11.04 -0.11 -2.63
N PRO C 79 -10.43 -0.42 -1.46
CA PRO C 79 -11.26 -0.60 -0.27
C PRO C 79 -12.08 0.64 0.00
N VAL C 80 -13.37 0.48 0.36
CA VAL C 80 -14.23 1.63 0.65
C VAL C 80 -14.93 1.35 1.94
N SER C 81 -14.75 2.26 2.89
CA SER C 81 -15.51 2.14 4.09
C SER C 81 -16.43 3.33 4.23
N VAL C 82 -17.48 3.15 5.02
CA VAL C 82 -18.49 4.20 5.20
C VAL C 82 -18.63 4.50 6.69
N GLU C 83 -18.36 5.76 7.06
CA GLU C 83 -18.32 6.18 8.45
C GLU C 83 -19.42 7.21 8.71
N LEU C 84 -20.10 7.07 9.82
CA LEU C 84 -20.97 8.13 10.32
C LEU C 84 -20.06 9.19 10.97
N ALA C 85 -20.15 10.44 10.57
CA ALA C 85 -19.13 11.43 11.02
C ALA C 85 -18.93 11.44 12.53
N SER C 86 -20.01 11.45 13.32
CA SER C 86 -19.80 11.54 14.79
C SER C 86 -19.09 10.32 15.36
N ASP C 87 -19.41 9.13 14.85
CA ASP C 87 -18.83 7.92 15.39
C ASP C 87 -17.36 7.84 14.96
N PHE C 88 -17.07 8.27 13.74
CA PHE C 88 -15.67 8.38 13.26
C PHE C 88 -14.84 9.19 14.23
N LEU C 89 -15.37 10.36 14.60
CA LEU C 89 -14.69 11.23 15.56
C LEU C 89 -14.63 10.63 16.97
N ASP C 90 -15.72 10.01 17.43
CA ASP C 90 -15.73 9.33 18.76
C ASP C 90 -14.67 8.24 18.88
N ARG C 91 -14.46 7.45 17.81
CA ARG C 91 -13.41 6.41 17.82
C ARG C 91 -11.99 6.94 17.59
N ARG C 92 -11.86 8.24 17.26
CA ARG C 92 -10.62 8.83 16.81
C ARG C 92 -9.91 7.93 15.79
N SER C 93 -10.65 7.52 14.74
CA SER C 93 -10.14 6.54 13.77
C SER C 93 -8.92 7.19 13.10
N PRO C 94 -7.77 6.51 13.11
CA PRO C 94 -6.60 7.16 12.47
C PRO C 94 -6.80 7.35 10.96
N VAL C 95 -6.31 8.49 10.46
CA VAL C 95 -6.37 8.77 9.05
C VAL C 95 -4.98 9.23 8.67
N PHE C 96 -4.59 8.96 7.45
CA PHE C 96 -3.21 9.29 6.98
C PHE C 96 -3.14 9.84 5.57
N ARG C 97 -1.91 10.16 5.14
CA ARG C 97 -1.76 10.85 3.85
CA ARG C 97 -1.65 10.81 3.84
C ARG C 97 -2.27 10.02 2.69
N ASP C 98 -2.23 8.67 2.84
CA ASP C 98 -2.60 7.72 1.81
C ASP C 98 -4.11 7.43 1.78
N ASP C 99 -4.88 8.17 2.56
CA ASP C 99 -6.37 7.97 2.56
C ASP C 99 -7.04 9.00 1.67
N THR C 100 -8.12 8.63 0.98
CA THR C 100 -8.89 9.63 0.28
C THR C 100 -10.22 9.67 1.06
N CYS C 101 -10.56 10.83 1.59
CA CYS C 101 -11.72 10.97 2.50
C CYS C 101 -12.79 11.70 1.73
N VAL C 102 -13.97 11.06 1.60
CA VAL C 102 -15.02 11.61 0.73
C VAL C 102 -16.15 12.07 1.64
N PHE C 103 -16.47 13.36 1.61
CA PHE C 103 -17.45 13.95 2.53
C PHE C 103 -18.71 14.28 1.75
N VAL C 104 -19.84 13.76 2.20
CA VAL C 104 -21.08 13.98 1.46
C VAL C 104 -22.00 14.78 2.36
N SER C 105 -22.56 15.88 1.85
CA SER C 105 -23.41 16.72 2.69
C SER C 105 -24.30 17.59 1.83
N GLN C 106 -25.59 17.62 2.15
CA GLN C 106 -26.50 18.51 1.44
C GLN C 106 -26.14 19.96 1.76
N SER C 107 -26.08 20.29 3.03
CA SER C 107 -25.92 21.71 3.45
C SER C 107 -24.47 22.22 3.34
N GLY C 108 -23.53 21.28 3.43
CA GLY C 108 -22.10 21.65 3.52
C GLY C 108 -21.79 22.31 4.85
N GLU C 109 -22.70 22.24 5.83
CA GLU C 109 -22.51 22.93 7.13
C GLU C 109 -22.66 22.12 8.39
N THR C 110 -22.97 20.83 8.27
CA THR C 110 -23.28 20.04 9.44
C THR C 110 -22.07 19.94 10.37
N ALA C 111 -22.24 20.24 11.65
CA ALA C 111 -21.10 20.36 12.58
C ALA C 111 -20.22 19.13 12.60
N ASP C 112 -20.83 17.95 12.71
CA ASP C 112 -20.03 16.74 12.82
C ASP C 112 -19.19 16.47 11.54
N SER C 113 -19.76 16.79 10.38
CA SER C 113 -19.08 16.61 9.10
C SER C 113 -17.91 17.56 8.96
N ILE C 114 -18.14 18.80 9.36
CA ILE C 114 -17.05 19.78 9.38
C ILE C 114 -15.91 19.42 10.34
N LEU C 115 -16.26 18.97 11.55
CA LEU C 115 -15.24 18.53 12.50
C LEU C 115 -14.47 17.37 11.93
N ALA C 116 -15.17 16.42 11.31
CA ALA C 116 -14.46 15.27 10.74
C ALA C 116 -13.51 15.70 9.58
N LEU C 117 -13.97 16.64 8.76
CA LEU C 117 -13.19 17.16 7.66
C LEU C 117 -11.91 17.77 8.21
N GLN C 118 -12.04 18.57 9.25
CA GLN C 118 -10.85 19.20 9.87
C GLN C 118 -9.82 18.21 10.41
N TYR C 119 -10.31 17.12 10.97
CA TYR C 119 -9.48 16.04 11.48
C TYR C 119 -8.72 15.36 10.34
N CYS C 120 -9.41 15.08 9.22
CA CYS C 120 -8.77 14.48 8.06
C CYS C 120 -7.79 15.43 7.41
N LEU C 121 -8.17 16.70 7.30
CA LEU C 121 -7.27 17.68 6.66
C LEU C 121 -5.98 17.79 7.45
N GLU C 122 -6.08 17.88 8.77
CA GLU C 122 -4.90 18.03 9.66
C GLU C 122 -3.97 16.84 9.60
N ARG C 123 -4.53 15.67 9.30
CA ARG C 123 -3.76 14.45 9.15
C ARG C 123 -3.14 14.21 7.79
N GLY C 124 -3.39 15.12 6.84
CA GLY C 124 -2.74 15.10 5.52
C GLY C 124 -3.47 14.27 4.49
N ALA C 125 -4.67 13.82 4.81
CA ALA C 125 -5.44 13.05 3.79
C ALA C 125 -5.96 13.92 2.67
N LEU C 126 -6.23 13.29 1.53
CA LEU C 126 -6.84 13.96 0.39
C LEU C 126 -8.34 14.02 0.67
N THR C 127 -8.96 15.17 0.43
CA THR C 127 -10.40 15.28 0.84
C THR C 127 -11.22 15.64 -0.39
N VAL C 128 -12.41 15.04 -0.50
CA VAL C 128 -13.26 15.23 -1.65
C VAL C 128 -14.66 15.53 -1.13
N GLY C 129 -15.30 16.60 -1.64
CA GLY C 129 -16.66 16.97 -1.23
C GLY C 129 -17.67 16.57 -2.28
N ILE C 130 -18.84 16.11 -1.82
CA ILE C 130 -20.01 15.86 -2.72
C ILE C 130 -21.10 16.63 -2.00
N VAL C 131 -21.32 17.87 -2.43
CA VAL C 131 -22.11 18.85 -1.66
C VAL C 131 -23.18 19.53 -2.53
N ASN C 132 -24.32 19.87 -1.93
CA ASN C 132 -25.33 20.58 -2.68
C ASN C 132 -25.19 22.11 -2.57
N SER C 133 -24.85 22.63 -1.38
CA SER C 133 -24.75 24.08 -1.19
C SER C 133 -23.42 24.58 -1.72
N VAL C 134 -23.48 25.29 -2.83
CA VAL C 134 -22.27 25.76 -3.48
C VAL C 134 -21.52 26.78 -2.58
N GLY C 135 -20.22 26.60 -2.43
CA GLY C 135 -19.40 27.46 -1.55
C GLY C 135 -19.71 27.41 -0.05
N SER C 136 -20.38 26.34 0.39
CA SER C 136 -20.60 26.12 1.79
C SER C 136 -19.24 25.73 2.39
N SER C 137 -19.21 25.58 3.70
CA SER C 137 -17.95 25.31 4.44
C SER C 137 -17.31 24.06 3.89
N MET C 138 -18.11 23.00 3.77
CA MET C 138 -17.53 21.76 3.27
CA MET C 138 -17.59 21.73 3.25
C MET C 138 -17.05 21.86 1.81
N SER C 139 -17.74 22.63 0.96
CA SER C 139 -17.29 22.85 -0.41
C SER C 139 -15.93 23.60 -0.43
N ARG C 140 -15.85 24.71 0.31
CA ARG C 140 -14.60 25.47 0.35
C ARG C 140 -13.43 24.65 0.88
N GLN C 141 -13.66 23.93 1.97
CA GLN C 141 -12.58 23.27 2.74
C GLN C 141 -12.06 21.97 2.17
N THR C 142 -12.86 21.28 1.34
CA THR C 142 -12.36 20.07 0.68
C THR C 142 -11.38 20.43 -0.41
N HIS C 143 -10.46 19.54 -0.75
CA HIS C 143 -9.47 19.82 -1.81
C HIS C 143 -10.12 19.92 -3.19
N CYS C 144 -11.10 19.05 -3.45
CA CYS C 144 -11.83 19.04 -4.73
C CYS C 144 -13.22 18.45 -4.43
N GLY C 145 -14.09 18.42 -5.45
CA GLY C 145 -15.42 17.85 -5.18
C GLY C 145 -16.35 18.05 -6.32
N VAL C 146 -17.62 17.73 -6.07
CA VAL C 146 -18.65 17.80 -7.09
C VAL C 146 -19.79 18.50 -6.42
N HIS C 147 -20.24 19.63 -6.99
CA HIS C 147 -21.46 20.23 -6.50
C HIS C 147 -22.57 19.46 -7.21
N ILE C 148 -23.51 18.91 -6.46
CA ILE C 148 -24.47 17.99 -7.08
C ILE C 148 -25.54 18.71 -7.89
N ASN C 149 -25.66 20.02 -7.71
CA ASN C 149 -26.60 20.80 -8.60
C ASN C 149 -28.09 20.37 -8.50
N ALA C 150 -28.54 19.99 -7.31
CA ALA C 150 -29.95 19.62 -7.07
C ALA C 150 -30.89 20.81 -6.85
N GLY C 151 -30.35 21.98 -6.53
CA GLY C 151 -31.19 23.12 -6.18
C GLY C 151 -31.49 23.11 -4.68
N PRO C 152 -32.05 24.21 -4.14
CA PRO C 152 -32.27 24.31 -2.70
C PRO C 152 -33.36 23.38 -2.17
N GLU C 153 -33.18 22.88 -0.94
CA GLU C 153 -34.21 22.10 -0.26
C GLU C 153 -34.73 22.90 0.94
N ILE C 154 -36.04 23.00 1.02
CA ILE C 154 -36.67 23.71 2.11
C ILE C 154 -37.41 22.74 3.03
N GLY C 155 -37.72 21.54 2.51
CA GLY C 155 -38.25 20.44 3.33
C GLY C 155 -37.30 20.16 4.47
N VAL C 156 -37.83 19.74 5.62
CA VAL C 156 -37.01 19.58 6.83
C VAL C 156 -36.10 18.35 6.70
N ALA C 157 -36.46 17.46 5.78
CA ALA C 157 -35.70 16.24 5.51
C ALA C 157 -35.31 16.20 4.04
N SER C 158 -34.21 15.51 3.76
CA SER C 158 -33.65 15.49 2.42
C SER C 158 -34.36 14.49 1.50
N THR C 159 -34.80 14.96 0.33
CA THR C 159 -35.43 14.06 -0.66
C THR C 159 -34.65 14.10 -1.94
N LYS C 160 -34.75 15.20 -2.70
CA LYS C 160 -34.03 15.24 -3.99
C LYS C 160 -32.52 15.28 -3.78
N ALA C 161 -32.07 15.76 -2.63
CA ALA C 161 -30.62 15.76 -2.44
C ALA C 161 -30.10 14.34 -2.20
N TYR C 162 -30.94 13.45 -1.67
CA TYR C 162 -30.54 12.05 -1.54
C TYR C 162 -30.33 11.39 -2.89
N THR C 163 -31.33 11.47 -3.77
CA THR C 163 -31.16 10.91 -5.10
C THR C 163 -30.08 11.59 -5.89
N SER C 164 -29.91 12.91 -5.73
CA SER C 164 -28.87 13.58 -6.46
C SER C 164 -27.46 13.20 -5.94
N GLN C 165 -27.31 13.06 -4.63
CA GLN C 165 -26.02 12.64 -4.01
C GLN C 165 -25.65 11.27 -4.48
N TYR C 166 -26.63 10.37 -4.42
CA TYR C 166 -26.44 9.01 -4.89
C TYR C 166 -26.00 8.99 -6.36
N ILE C 167 -26.67 9.77 -7.23
CA ILE C 167 -26.22 9.86 -8.64
C ILE C 167 -24.79 10.41 -8.76
N ALA C 168 -24.51 11.48 -8.02
CA ALA C 168 -23.14 12.06 -8.07
C ALA C 168 -22.10 11.04 -7.63
N LEU C 169 -22.41 10.27 -6.58
CA LEU C 169 -21.52 9.24 -6.12
C LEU C 169 -21.33 8.14 -7.17
N VAL C 170 -22.40 7.75 -7.85
CA VAL C 170 -22.22 6.75 -8.91
C VAL C 170 -21.33 7.32 -10.04
N MET C 171 -21.52 8.60 -10.38
CA MET C 171 -20.71 9.21 -11.44
C MET C 171 -19.24 9.25 -11.02
N PHE C 172 -18.98 9.48 -9.73
CA PHE C 172 -17.60 9.51 -9.21
C PHE C 172 -16.99 8.12 -9.31
N ALA C 173 -17.74 7.10 -8.94
CA ALA C 173 -17.22 5.73 -9.11
C ALA C 173 -16.92 5.39 -10.59
N LEU C 174 -17.82 5.78 -11.50
CA LEU C 174 -17.62 5.59 -12.94
C LEU C 174 -16.36 6.31 -13.38
N SER C 175 -16.18 7.55 -12.90
CA SER C 175 -14.97 8.33 -13.25
C SER C 175 -13.68 7.65 -12.79
N LEU C 176 -13.70 7.10 -11.57
CA LEU C 176 -12.52 6.39 -11.06
C LEU C 176 -12.17 5.13 -11.86
N SER C 177 -13.17 4.54 -12.49
CA SER C 177 -12.95 3.27 -13.19
C SER C 177 -12.98 3.39 -14.70
N ASN C 178 -12.81 4.61 -15.21
CA ASN C 178 -13.05 4.85 -16.63
C ASN C 178 -11.88 4.43 -17.51
N ASP C 179 -10.79 3.96 -16.89
CA ASP C 179 -9.65 3.41 -17.65
C ASP C 179 -9.59 1.88 -17.78
N SER C 180 -10.63 1.18 -17.33
CA SER C 180 -10.61 -0.25 -17.27
C SER C 180 -11.36 -0.88 -18.44
N ILE C 181 -10.65 -1.70 -19.21
CA ILE C 181 -11.27 -2.44 -20.30
C ILE C 181 -12.33 -3.44 -19.82
N SER C 182 -12.00 -4.19 -18.76
CA SER C 182 -12.87 -5.22 -18.20
C SER C 182 -14.19 -4.64 -17.66
N ARG C 183 -14.18 -3.36 -17.25
CA ARG C 183 -15.34 -2.64 -16.64
C ARG C 183 -16.22 -1.99 -17.68
N LYS C 184 -15.77 -2.00 -18.93
CA LYS C 184 -16.45 -1.25 -19.96
C LYS C 184 -17.93 -1.58 -20.06
N GLY C 185 -18.26 -2.86 -20.14
CA GLY C 185 -19.66 -3.28 -20.36
C GLY C 185 -20.54 -2.85 -19.17
N ARG C 186 -19.99 -3.00 -17.97
CA ARG C 186 -20.66 -2.57 -16.73
C ARG C 186 -20.83 -1.04 -16.69
N HIS C 187 -19.79 -0.30 -17.07
CA HIS C 187 -19.91 1.12 -17.27
C HIS C 187 -21.02 1.50 -18.19
N GLU C 188 -21.04 0.89 -19.37
CA GLU C 188 -22.05 1.24 -20.32
C GLU C 188 -23.43 0.93 -19.76
N GLU C 189 -23.57 -0.23 -19.14
CA GLU C 189 -24.84 -0.65 -18.55
C GLU C 189 -25.35 0.42 -17.60
N ILE C 190 -24.48 0.87 -16.70
CA ILE C 190 -24.88 1.87 -15.69
C ILE C 190 -25.22 3.22 -16.32
N ILE C 191 -24.40 3.69 -17.25
CA ILE C 191 -24.68 4.96 -17.91
C ILE C 191 -25.99 4.93 -18.71
N LYS C 192 -26.24 3.86 -19.47
CA LYS C 192 -27.51 3.76 -20.17
C LYS C 192 -28.67 3.75 -19.18
N GLY C 193 -28.45 3.09 -18.04
CA GLY C 193 -29.39 3.07 -16.92
C GLY C 193 -29.66 4.46 -16.39
N LEU C 194 -28.60 5.20 -16.07
CA LEU C 194 -28.76 6.56 -15.56
C LEU C 194 -29.56 7.45 -16.50
N GLN C 195 -29.36 7.31 -17.81
CA GLN C 195 -30.11 8.10 -18.77
C GLN C 195 -31.61 7.99 -18.58
N LYS C 196 -32.07 6.77 -18.22
CA LYS C 196 -33.50 6.46 -18.06
C LYS C 196 -34.05 6.76 -16.71
N ILE C 197 -33.18 7.08 -15.74
CA ILE C 197 -33.65 7.36 -14.39
C ILE C 197 -34.67 8.50 -14.27
N PRO C 198 -34.42 9.67 -14.89
CA PRO C 198 -35.41 10.74 -14.72
C PRO C 198 -36.85 10.35 -15.15
N GLU C 199 -37.01 9.69 -16.28
CA GLU C 199 -38.35 9.28 -16.73
C GLU C 199 -38.92 8.18 -15.81
N GLN C 200 -38.07 7.27 -15.34
CA GLN C 200 -38.54 6.25 -14.38
C GLN C 200 -38.98 6.86 -13.05
N ILE C 201 -38.27 7.88 -12.57
CA ILE C 201 -38.79 8.56 -11.37
C ILE C 201 -40.19 9.17 -11.64
N LYS C 202 -40.36 9.80 -12.80
CA LYS C 202 -41.71 10.29 -13.22
C LYS C 202 -42.76 9.20 -13.06
N GLN C 203 -42.43 7.99 -13.49
CA GLN C 203 -43.33 6.80 -13.39
C GLN C 203 -43.61 6.39 -11.96
N VAL C 204 -42.55 6.31 -11.13
CA VAL C 204 -42.75 5.96 -9.72
C VAL C 204 -43.62 6.97 -8.99
N LEU C 205 -43.54 8.23 -9.38
CA LEU C 205 -44.28 9.28 -8.67
C LEU C 205 -45.79 9.09 -8.87
N LYS C 206 -46.15 8.27 -9.84
CA LYS C 206 -47.57 7.98 -10.11
C LYS C 206 -48.18 7.04 -9.10
N LEU C 207 -47.36 6.49 -8.23
CA LEU C 207 -47.85 5.70 -7.09
C LEU C 207 -48.47 6.53 -5.98
N GLU C 208 -48.41 7.85 -6.07
CA GLU C 208 -48.79 8.67 -4.92
C GLU C 208 -50.23 8.38 -4.45
N ASN C 209 -51.18 8.35 -5.39
CA ASN C 209 -52.58 8.09 -5.01
C ASN C 209 -52.75 6.79 -4.25
N LYS C 210 -52.14 5.71 -4.76
CA LYS C 210 -52.13 4.40 -4.08
C LYS C 210 -51.48 4.50 -2.69
N ILE C 211 -50.41 5.27 -2.59
CA ILE C 211 -49.75 5.54 -1.29
C ILE C 211 -50.63 6.34 -0.30
N LYS C 212 -51.29 7.39 -0.79
CA LYS C 212 -52.28 8.12 0.03
C LYS C 212 -53.39 7.21 0.53
N ASP C 213 -53.88 6.31 -0.35
CA ASP C 213 -54.89 5.29 0.04
C ASP C 213 -54.37 4.39 1.15
N LEU C 214 -53.12 3.92 0.97
CA LEU C 214 -52.49 3.04 1.94
C LEU C 214 -52.31 3.73 3.29
N CYS C 215 -51.90 5.00 3.29
CA CYS C 215 -51.72 5.73 4.54
C CYS C 215 -53.07 5.89 5.25
N ASN C 216 -54.05 6.31 4.46
CA ASN C 216 -55.40 6.50 4.97
C ASN C 216 -56.11 5.25 5.44
N SER C 217 -55.82 4.12 4.80
CA SER C 217 -56.47 2.87 5.13
C SER C 217 -55.72 2.03 6.17
N SER C 218 -54.40 2.18 6.24
CA SER C 218 -53.61 1.17 6.92
C SER C 218 -52.45 1.67 7.79
N LEU C 219 -52.08 2.94 7.65
CA LEU C 219 -50.84 3.40 8.26
C LEU C 219 -50.97 4.55 9.26
N ASN C 220 -51.91 5.46 9.04
CA ASN C 220 -52.00 6.71 9.84
C ASN C 220 -52.02 6.46 11.36
N ASP C 221 -52.80 5.46 11.76
CA ASP C 221 -53.07 5.18 13.18
C ASP C 221 -51.92 4.45 13.89
N GLN C 222 -50.85 4.19 13.14
CA GLN C 222 -49.80 3.25 13.57
C GLN C 222 -48.73 3.93 14.40
N LYS C 223 -48.11 3.18 15.30
CA LYS C 223 -47.11 3.75 16.19
C LYS C 223 -45.66 3.49 15.73
N SER C 224 -45.47 2.46 14.88
CA SER C 224 -44.17 2.08 14.37
C SER C 224 -44.33 1.43 13.01
N LEU C 225 -43.26 1.40 12.21
CA LEU C 225 -43.22 0.45 11.10
C LEU C 225 -41.81 0.01 10.77
N LEU C 226 -41.71 -1.22 10.31
CA LEU C 226 -40.43 -1.87 10.08
C LEU C 226 -40.19 -1.94 8.59
N LEU C 227 -38.96 -1.64 8.17
CA LEU C 227 -38.59 -1.82 6.78
C LEU C 227 -37.58 -2.96 6.66
N LEU C 228 -37.84 -3.93 5.77
CA LEU C 228 -36.91 -5.03 5.57
C LEU C 228 -36.14 -4.90 4.27
N GLY C 229 -34.81 -5.00 4.34
CA GLY C 229 -34.03 -4.88 3.08
C GLY C 229 -32.68 -5.59 3.24
N ARG C 230 -32.08 -5.94 2.12
CA ARG C 230 -30.77 -6.57 2.15
C ARG C 230 -30.00 -6.09 0.90
N GLY C 231 -28.68 -6.25 0.92
CA GLY C 231 -27.85 -5.92 -0.26
C GLY C 231 -27.98 -4.46 -0.64
N TYR C 232 -28.15 -4.17 -1.93
CA TYR C 232 -28.35 -2.78 -2.37
C TYR C 232 -29.48 -2.05 -1.63
N GLN C 233 -30.54 -2.78 -1.28
CA GLN C 233 -31.69 -2.14 -0.63
C GLN C 233 -31.62 -1.99 0.91
N PHE C 234 -30.54 -2.44 1.55
CA PHE C 234 -30.42 -2.16 2.98
C PHE C 234 -30.35 -0.66 3.25
N ALA C 235 -29.52 0.08 2.49
CA ALA C 235 -29.48 1.55 2.67
C ALA C 235 -30.88 2.17 2.50
N THR C 236 -31.65 1.63 1.55
CA THR C 236 -33.00 2.18 1.29
C THR C 236 -33.88 1.97 2.53
N ALA C 237 -33.76 0.79 3.16
CA ALA C 237 -34.51 0.47 4.37
C ALA C 237 -34.12 1.42 5.52
N LEU C 238 -32.82 1.67 5.70
CA LEU C 238 -32.38 2.63 6.72
C LEU C 238 -32.87 4.06 6.42
N GLU C 239 -32.83 4.49 5.15
CA GLU C 239 -33.25 5.85 4.80
C GLU C 239 -34.77 5.98 4.96
N GLY C 240 -35.47 4.93 4.57
CA GLY C 240 -36.95 4.98 4.76
C GLY C 240 -37.28 5.11 6.25
N ALA C 241 -36.60 4.32 7.09
CA ALA C 241 -36.75 4.41 8.55
C ALA C 241 -36.47 5.85 9.06
N LEU C 242 -35.35 6.44 8.62
CA LEU C 242 -35.02 7.81 9.00
C LEU C 242 -36.09 8.82 8.58
N LYS C 243 -36.63 8.68 7.37
CA LYS C 243 -37.64 9.59 6.88
C LYS C 243 -38.90 9.50 7.76
N ILE C 244 -39.31 8.28 8.08
CA ILE C 244 -40.51 8.08 8.90
C ILE C 244 -40.29 8.66 10.30
N LYS C 245 -39.11 8.43 10.87
CA LYS C 245 -38.75 9.05 12.16
C LYS C 245 -38.67 10.57 12.14
N GLU C 246 -37.95 11.15 11.18
CA GLU C 246 -37.75 12.60 11.15
C GLU C 246 -38.93 13.39 10.65
N ILE C 247 -39.60 12.89 9.62
CA ILE C 247 -40.71 13.61 8.98
C ILE C 247 -42.02 13.32 9.74
N SER C 248 -42.32 12.03 9.95
CA SER C 248 -43.66 11.59 10.39
C SER C 248 -43.81 11.47 11.90
N TYR C 249 -42.71 11.53 12.64
CA TYR C 249 -42.74 11.33 14.09
C TYR C 249 -43.41 10.01 14.49
N MET C 250 -43.04 8.95 13.78
CA MET C 250 -43.51 7.62 14.10
C MET C 250 -42.24 6.80 14.28
N HIS C 251 -42.26 5.78 15.12
CA HIS C 251 -41.05 4.99 15.25
C HIS C 251 -40.85 4.16 13.99
N SER C 252 -39.60 3.86 13.65
CA SER C 252 -39.37 3.02 12.49
C SER C 252 -37.98 2.41 12.62
N GLU C 253 -37.79 1.22 12.09
CA GLU C 253 -36.46 0.59 12.12
C GLU C 253 -36.21 -0.09 10.79
N GLY C 254 -35.02 0.12 10.22
CA GLY C 254 -34.55 -0.65 9.07
C GLY C 254 -33.87 -1.92 9.53
N VAL C 255 -34.30 -3.07 9.03
CA VAL C 255 -33.86 -4.37 9.50
C VAL C 255 -33.17 -5.10 8.36
N LEU C 256 -31.99 -5.67 8.62
CA LEU C 256 -31.38 -6.53 7.59
C LEU C 256 -32.21 -7.84 7.43
N ALA C 257 -32.89 -7.98 6.30
CA ALA C 257 -33.92 -9.01 6.14
C ALA C 257 -33.38 -10.43 6.32
N GLY C 258 -34.02 -11.20 7.20
CA GLY C 258 -33.72 -12.61 7.38
C GLY C 258 -32.40 -12.85 8.08
N GLU C 259 -31.78 -11.80 8.64
CA GLU C 259 -30.49 -12.00 9.32
C GLU C 259 -30.70 -12.86 10.57
N LEU C 260 -31.73 -12.53 11.36
CA LEU C 260 -32.05 -13.33 12.55
C LEU C 260 -33.26 -14.22 12.32
N LYS C 261 -33.14 -15.50 12.67
CA LYS C 261 -34.30 -16.42 12.60
C LYS C 261 -35.33 -16.08 13.69
N HIS C 262 -34.83 -15.59 14.82
CA HIS C 262 -35.65 -15.30 15.99
C HIS C 262 -35.52 -13.85 16.48
N GLY C 263 -35.19 -12.96 15.55
CA GLY C 263 -35.07 -11.53 15.82
C GLY C 263 -36.43 -10.87 15.83
N ILE C 264 -36.47 -9.61 15.39
CA ILE C 264 -37.68 -8.79 15.50
C ILE C 264 -38.94 -9.42 14.84
N LEU C 265 -38.74 -10.09 13.71
CA LEU C 265 -39.85 -10.68 12.97
C LEU C 265 -40.57 -11.81 13.71
N ALA C 266 -39.82 -12.54 14.53
CA ALA C 266 -40.40 -13.55 15.42
C ALA C 266 -41.26 -12.90 16.52
N LEU C 267 -41.23 -11.57 16.61
CA LEU C 267 -41.84 -10.81 17.71
C LEU C 267 -42.99 -9.91 17.26
N VAL C 268 -43.04 -9.62 15.96
CA VAL C 268 -44.03 -8.70 15.39
C VAL C 268 -45.50 -9.16 15.56
N ASP C 269 -46.39 -8.17 15.56
CA ASP C 269 -47.84 -8.35 15.56
C ASP C 269 -48.29 -8.64 14.12
N GLU C 270 -49.57 -8.97 13.95
CA GLU C 270 -50.15 -9.11 12.61
C GLU C 270 -50.67 -7.78 12.05
N ASP C 271 -50.55 -6.72 12.86
CA ASP C 271 -51.02 -5.39 12.44
C ASP C 271 -49.92 -4.31 12.40
N LEU C 272 -48.74 -4.64 12.92
CA LEU C 272 -47.58 -3.77 12.74
C LEU C 272 -47.28 -3.72 11.24
N PRO C 273 -47.20 -2.50 10.67
CA PRO C 273 -46.91 -2.35 9.24
C PRO C 273 -45.47 -2.73 8.92
N ILE C 274 -45.31 -3.55 7.89
CA ILE C 274 -43.97 -3.99 7.47
C ILE C 274 -43.79 -3.77 5.97
N ILE C 275 -42.72 -3.05 5.60
CA ILE C 275 -42.41 -2.83 4.21
C ILE C 275 -41.18 -3.67 3.89
N ALA C 276 -41.23 -4.38 2.77
CA ALA C 276 -40.14 -5.22 2.32
C ALA C 276 -39.71 -4.82 0.92
N PHE C 277 -38.40 -4.61 0.76
CA PHE C 277 -37.83 -4.38 -0.54
C PHE C 277 -37.52 -5.72 -1.20
N ALA C 278 -38.19 -5.98 -2.32
CA ALA C 278 -38.09 -7.26 -2.99
C ALA C 278 -37.89 -7.06 -4.49
N THR C 279 -37.25 -5.95 -4.87
CA THR C 279 -36.84 -5.77 -6.23
C THR C 279 -35.75 -6.77 -6.57
N ARG C 280 -35.64 -7.11 -7.85
CA ARG C 280 -34.79 -8.19 -8.30
C ARG C 280 -33.33 -8.09 -7.88
N ASP C 281 -32.81 -6.86 -7.82
CA ASP C 281 -31.41 -6.62 -7.48
C ASP C 281 -31.09 -7.07 -6.07
N SER C 282 -32.12 -7.19 -5.21
CA SER C 282 -31.89 -7.51 -3.77
C SER C 282 -32.85 -8.59 -3.30
N LEU C 283 -33.23 -9.47 -4.20
CA LEU C 283 -34.17 -10.54 -3.87
C LEU C 283 -33.43 -11.81 -3.42
N PHE C 284 -32.87 -11.75 -2.23
CA PHE C 284 -32.03 -12.84 -1.72
C PHE C 284 -32.93 -13.87 -1.08
N PRO C 285 -32.47 -15.13 -0.97
CA PRO C 285 -33.22 -16.11 -0.17
C PRO C 285 -33.64 -15.64 1.23
N LYS C 286 -32.74 -14.91 1.92
CA LYS C 286 -33.03 -14.42 3.26
C LYS C 286 -34.15 -13.41 3.24
N VAL C 287 -34.31 -12.69 2.13
CA VAL C 287 -35.41 -11.74 2.01
C VAL C 287 -36.73 -12.52 1.87
N MET C 288 -36.71 -13.55 1.01
CA MET C 288 -37.90 -14.41 0.83
C MET C 288 -38.29 -15.08 2.14
N SER C 289 -37.31 -15.60 2.89
CA SER C 289 -37.56 -16.22 4.21
C SER C 289 -38.21 -15.23 5.19
N ALA C 290 -37.65 -14.03 5.30
CA ALA C 290 -38.27 -12.95 6.10
C ALA C 290 -39.73 -12.66 5.73
N ILE C 291 -39.99 -12.51 4.44
CA ILE C 291 -41.34 -12.20 4.00
C ILE C 291 -42.24 -13.36 4.45
N GLU C 292 -41.73 -14.57 4.28
CA GLU C 292 -42.52 -15.76 4.58
C GLU C 292 -42.81 -15.85 6.08
N GLN C 293 -41.85 -15.44 6.90
CA GLN C 293 -42.01 -15.42 8.35
C GLN C 293 -43.07 -14.41 8.73
N VAL C 294 -43.24 -13.39 7.91
CA VAL C 294 -44.29 -12.41 8.15
C VAL C 294 -45.68 -12.95 7.76
N THR C 295 -45.83 -13.43 6.52
CA THR C 295 -47.14 -13.87 6.02
C THR C 295 -47.71 -15.06 6.80
N ALA C 296 -46.82 -15.91 7.30
CA ALA C 296 -47.18 -17.05 8.13
C ALA C 296 -47.77 -16.57 9.47
N ARG C 297 -47.18 -15.52 10.04
CA ARG C 297 -47.71 -14.92 11.28
C ARG C 297 -48.97 -14.09 11.04
N ASP C 298 -49.48 -14.12 9.81
CA ASP C 298 -50.62 -13.28 9.40
C ASP C 298 -50.40 -11.78 9.34
N GLY C 299 -49.13 -11.36 9.41
CA GLY C 299 -48.75 -10.01 9.01
C GLY C 299 -49.02 -9.94 7.52
N ARG C 300 -49.40 -8.76 7.04
CA ARG C 300 -49.59 -8.56 5.62
C ARG C 300 -48.59 -7.53 5.11
N PRO C 301 -47.45 -7.99 4.57
CA PRO C 301 -46.39 -7.02 4.24
C PRO C 301 -46.74 -6.12 3.06
N ILE C 302 -46.12 -4.94 3.01
CA ILE C 302 -46.19 -4.04 1.86
C ILE C 302 -44.92 -4.29 1.08
N VAL C 303 -45.08 -4.78 -0.14
CA VAL C 303 -43.94 -5.30 -0.91
C VAL C 303 -43.59 -4.31 -2.02
N ILE C 304 -42.37 -3.74 -1.95
CA ILE C 304 -41.90 -2.91 -3.04
C ILE C 304 -41.14 -3.87 -3.95
N CYS C 305 -41.56 -3.96 -5.21
CA CYS C 305 -41.03 -4.95 -6.12
C CYS C 305 -41.09 -4.45 -7.55
N ASN C 306 -40.42 -5.12 -8.48
CA ASN C 306 -40.44 -4.70 -9.88
C ASN C 306 -41.75 -5.06 -10.57
N GLU C 307 -42.11 -4.20 -11.50
CA GLU C 307 -43.34 -4.31 -12.31
C GLU C 307 -43.48 -5.72 -12.84
N GLY C 308 -44.61 -6.34 -12.54
CA GLY C 308 -44.94 -7.66 -13.05
C GLY C 308 -44.63 -8.82 -12.13
N ASP C 309 -43.77 -8.58 -11.14
CA ASP C 309 -43.29 -9.66 -10.26
C ASP C 309 -44.31 -9.96 -9.17
N ALA C 310 -44.57 -11.25 -8.95
CA ALA C 310 -45.43 -11.68 -7.85
C ALA C 310 -44.53 -12.36 -6.82
N ILE C 311 -44.22 -11.62 -5.76
CA ILE C 311 -43.28 -12.06 -4.75
C ILE C 311 -43.95 -13.04 -3.77
N ILE C 312 -45.20 -12.75 -3.40
CA ILE C 312 -46.01 -13.64 -2.55
C ILE C 312 -47.21 -14.15 -3.36
N SER C 313 -47.77 -15.28 -2.94
CA SER C 313 -49.06 -15.77 -3.46
C SER C 313 -50.15 -14.73 -3.24
N ASN C 314 -51.07 -14.64 -4.20
CA ASN C 314 -52.35 -13.95 -4.03
C ASN C 314 -53.19 -14.62 -2.92
N ASP C 315 -52.83 -15.86 -2.58
CA ASP C 315 -53.44 -16.56 -1.45
C ASP C 315 -53.10 -15.83 -0.16
N LYS C 316 -51.84 -15.43 -0.05
CA LYS C 316 -51.35 -14.75 1.15
C LYS C 316 -51.47 -13.25 0.97
N VAL C 317 -52.26 -12.63 1.85
CA VAL C 317 -52.63 -11.21 1.77
C VAL C 317 -51.44 -10.22 1.93
N HIS C 318 -51.32 -9.29 0.97
CA HIS C 318 -50.28 -8.27 0.98
C HIS C 318 -50.59 -7.09 0.04
N THR C 319 -49.98 -5.93 0.31
CA THR C 319 -50.05 -4.73 -0.56
C THR C 319 -48.76 -4.64 -1.38
N THR C 320 -48.89 -4.27 -2.66
CA THR C 320 -47.78 -4.21 -3.62
C THR C 320 -47.57 -2.79 -4.12
N LEU C 321 -46.31 -2.32 -4.15
CA LEU C 321 -45.99 -1.06 -4.77
C LEU C 321 -44.95 -1.41 -5.81
N GLU C 322 -45.38 -1.40 -7.07
CA GLU C 322 -44.51 -1.79 -8.15
C GLU C 322 -43.69 -0.62 -8.67
N VAL C 323 -42.42 -0.87 -8.95
CA VAL C 323 -41.52 0.16 -9.49
C VAL C 323 -40.81 -0.40 -10.72
N PRO C 324 -40.41 0.47 -11.66
CA PRO C 324 -39.66 0.00 -12.80
C PRO C 324 -38.34 -0.69 -12.39
N GLU C 325 -37.89 -1.62 -13.25
CA GLU C 325 -36.60 -2.27 -13.06
C GLU C 325 -35.52 -1.41 -13.70
N THR C 326 -34.50 -1.06 -12.92
CA THR C 326 -33.34 -0.40 -13.50
C THR C 326 -32.11 -1.31 -13.24
N VAL C 327 -30.91 -0.82 -13.59
CA VAL C 327 -29.67 -1.52 -13.28
C VAL C 327 -29.60 -1.74 -11.76
N ASP C 328 -29.06 -2.88 -11.34
CA ASP C 328 -29.12 -3.28 -9.92
C ASP C 328 -28.64 -2.15 -9.01
N CYS C 329 -27.48 -1.59 -9.31
CA CYS C 329 -26.92 -0.58 -8.39
C CYS C 329 -27.66 0.78 -8.42
N LEU C 330 -28.65 0.96 -9.33
CA LEU C 330 -29.42 2.16 -9.46
C LEU C 330 -30.84 1.98 -8.86
N GLN C 331 -31.24 0.74 -8.57
CA GLN C 331 -32.62 0.49 -8.15
C GLN C 331 -33.00 1.26 -6.88
N GLY C 332 -32.03 1.50 -5.98
CA GLY C 332 -32.32 2.33 -4.79
C GLY C 332 -32.80 3.74 -5.11
N LEU C 333 -32.45 4.28 -6.30
CA LEU C 333 -32.93 5.60 -6.66
C LEU C 333 -34.44 5.63 -6.84
N LEU C 334 -34.97 4.53 -7.37
CA LEU C 334 -36.45 4.43 -7.54
C LEU C 334 -37.11 3.94 -6.27
N ASN C 335 -36.47 2.99 -5.58
CA ASN C 335 -37.10 2.36 -4.40
C ASN C 335 -37.30 3.33 -3.25
N VAL C 336 -36.45 4.37 -3.18
CA VAL C 336 -36.59 5.34 -2.07
C VAL C 336 -37.83 6.23 -2.22
N ILE C 337 -38.33 6.39 -3.43
CA ILE C 337 -39.34 7.41 -3.73
C ILE C 337 -40.66 7.06 -3.01
N PRO C 338 -41.12 5.79 -3.08
CA PRO C 338 -42.35 5.49 -2.30
C PRO C 338 -42.19 5.77 -0.81
N LEU C 339 -40.98 5.63 -0.26
CA LEU C 339 -40.77 5.94 1.14
C LEU C 339 -40.83 7.42 1.48
N GLN C 340 -40.35 8.25 0.56
CA GLN C 340 -40.41 9.70 0.72
C GLN C 340 -41.90 10.11 0.77
N LEU C 341 -42.64 9.56 -0.18
CA LEU C 341 -44.08 9.89 -0.29
C LEU C 341 -44.86 9.35 0.89
N ILE C 342 -44.55 8.13 1.33
CA ILE C 342 -45.20 7.61 2.55
C ILE C 342 -44.94 8.51 3.75
N SER C 343 -43.67 8.83 4.02
CA SER C 343 -43.37 9.67 5.18
C SER C 343 -44.04 11.04 5.08
N TYR C 344 -44.06 11.61 3.89
CA TYR C 344 -44.70 12.90 3.70
C TYR C 344 -46.19 12.80 4.06
N TRP C 345 -46.89 11.81 3.52
CA TRP C 345 -48.35 11.71 3.75
C TRP C 345 -48.72 11.35 5.18
N LEU C 346 -47.85 10.57 5.83
CA LEU C 346 -48.05 10.26 7.23
C LEU C 346 -47.95 11.54 8.04
N ALA C 347 -46.95 12.38 7.78
CA ALA C 347 -46.78 13.65 8.49
C ALA C 347 -47.96 14.62 8.31
N VAL C 348 -48.38 14.82 7.07
CA VAL C 348 -49.43 15.81 6.79
C VAL C 348 -50.79 15.35 7.34
N ASN C 349 -51.06 14.05 7.22
CA ASN C 349 -52.24 13.45 7.84
C ASN C 349 -52.25 13.57 9.37
N ARG C 350 -51.15 14.02 9.96
CA ARG C 350 -51.07 14.26 11.41
C ARG C 350 -50.83 15.74 11.70
N GLY C 351 -51.10 16.59 10.72
CA GLY C 351 -50.96 18.01 10.85
C GLY C 351 -49.54 18.46 11.16
N ILE C 352 -48.55 17.60 10.86
CA ILE C 352 -47.14 17.95 11.04
C ILE C 352 -46.65 18.79 9.86
N ASP C 353 -45.99 19.91 10.14
CA ASP C 353 -45.37 20.70 9.08
C ASP C 353 -44.11 19.96 8.59
N VAL C 354 -43.88 20.00 7.29
CA VAL C 354 -42.71 19.32 6.73
C VAL C 354 -41.64 20.28 6.18
N ASP C 355 -41.91 21.59 6.24
CA ASP C 355 -41.05 22.62 5.66
C ASP C 355 -40.36 23.48 6.72
N PRO D 4 -25.37 -25.15 41.24
CA PRO D 4 -26.59 -24.53 41.77
C PRO D 4 -27.29 -23.58 40.79
N TYR D 5 -27.16 -23.81 39.48
CA TYR D 5 -27.79 -22.92 38.49
C TYR D 5 -29.08 -23.50 37.86
N LYS D 6 -30.05 -22.62 37.58
CA LYS D 6 -31.32 -23.02 36.95
C LYS D 6 -31.11 -23.42 35.49
N HIS D 7 -30.29 -22.66 34.76
CA HIS D 7 -30.09 -22.90 33.34
C HIS D 7 -28.61 -22.87 33.00
N PHE D 8 -28.24 -23.50 31.88
CA PHE D 8 -26.89 -23.41 31.35
C PHE D 8 -26.55 -21.96 31.01
N MET D 9 -27.50 -21.19 30.47
CA MET D 9 -27.20 -19.77 30.28
C MET D 9 -26.73 -19.10 31.57
N GLN D 10 -27.42 -19.27 32.69
CA GLN D 10 -27.04 -18.61 33.95
C GLN D 10 -25.65 -19.10 34.43
N LYS D 11 -25.43 -20.40 34.38
CA LYS D 11 -24.12 -20.97 34.69
C LYS D 11 -22.99 -20.29 33.88
N GLU D 12 -23.27 -20.11 32.60
CA GLU D 12 -22.29 -19.60 31.65
C GLU D 12 -22.01 -18.14 31.88
N ILE D 13 -23.04 -17.35 32.22
CA ILE D 13 -22.82 -15.99 32.66
C ILE D 13 -21.93 -15.98 33.90
N PHE D 14 -22.21 -16.87 34.85
CA PHE D 14 -21.50 -16.83 36.13
C PHE D 14 -20.11 -17.44 36.03
N GLU D 15 -19.87 -18.18 34.96
CA GLU D 15 -18.56 -18.78 34.65
C GLU D 15 -17.55 -17.74 34.13
N GLN D 16 -17.99 -16.53 33.83
CA GLN D 16 -17.13 -15.57 33.10
C GLN D 16 -15.82 -15.17 33.82
N PRO D 17 -15.82 -15.06 35.17
CA PRO D 17 -14.53 -14.83 35.82
C PRO D 17 -13.51 -15.90 35.44
N ASP D 18 -13.97 -17.16 35.39
CA ASP D 18 -13.09 -18.26 35.02
C ASP D 18 -12.76 -18.32 33.52
N SER D 19 -13.75 -18.09 32.66
CA SER D 19 -13.49 -18.12 31.23
C SER D 19 -12.60 -16.94 30.81
N ALA D 20 -12.77 -15.77 31.43
CA ALA D 20 -11.93 -14.61 31.09
C ALA D 20 -10.50 -14.97 31.50
N PHE D 21 -10.36 -15.58 32.68
CA PHE D 21 -9.02 -15.98 33.19
C PHE D 21 -8.41 -17.05 32.27
N ASN D 22 -9.21 -18.05 31.90
CA ASN D 22 -8.74 -19.11 31.01
C ASN D 22 -8.29 -18.62 29.63
N THR D 23 -8.97 -17.61 29.11
CA THR D 23 -8.62 -17.08 27.80
C THR D 23 -7.21 -16.47 27.85
N MET D 24 -6.86 -15.87 28.97
CA MET D 24 -5.56 -15.19 29.16
C MET D 24 -4.47 -16.15 29.60
N ARG D 25 -4.87 -17.32 30.10
CA ARG D 25 -3.96 -18.25 30.78
C ARG D 25 -2.81 -18.67 29.89
N GLY D 26 -1.59 -18.46 30.36
CA GLY D 26 -0.42 -18.87 29.54
C GLY D 26 -0.05 -17.88 28.45
N ARG D 27 -0.77 -16.76 28.37
CA ARG D 27 -0.61 -15.82 27.24
C ARG D 27 -0.25 -14.40 27.62
N ILE D 28 -0.43 -14.08 28.88
CA ILE D 28 -0.04 -12.78 29.35
C ILE D 28 0.87 -12.93 30.57
N ASP D 29 2.01 -12.27 30.51
CA ASP D 29 2.88 -12.16 31.63
C ASP D 29 2.55 -10.78 32.17
N PHE D 30 1.87 -10.76 33.32
CA PHE D 30 1.32 -9.53 33.85
C PHE D 30 2.38 -8.72 34.56
N GLU D 31 3.43 -9.40 35.02
CA GLU D 31 4.60 -8.74 35.64
C GLU D 31 5.40 -7.94 34.62
N ASN D 32 5.80 -8.59 33.52
CA ASN D 32 6.61 -7.91 32.50
C ASN D 32 5.78 -7.29 31.38
N CYS D 33 4.45 -7.46 31.47
CA CYS D 33 3.53 -6.89 30.50
C CYS D 33 3.85 -7.39 29.09
N VAL D 34 3.85 -8.71 28.94
CA VAL D 34 4.12 -9.34 27.62
C VAL D 34 3.01 -10.27 27.22
N VAL D 35 2.46 -10.07 26.02
CA VAL D 35 1.44 -10.99 25.49
C VAL D 35 2.06 -11.92 24.48
N THR D 36 1.82 -13.21 24.62
CA THR D 36 2.36 -14.19 23.68
C THR D 36 1.27 -15.13 23.24
N LEU D 37 0.88 -15.04 21.95
CA LEU D 37 -0.18 -15.89 21.43
C LEU D 37 0.51 -16.92 20.56
N GLY D 38 0.60 -18.16 21.06
CA GLY D 38 1.37 -19.18 20.34
C GLY D 38 0.95 -19.39 18.92
N GLY D 39 -0.37 -19.46 18.70
CA GLY D 39 -0.99 -19.62 17.40
C GLY D 39 -0.62 -18.60 16.34
N LEU D 40 -0.18 -17.41 16.75
CA LEU D 40 0.09 -16.35 15.81
C LEU D 40 1.57 -16.01 15.75
N LYS D 41 2.35 -16.58 16.67
CA LYS D 41 3.77 -16.26 16.83
C LYS D 41 4.46 -15.70 15.58
N SER D 42 4.69 -16.59 14.63
CA SER D 42 5.51 -16.32 13.49
C SER D 42 4.70 -15.76 12.32
N TRP D 43 3.44 -15.41 12.60
CA TRP D 43 2.57 -14.82 11.61
C TRP D 43 2.43 -13.31 11.76
N LEU D 44 2.80 -12.77 12.92
CA LEU D 44 2.55 -11.37 13.24
C LEU D 44 3.22 -10.45 12.29
N SER D 45 4.49 -10.70 11.91
CA SER D 45 5.16 -9.74 11.07
C SER D 45 4.44 -9.64 9.74
N THR D 46 3.89 -10.76 9.26
CA THR D 46 3.12 -10.76 8.00
C THR D 46 1.76 -10.06 8.20
N ILE D 47 1.05 -10.41 9.26
CA ILE D 47 -0.22 -9.73 9.53
C ILE D 47 -0.03 -8.21 9.60
N ARG D 48 1.04 -7.74 10.23
CA ARG D 48 1.34 -6.30 10.32
C ARG D 48 1.51 -5.59 8.97
N ARG D 49 1.82 -6.38 7.93
CA ARG D 49 2.14 -5.93 6.55
C ARG D 49 0.94 -6.23 5.62
N CYS D 50 -0.18 -5.59 5.90
CA CYS D 50 -1.26 -5.77 5.01
C CYS D 50 -1.81 -4.39 4.72
N ARG D 51 -2.61 -4.32 3.69
CA ARG D 51 -3.23 -3.07 3.29
C ARG D 51 -4.24 -2.69 4.41
N ARG D 52 -4.96 -3.71 4.88
CA ARG D 52 -6.05 -3.51 5.85
C ARG D 52 -6.50 -4.79 6.52
N ILE D 53 -7.19 -4.66 7.64
CA ILE D 53 -7.69 -5.82 8.34
C ILE D 53 -9.20 -5.80 8.12
N ILE D 54 -9.79 -6.94 7.76
CA ILE D 54 -11.26 -7.02 7.67
C ILE D 54 -11.71 -8.05 8.70
N MET D 55 -12.53 -7.62 9.67
CA MET D 55 -13.03 -8.55 10.71
C MET D 55 -14.38 -9.00 10.20
N ILE D 56 -14.63 -10.32 10.15
CA ILE D 56 -15.83 -10.85 9.50
C ILE D 56 -16.47 -11.85 10.46
N ALA D 57 -17.76 -11.67 10.77
CA ALA D 57 -18.39 -12.49 11.76
C ALA D 57 -19.91 -12.34 11.68
N CYS D 58 -20.63 -13.18 12.45
CA CYS D 58 -22.11 -13.14 12.52
C CYS D 58 -22.53 -12.93 13.98
N GLY D 59 -23.69 -12.32 14.18
CA GLY D 59 -24.33 -12.27 15.51
C GLY D 59 -23.46 -11.66 16.62
N THR D 60 -23.36 -12.35 17.75
CA THR D 60 -22.64 -11.82 18.90
C THR D 60 -21.15 -11.75 18.55
N SER D 61 -20.66 -12.65 17.68
CA SER D 61 -19.20 -12.57 17.29
C SER D 61 -18.93 -11.29 16.49
N TYR D 62 -19.87 -10.89 15.66
CA TYR D 62 -19.80 -9.55 14.98
C TYR D 62 -19.74 -8.43 16.02
N HIS D 63 -20.57 -8.50 17.06
CA HIS D 63 -20.48 -7.48 18.10
C HIS D 63 -19.12 -7.43 18.79
N SER D 64 -18.51 -8.57 19.01
CA SER D 64 -17.15 -8.58 19.68
C SER D 64 -16.15 -7.86 18.78
N CYS D 65 -16.36 -7.90 17.47
CA CYS D 65 -15.52 -7.22 16.49
C CYS D 65 -15.79 -5.72 16.61
N LEU D 66 -17.06 -5.31 16.62
CA LEU D 66 -17.37 -3.87 16.84
C LEU D 66 -16.77 -3.36 18.15
N ALA D 67 -16.82 -4.19 19.19
CA ALA D 67 -16.40 -3.81 20.55
C ALA D 67 -14.91 -3.56 20.63
N THR D 68 -14.18 -4.13 19.68
CA THR D 68 -12.67 -4.03 19.70
C THR D 68 -12.07 -3.31 18.47
N ARG D 69 -12.90 -2.89 17.51
CA ARG D 69 -12.38 -2.20 16.32
C ARG D 69 -11.48 -0.97 16.72
N SER D 70 -11.99 -0.16 17.64
CA SER D 70 -11.30 1.10 17.98
C SER D 70 -9.92 0.81 18.55
N ILE D 71 -9.82 -0.18 19.41
CA ILE D 71 -8.50 -0.50 20.04
C ILE D 71 -7.53 -1.11 19.03
N PHE D 72 -8.05 -1.92 18.11
CA PHE D 72 -7.17 -2.38 17.01
C PHE D 72 -6.66 -1.20 16.20
N GLU D 73 -7.56 -0.30 15.81
CA GLU D 73 -7.12 0.81 14.98
CA GLU D 73 -7.21 0.88 15.03
C GLU D 73 -6.15 1.69 15.76
N GLU D 74 -6.46 1.97 17.04
CA GLU D 74 -5.60 2.80 17.86
C GLU D 74 -4.18 2.23 17.98
N LEU D 75 -4.10 0.95 18.33
CA LEU D 75 -2.82 0.35 18.66
C LEU D 75 -2.01 0.05 17.41
N THR D 76 -2.68 -0.35 16.31
CA THR D 76 -1.92 -0.79 15.13
C THR D 76 -1.74 0.23 14.03
N GLU D 77 -2.61 1.25 13.99
CA GLU D 77 -2.66 2.18 12.86
C GLU D 77 -2.85 1.49 11.49
N ILE D 78 -3.41 0.28 11.52
CA ILE D 78 -3.79 -0.39 10.27
C ILE D 78 -5.29 -0.12 10.11
N PRO D 79 -5.76 0.16 8.90
CA PRO D 79 -7.21 0.28 8.74
C PRO D 79 -7.93 -1.01 9.13
N VAL D 80 -9.06 -0.89 9.87
CA VAL D 80 -9.81 -2.06 10.30
C VAL D 80 -11.27 -1.82 9.97
N SER D 81 -11.85 -2.74 9.23
CA SER D 81 -13.29 -2.66 9.00
C SER D 81 -13.94 -3.90 9.57
N VAL D 82 -15.24 -3.77 9.86
CA VAL D 82 -15.94 -4.85 10.52
C VAL D 82 -17.14 -5.14 9.66
N GLU D 83 -17.25 -6.40 9.24
CA GLU D 83 -18.23 -6.82 8.27
C GLU D 83 -19.09 -7.92 8.89
N LEU D 84 -20.39 -7.86 8.61
CA LEU D 84 -21.28 -8.95 8.92
C LEU D 84 -21.16 -9.94 7.78
N ALA D 85 -20.92 -11.22 8.07
CA ALA D 85 -20.51 -12.18 7.02
C ALA D 85 -21.52 -12.23 5.86
N SER D 86 -22.81 -12.21 6.19
CA SER D 86 -23.83 -12.33 5.15
C SER D 86 -23.86 -11.14 4.23
N ASP D 87 -23.72 -9.94 4.80
CA ASP D 87 -23.72 -8.71 4.01
C ASP D 87 -22.42 -8.61 3.19
N PHE D 88 -21.30 -8.97 3.78
CA PHE D 88 -20.03 -9.06 3.03
C PHE D 88 -20.15 -9.89 1.75
N LEU D 89 -20.81 -11.03 1.86
CA LEU D 89 -21.07 -11.88 0.72
C LEU D 89 -22.11 -11.32 -0.24
N ASP D 90 -23.19 -10.75 0.29
CA ASP D 90 -24.23 -10.09 -0.55
C ASP D 90 -23.66 -9.03 -1.49
N ARG D 91 -22.71 -8.24 -0.98
CA ARG D 91 -22.01 -7.19 -1.73
C ARG D 91 -20.91 -7.68 -2.64
N ARG D 92 -20.54 -8.95 -2.53
CA ARG D 92 -19.37 -9.51 -3.22
C ARG D 92 -18.16 -8.56 -3.08
N SER D 93 -17.91 -8.16 -1.83
CA SER D 93 -16.84 -7.26 -1.52
C SER D 93 -15.52 -7.83 -2.03
N PRO D 94 -14.79 -7.05 -2.86
CA PRO D 94 -13.50 -7.53 -3.38
C PRO D 94 -12.51 -7.75 -2.23
N VAL D 95 -11.76 -8.85 -2.25
CA VAL D 95 -10.65 -8.97 -1.30
C VAL D 95 -9.45 -9.51 -2.09
N PHE D 96 -8.27 -9.24 -1.57
CA PHE D 96 -7.07 -9.52 -2.33
C PHE D 96 -5.95 -10.02 -1.41
N ARG D 97 -4.83 -10.37 -2.05
CA ARG D 97 -3.69 -10.93 -1.38
C ARG D 97 -3.23 -10.08 -0.21
N ASP D 98 -3.38 -8.75 -0.33
CA ASP D 98 -2.88 -7.80 0.67
C ASP D 98 -3.86 -7.54 1.84
N ASP D 99 -4.94 -8.30 1.87
CA ASP D 99 -5.94 -8.16 2.98
C ASP D 99 -5.64 -9.20 4.05
N THR D 100 -5.79 -8.81 5.32
CA THR D 100 -5.75 -9.79 6.39
C THR D 100 -7.21 -9.93 6.86
N CYS D 101 -7.80 -11.13 6.71
CA CYS D 101 -9.24 -11.30 7.04
C CYS D 101 -9.29 -12.09 8.35
N VAL D 102 -10.02 -11.53 9.32
CA VAL D 102 -10.01 -12.05 10.66
C VAL D 102 -11.41 -12.52 10.94
N PHE D 103 -11.55 -13.84 11.16
CA PHE D 103 -12.86 -14.45 11.37
C PHE D 103 -13.07 -14.80 12.81
N VAL D 104 -14.20 -14.35 13.38
CA VAL D 104 -14.47 -14.59 14.79
C VAL D 104 -15.73 -15.46 14.86
N SER D 105 -15.63 -16.58 15.56
CA SER D 105 -16.77 -17.50 15.62
C SER D 105 -16.63 -18.38 16.87
N GLN D 106 -17.69 -18.48 17.67
CA GLN D 106 -17.68 -19.39 18.82
C GLN D 106 -17.61 -20.85 18.32
N SER D 107 -18.57 -21.19 17.46
CA SER D 107 -18.74 -22.57 16.97
C SER D 107 -17.74 -22.99 15.91
N GLY D 108 -17.27 -22.03 15.11
CA GLY D 108 -16.38 -22.36 14.00
C GLY D 108 -17.12 -23.07 12.88
N GLU D 109 -18.45 -23.09 12.97
CA GLU D 109 -19.31 -23.80 11.98
C GLU D 109 -20.38 -22.96 11.30
N THR D 110 -20.56 -21.70 11.67
CA THR D 110 -21.66 -20.90 11.15
C THR D 110 -21.56 -20.79 9.66
N ALA D 111 -22.66 -21.08 8.95
CA ALA D 111 -22.61 -21.27 7.50
C ALA D 111 -22.08 -20.02 6.79
N ASP D 112 -22.62 -18.85 7.17
CA ASP D 112 -22.25 -17.60 6.50
C ASP D 112 -20.77 -17.26 6.71
N SER D 113 -20.27 -17.57 7.89
CA SER D 113 -18.85 -17.28 8.21
C SER D 113 -17.96 -18.21 7.44
N ILE D 114 -18.35 -19.49 7.38
CA ILE D 114 -17.63 -20.45 6.54
C ILE D 114 -17.59 -20.06 5.06
N LEU D 115 -18.74 -19.69 4.51
CA LEU D 115 -18.78 -19.26 3.09
C LEU D 115 -17.87 -18.03 2.87
N ALA D 116 -17.86 -17.13 3.86
CA ALA D 116 -17.06 -15.88 3.73
C ALA D 116 -15.57 -16.25 3.78
N LEU D 117 -15.24 -17.21 4.64
CA LEU D 117 -13.86 -17.67 4.77
C LEU D 117 -13.37 -18.27 3.45
N GLN D 118 -14.19 -19.15 2.88
CA GLN D 118 -13.85 -19.76 1.61
C GLN D 118 -13.68 -18.74 0.47
N TYR D 119 -14.52 -17.72 0.47
CA TYR D 119 -14.42 -16.66 -0.53
C TYR D 119 -13.09 -15.93 -0.38
N CYS D 120 -12.70 -15.63 0.86
CA CYS D 120 -11.42 -14.93 1.13
C CYS D 120 -10.21 -15.78 0.76
N LEU D 121 -10.28 -17.05 1.13
CA LEU D 121 -9.20 -17.99 0.84
C LEU D 121 -8.98 -18.12 -0.67
N GLU D 122 -10.07 -18.22 -1.44
CA GLU D 122 -10.01 -18.32 -2.89
C GLU D 122 -9.37 -17.11 -3.54
N ARG D 123 -9.49 -15.95 -2.89
CA ARG D 123 -8.99 -14.71 -3.44
CA ARG D 123 -8.99 -14.70 -3.44
C ARG D 123 -7.57 -14.42 -2.98
N GLY D 124 -7.00 -15.35 -2.22
CA GLY D 124 -5.60 -15.22 -1.86
C GLY D 124 -5.31 -14.41 -0.61
N ALA D 125 -6.34 -14.09 0.16
CA ALA D 125 -6.15 -13.31 1.39
C ALA D 125 -5.55 -14.16 2.50
N LEU D 126 -4.87 -13.49 3.42
CA LEU D 126 -4.39 -14.13 4.62
C LEU D 126 -5.57 -14.20 5.61
N THR D 127 -5.77 -15.36 6.25
CA THR D 127 -6.97 -15.54 7.08
C THR D 127 -6.54 -15.90 8.51
N VAL D 128 -7.21 -15.30 9.50
CA VAL D 128 -6.85 -15.54 10.89
C VAL D 128 -8.19 -15.91 11.56
N GLY D 129 -8.20 -16.96 12.38
CA GLY D 129 -9.41 -17.37 13.12
C GLY D 129 -9.28 -17.01 14.60
N ILE D 130 -10.41 -16.56 15.18
CA ILE D 130 -10.55 -16.31 16.64
C ILE D 130 -11.72 -17.19 17.00
N VAL D 131 -11.43 -18.40 17.45
CA VAL D 131 -12.47 -19.47 17.47
C VAL D 131 -12.52 -20.18 18.81
N ASN D 132 -13.71 -20.64 19.24
CA ASN D 132 -13.78 -21.39 20.51
C ASN D 132 -13.63 -22.91 20.37
N SER D 133 -14.34 -23.46 19.40
CA SER D 133 -14.39 -24.89 19.17
C SER D 133 -13.13 -25.35 18.40
N VAL D 134 -12.18 -25.95 19.13
CA VAL D 134 -10.90 -26.39 18.58
C VAL D 134 -11.12 -27.40 17.46
N GLY D 135 -10.49 -27.19 16.30
CA GLY D 135 -10.70 -28.13 15.17
C GLY D 135 -12.02 -28.10 14.43
N SER D 136 -12.83 -27.06 14.68
CA SER D 136 -14.01 -26.84 13.88
C SER D 136 -13.53 -26.40 12.48
N SER D 137 -14.47 -26.34 11.54
CA SER D 137 -14.17 -25.93 10.17
C SER D 137 -13.35 -24.62 10.12
N MET D 138 -13.81 -23.61 10.84
CA MET D 138 -13.11 -22.32 10.80
C MET D 138 -11.75 -22.34 11.44
N SER D 139 -11.58 -23.20 12.45
CA SER D 139 -10.30 -23.38 13.13
C SER D 139 -9.30 -24.01 12.15
N ARG D 140 -9.72 -25.11 11.55
CA ARG D 140 -8.88 -25.76 10.55
C ARG D 140 -8.54 -24.86 9.34
N GLN D 141 -9.55 -24.23 8.74
CA GLN D 141 -9.41 -23.60 7.42
C GLN D 141 -8.78 -22.22 7.37
N THR D 142 -8.74 -21.53 8.50
CA THR D 142 -7.97 -20.30 8.60
C THR D 142 -6.48 -20.65 8.59
N HIS D 143 -5.63 -19.74 8.13
CA HIS D 143 -4.15 -19.98 8.07
C HIS D 143 -3.52 -20.10 9.45
N CYS D 144 -4.00 -19.25 10.38
CA CYS D 144 -3.51 -19.24 11.73
C CYS D 144 -4.63 -18.66 12.60
N GLY D 145 -4.44 -18.63 13.91
CA GLY D 145 -5.50 -18.15 14.80
C GLY D 145 -5.21 -18.30 16.27
N VAL D 146 -6.22 -17.96 17.08
CA VAL D 146 -6.17 -18.10 18.53
C VAL D 146 -7.43 -18.87 18.91
N HIS D 147 -7.25 -19.98 19.61
CA HIS D 147 -8.39 -20.61 20.27
C HIS D 147 -8.68 -19.90 21.57
N ILE D 148 -9.94 -19.49 21.76
CA ILE D 148 -10.19 -18.57 22.87
C ILE D 148 -10.27 -19.25 24.23
N ASN D 149 -10.49 -20.57 24.23
CA ASN D 149 -10.37 -21.37 25.47
C ASN D 149 -11.41 -20.96 26.56
N ALA D 150 -12.63 -20.67 26.08
CA ALA D 150 -13.73 -20.32 26.99
C ALA D 150 -14.40 -21.58 27.57
N GLY D 151 -14.14 -22.75 26.97
CA GLY D 151 -14.88 -23.98 27.27
C GLY D 151 -16.18 -24.12 26.47
N PRO D 152 -16.77 -25.32 26.47
CA PRO D 152 -17.96 -25.48 25.65
C PRO D 152 -19.10 -24.56 26.10
N GLU D 153 -19.88 -24.09 25.13
CA GLU D 153 -21.01 -23.21 25.39
C GLU D 153 -22.31 -23.94 25.03
N ILE D 154 -23.16 -24.18 26.04
CA ILE D 154 -24.34 -25.02 25.87
C ILE D 154 -25.61 -24.17 25.85
N GLY D 155 -25.53 -22.97 26.42
CA GLY D 155 -26.62 -22.01 26.31
C GLY D 155 -26.86 -21.65 24.85
N VAL D 156 -28.06 -21.19 24.53
CA VAL D 156 -28.42 -21.01 23.14
C VAL D 156 -27.88 -19.68 22.59
N ALA D 157 -27.49 -18.79 23.50
CA ALA D 157 -27.00 -17.47 23.13
C ALA D 157 -25.62 -17.30 23.74
N SER D 158 -24.77 -16.51 23.12
CA SER D 158 -23.38 -16.47 23.55
C SER D 158 -23.25 -15.51 24.69
N THR D 159 -22.64 -15.96 25.77
CA THR D 159 -22.42 -15.10 26.93
C THR D 159 -20.94 -15.09 27.17
N LYS D 160 -20.40 -16.17 27.75
CA LYS D 160 -18.94 -16.24 27.94
C LYS D 160 -18.13 -16.16 26.64
N ALA D 161 -18.69 -16.65 25.54
CA ALA D 161 -17.88 -16.58 24.29
C ALA D 161 -17.68 -15.13 23.87
N TYR D 162 -18.66 -14.26 24.14
CA TYR D 162 -18.50 -12.85 23.80
C TYR D 162 -17.32 -12.19 24.58
N THR D 163 -17.34 -12.31 25.89
CA THR D 163 -16.26 -11.70 26.72
C THR D 163 -14.90 -12.38 26.40
N SER D 164 -14.92 -13.69 26.17
CA SER D 164 -13.66 -14.38 25.79
C SER D 164 -13.15 -13.97 24.40
N GLN D 165 -14.05 -13.83 23.41
CA GLN D 165 -13.65 -13.37 22.05
C GLN D 165 -13.11 -11.94 22.17
N TYR D 166 -13.82 -11.11 22.93
CA TYR D 166 -13.39 -9.71 23.10
C TYR D 166 -11.96 -9.69 23.72
N ILE D 167 -11.72 -10.53 24.73
CA ILE D 167 -10.37 -10.54 25.38
C ILE D 167 -9.30 -11.06 24.39
N ALA D 168 -9.62 -12.13 23.66
CA ALA D 168 -8.70 -12.64 22.59
C ALA D 168 -8.36 -11.59 21.52
N LEU D 169 -9.37 -10.83 21.09
CA LEU D 169 -9.15 -9.76 20.13
C LEU D 169 -8.26 -8.65 20.69
N VAL D 170 -8.49 -8.28 21.94
CA VAL D 170 -7.64 -7.25 22.55
C VAL D 170 -6.18 -7.79 22.61
N MET D 171 -6.01 -9.05 22.99
CA MET D 171 -4.64 -9.67 23.03
C MET D 171 -4.01 -9.69 21.64
N PHE D 172 -4.82 -9.96 20.63
CA PHE D 172 -4.35 -9.93 19.25
C PHE D 172 -3.88 -8.51 18.86
N ALA D 173 -4.67 -7.49 19.19
CA ALA D 173 -4.25 -6.10 18.91
C ALA D 173 -2.95 -5.72 19.67
N LEU D 174 -2.86 -6.15 20.91
CA LEU D 174 -1.64 -5.93 21.73
C LEU D 174 -0.45 -6.61 21.06
N SER D 175 -0.67 -7.85 20.59
CA SER D 175 0.42 -8.60 19.93
C SER D 175 0.92 -7.87 18.67
N LEU D 176 -0.02 -7.34 17.88
CA LEU D 176 0.32 -6.65 16.62
C LEU D 176 1.12 -5.39 16.90
N SER D 177 0.97 -4.82 18.10
CA SER D 177 1.52 -3.49 18.37
C SER D 177 2.66 -3.59 19.38
N ASN D 178 3.19 -4.80 19.55
CA ASN D 178 4.12 -5.03 20.67
C ASN D 178 5.53 -4.42 20.33
N ASP D 179 5.70 -3.85 19.15
CA ASP D 179 7.03 -3.26 18.87
C ASP D 179 7.07 -1.74 19.01
N SER D 180 5.95 -1.14 19.41
CA SER D 180 5.85 0.32 19.42
C SER D 180 6.31 0.91 20.75
N ILE D 181 7.36 1.73 20.71
CA ILE D 181 7.76 2.44 21.94
C ILE D 181 6.68 3.46 22.43
N SER D 182 6.08 4.20 21.50
CA SER D 182 5.11 5.25 21.82
C SER D 182 3.83 4.69 22.47
N ARG D 183 3.56 3.42 22.22
CA ARG D 183 2.34 2.75 22.72
C ARG D 183 2.60 1.86 23.88
N LYS D 184 3.85 1.83 24.34
CA LYS D 184 4.22 0.98 25.45
C LYS D 184 3.38 1.31 26.69
N GLY D 185 3.17 2.59 26.98
CA GLY D 185 2.39 2.98 28.21
C GLY D 185 0.95 2.48 28.11
N ARG D 186 0.39 2.62 26.92
CA ARG D 186 -1.00 2.20 26.66
C ARG D 186 -1.08 0.69 26.76
N HIS D 187 -0.10 -0.01 26.21
CA HIS D 187 -0.02 -1.44 26.43
C HIS D 187 -0.01 -1.92 27.82
N GLU D 188 0.87 -1.32 28.65
CA GLU D 188 0.93 -1.71 30.03
C GLU D 188 -0.41 -1.44 30.72
N GLU D 189 -1.02 -0.34 30.35
CA GLU D 189 -2.25 0.09 31.02
C GLU D 189 -3.29 -1.00 30.73
N ILE D 190 -3.40 -1.39 29.46
CA ILE D 190 -4.44 -2.37 29.07
C ILE D 190 -4.15 -3.73 29.74
N ILE D 191 -2.89 -4.17 29.72
CA ILE D 191 -2.55 -5.45 30.29
C ILE D 191 -2.77 -5.47 31.83
N LYS D 192 -2.41 -4.40 32.52
CA LYS D 192 -2.71 -4.38 33.97
C LYS D 192 -4.24 -4.40 34.22
N GLY D 193 -4.97 -3.71 33.34
CA GLY D 193 -6.45 -3.74 33.35
C GLY D 193 -6.96 -5.13 33.08
N LEU D 194 -6.43 -5.83 32.08
CA LEU D 194 -6.85 -7.21 31.86
C LEU D 194 -6.68 -8.09 33.08
N GLN D 195 -5.60 -7.86 33.85
CA GLN D 195 -5.34 -8.75 34.98
C GLN D 195 -6.51 -8.67 35.96
N LYS D 196 -7.14 -7.49 36.03
CA LYS D 196 -8.18 -7.30 37.05
C LYS D 196 -9.58 -7.65 36.56
N ILE D 197 -9.71 -7.95 35.27
CA ILE D 197 -11.07 -8.20 34.71
C ILE D 197 -11.80 -9.39 35.37
N PRO D 198 -11.14 -10.55 35.58
CA PRO D 198 -11.84 -11.69 36.21
C PRO D 198 -12.50 -11.34 37.55
N GLU D 199 -11.77 -10.67 38.43
CA GLU D 199 -12.31 -10.32 39.74
C GLU D 199 -13.32 -9.17 39.62
N GLN D 200 -13.13 -8.28 38.65
CA GLN D 200 -14.14 -7.25 38.41
C GLN D 200 -15.45 -7.87 37.88
N ILE D 201 -15.34 -8.89 37.03
CA ILE D 201 -16.54 -9.59 36.57
C ILE D 201 -17.25 -10.21 37.79
N LYS D 202 -16.50 -10.85 38.69
CA LYS D 202 -17.11 -11.33 39.95
C LYS D 202 -17.89 -10.23 40.65
N GLN D 203 -17.31 -9.03 40.74
CA GLN D 203 -17.99 -7.91 41.37
C GLN D 203 -19.29 -7.57 40.65
N VAL D 204 -19.25 -7.51 39.32
CA VAL D 204 -20.42 -7.10 38.56
C VAL D 204 -21.54 -8.12 38.74
N LEU D 205 -21.19 -9.39 38.87
CA LEU D 205 -22.21 -10.47 38.99
C LEU D 205 -23.02 -10.26 40.29
N LYS D 206 -22.45 -9.52 41.23
CA LYS D 206 -23.19 -9.19 42.48
C LYS D 206 -24.39 -8.26 42.24
N LEU D 207 -24.52 -7.70 41.03
CA LEU D 207 -25.74 -6.94 40.68
C LEU D 207 -26.92 -7.83 40.41
N GLU D 208 -26.73 -9.15 40.45
CA GLU D 208 -27.84 -10.03 40.00
C GLU D 208 -29.12 -9.76 40.79
N ASN D 209 -28.98 -9.61 42.11
CA ASN D 209 -30.24 -9.41 42.92
C ASN D 209 -30.97 -8.11 42.55
N LYS D 210 -30.23 -7.01 42.38
CA LYS D 210 -30.83 -5.78 41.94
C LYS D 210 -31.49 -5.93 40.57
N ILE D 211 -30.83 -6.69 39.70
CA ILE D 211 -31.36 -6.97 38.38
C ILE D 211 -32.64 -7.84 38.47
N LYS D 212 -32.62 -8.87 39.32
CA LYS D 212 -33.86 -9.69 39.53
C LYS D 212 -35.03 -8.79 39.99
N ASP D 213 -34.75 -7.89 40.92
CA ASP D 213 -35.80 -6.95 41.40
C ASP D 213 -36.34 -6.10 40.25
N LEU D 214 -35.43 -5.63 39.39
CA LEU D 214 -35.84 -4.85 38.23
C LEU D 214 -36.69 -5.70 37.27
N CYS D 215 -36.32 -6.95 37.07
CA CYS D 215 -37.03 -7.81 36.12
C CYS D 215 -38.34 -8.34 36.69
N ASN D 216 -38.52 -8.22 38.02
CA ASN D 216 -39.84 -8.57 38.65
C ASN D 216 -40.83 -7.44 38.48
N SER D 217 -40.33 -6.22 38.24
CA SER D 217 -41.21 -5.07 37.99
C SER D 217 -41.95 -5.19 36.66
N SER D 218 -42.75 -4.16 36.36
CA SER D 218 -43.49 -4.16 35.11
C SER D 218 -42.55 -3.98 33.90
N LEU D 219 -41.24 -3.78 34.14
CA LEU D 219 -40.28 -3.97 33.05
C LEU D 219 -40.54 -5.28 32.28
N ASN D 220 -40.96 -6.33 32.97
CA ASN D 220 -41.11 -7.60 32.30
C ASN D 220 -42.35 -7.74 31.41
N ASP D 221 -43.23 -6.75 31.40
CA ASP D 221 -44.35 -6.80 30.44
C ASP D 221 -44.33 -5.65 29.47
N GLN D 222 -43.12 -5.14 29.24
CA GLN D 222 -42.89 -4.17 28.19
C GLN D 222 -42.81 -4.86 26.85
N LYS D 223 -43.19 -4.15 25.80
CA LYS D 223 -43.10 -4.64 24.43
C LYS D 223 -41.73 -4.36 23.80
N SER D 224 -41.03 -3.34 24.32
CA SER D 224 -39.72 -2.96 23.74
C SER D 224 -38.82 -2.39 24.80
N LEU D 225 -37.52 -2.43 24.52
CA LEU D 225 -36.59 -1.84 25.43
C LEU D 225 -35.52 -1.25 24.51
N LEU D 226 -35.21 0.04 24.69
CA LEU D 226 -34.23 0.77 23.86
C LEU D 226 -32.94 0.86 24.66
N LEU D 227 -31.80 0.70 24.00
CA LEU D 227 -30.55 0.83 24.72
C LEU D 227 -29.74 1.87 24.02
N LEU D 228 -29.22 2.84 24.77
CA LEU D 228 -28.55 4.00 24.16
C LEU D 228 -27.06 3.88 24.50
N GLY D 229 -26.18 3.98 23.51
CA GLY D 229 -24.73 3.89 23.78
C GLY D 229 -23.98 4.59 22.68
N ARG D 230 -22.70 4.91 22.93
CA ARG D 230 -21.96 5.61 21.91
C ARG D 230 -20.51 5.19 22.15
N GLY D 231 -19.66 5.39 21.14
CA GLY D 231 -18.24 5.05 21.27
C GLY D 231 -18.02 3.57 21.59
N TYR D 232 -17.16 3.31 22.58
CA TYR D 232 -16.83 1.94 22.96
C TYR D 232 -18.13 1.18 23.31
N GLN D 233 -19.11 1.91 23.85
CA GLN D 233 -20.33 1.21 24.34
C GLN D 233 -21.44 1.03 23.31
N PHE D 234 -21.22 1.48 22.07
CA PHE D 234 -22.27 1.23 21.06
C PHE D 234 -22.37 -0.28 20.81
N ALA D 235 -21.24 -0.98 20.68
CA ALA D 235 -21.28 -2.45 20.52
C ALA D 235 -22.09 -3.13 21.67
N THR D 236 -21.94 -2.63 22.90
CA THR D 236 -22.59 -3.19 24.09
C THR D 236 -24.08 -2.99 23.95
N ALA D 237 -24.47 -1.84 23.43
CA ALA D 237 -25.92 -1.56 23.20
C ALA D 237 -26.50 -2.50 22.13
N LEU D 238 -25.75 -2.77 21.07
CA LEU D 238 -26.20 -3.66 19.99
C LEU D 238 -26.29 -5.09 20.51
N GLU D 239 -25.32 -5.50 21.34
CA GLU D 239 -25.29 -6.86 21.89
C GLU D 239 -26.38 -7.04 22.93
N GLY D 240 -26.60 -6.00 23.74
CA GLY D 240 -27.75 -6.01 24.69
C GLY D 240 -29.07 -6.21 23.96
N ALA D 241 -29.29 -5.41 22.91
CA ALA D 241 -30.51 -5.52 22.13
C ALA D 241 -30.67 -6.91 21.54
N LEU D 242 -29.58 -7.47 21.01
CA LEU D 242 -29.67 -8.86 20.49
C LEU D 242 -30.04 -9.86 21.58
N LYS D 243 -29.49 -9.67 22.78
CA LYS D 243 -29.75 -10.64 23.85
C LYS D 243 -31.23 -10.53 24.25
N ILE D 244 -31.73 -9.30 24.32
CA ILE D 244 -33.14 -9.08 24.71
C ILE D 244 -34.10 -9.72 23.67
N LYS D 245 -33.78 -9.56 22.39
CA LYS D 245 -34.53 -10.22 21.32
C LYS D 245 -34.42 -11.74 21.32
N GLU D 246 -33.20 -12.29 21.39
CA GLU D 246 -32.97 -13.73 21.24
CA GLU D 246 -32.98 -13.74 21.24
C GLU D 246 -33.42 -14.54 22.47
N ILE D 247 -33.32 -13.94 23.65
CA ILE D 247 -33.54 -14.66 24.91
C ILE D 247 -34.90 -14.30 25.51
N SER D 248 -35.10 -13.01 25.71
CA SER D 248 -36.30 -12.49 26.38
C SER D 248 -37.54 -12.44 25.50
N TYR D 249 -37.37 -12.64 24.19
CA TYR D 249 -38.43 -12.37 23.19
C TYR D 249 -39.15 -11.03 23.36
N MET D 250 -38.38 -9.96 23.56
CA MET D 250 -38.93 -8.66 23.68
C MET D 250 -38.23 -7.87 22.58
N HIS D 251 -38.94 -6.98 21.92
CA HIS D 251 -38.27 -6.18 20.88
C HIS D 251 -37.24 -5.30 21.55
N SER D 252 -36.11 -5.07 20.90
CA SER D 252 -35.15 -4.14 21.48
C SER D 252 -34.33 -3.55 20.35
N GLU D 253 -33.83 -2.34 20.54
CA GLU D 253 -32.96 -1.71 19.53
C GLU D 253 -31.81 -1.04 20.25
N GLY D 254 -30.60 -1.20 19.72
CA GLY D 254 -29.46 -0.47 20.24
C GLY D 254 -29.30 0.79 19.38
N VAL D 255 -29.29 1.95 20.03
CA VAL D 255 -29.42 3.26 19.39
C VAL D 255 -28.15 4.06 19.65
N LEU D 256 -27.55 4.64 18.59
CA LEU D 256 -26.43 5.56 18.82
C LEU D 256 -26.94 6.79 19.55
N ALA D 257 -26.52 6.94 20.78
CA ALA D 257 -27.08 7.93 21.67
C ALA D 257 -26.97 9.37 21.16
N GLY D 258 -28.12 10.04 21.03
CA GLY D 258 -28.12 11.48 20.74
C GLY D 258 -27.83 11.79 19.29
N GLU D 259 -27.83 10.76 18.45
CA GLU D 259 -27.49 10.96 17.05
C GLU D 259 -28.62 11.71 16.38
N LEU D 260 -29.86 11.28 16.63
CA LEU D 260 -31.01 12.02 16.11
C LEU D 260 -31.58 13.00 17.14
N PRO D 273 -39.11 2.06 28.29
CA PRO D 273 -37.97 1.54 29.06
C PRO D 273 -36.69 1.75 28.29
N ILE D 274 -35.75 2.43 28.94
CA ILE D 274 -34.52 2.82 28.25
C ILE D 274 -33.38 2.40 29.15
N ILE D 275 -32.35 1.78 28.55
CA ILE D 275 -31.10 1.51 29.28
C ILE D 275 -30.05 2.38 28.60
N ALA D 276 -29.31 3.16 29.38
CA ALA D 276 -28.28 4.02 28.79
C ALA D 276 -26.93 3.59 29.39
N PHE D 277 -25.89 3.50 28.53
CA PHE D 277 -24.52 3.26 29.03
C PHE D 277 -23.88 4.59 29.25
N ALA D 278 -23.46 4.85 30.49
CA ALA D 278 -22.95 6.19 30.86
C ALA D 278 -21.67 6.04 31.69
N THR D 279 -20.95 4.93 31.45
CA THR D 279 -19.62 4.72 32.04
C THR D 279 -18.67 5.75 31.45
N ARG D 280 -17.61 6.08 32.18
CA ARG D 280 -16.76 7.22 31.80
C ARG D 280 -16.10 7.15 30.43
N ASP D 281 -15.81 5.94 29.99
CA ASP D 281 -15.16 5.68 28.69
C ASP D 281 -16.00 6.17 27.51
N SER D 282 -17.31 6.26 27.72
CA SER D 282 -18.25 6.60 26.65
C SER D 282 -19.28 7.61 27.12
N LEU D 283 -18.89 8.47 28.06
CA LEU D 283 -19.76 9.55 28.54
C LEU D 283 -19.63 10.82 27.70
N PHE D 284 -20.17 10.77 26.50
CA PHE D 284 -20.08 11.89 25.57
C PHE D 284 -21.14 12.91 25.86
N PRO D 285 -20.90 14.17 25.46
CA PRO D 285 -21.99 15.15 25.51
C PRO D 285 -23.30 14.64 24.89
N LYS D 286 -23.23 13.96 23.76
CA LYS D 286 -24.49 13.47 23.12
C LYS D 286 -25.19 12.41 23.97
N VAL D 287 -24.42 11.65 24.74
CA VAL D 287 -25.04 10.68 25.67
C VAL D 287 -25.76 11.44 26.81
N MET D 288 -25.07 12.42 27.40
CA MET D 288 -25.72 13.24 28.41
C MET D 288 -26.97 13.90 27.87
N SER D 289 -26.89 14.43 26.65
CA SER D 289 -28.02 15.14 26.06
C SER D 289 -29.21 14.20 25.84
N ALA D 290 -28.91 12.97 25.41
CA ALA D 290 -29.93 11.94 25.23
C ALA D 290 -30.58 11.57 26.54
N ILE D 291 -29.77 11.42 27.59
CA ILE D 291 -30.32 11.03 28.89
C ILE D 291 -31.19 12.19 29.37
N GLU D 292 -30.72 13.41 29.12
CA GLU D 292 -31.47 14.59 29.58
C GLU D 292 -32.82 14.68 28.91
N GLN D 293 -32.89 14.32 27.64
CA GLN D 293 -34.18 14.25 26.95
C GLN D 293 -35.16 13.28 27.60
N VAL D 294 -34.65 12.16 28.11
CA VAL D 294 -35.52 11.19 28.75
C VAL D 294 -35.97 11.72 30.11
N THR D 295 -35.05 12.30 30.88
CA THR D 295 -35.41 12.78 32.21
C THR D 295 -36.28 14.05 32.12
N ALA D 296 -36.19 14.77 31.00
CA ALA D 296 -37.03 15.97 30.73
C ALA D 296 -38.51 15.60 30.64
N ARG D 297 -38.74 14.35 30.29
CA ARG D 297 -40.05 13.75 30.08
C ARG D 297 -40.31 12.77 31.23
N ASP D 298 -39.45 12.85 32.26
CA ASP D 298 -39.55 12.01 33.47
C ASP D 298 -39.68 10.53 33.06
N GLY D 299 -38.86 10.15 32.07
CA GLY D 299 -38.84 8.78 31.50
C GLY D 299 -38.21 7.64 32.29
N ARG D 300 -37.59 7.89 33.44
CA ARG D 300 -37.14 6.77 34.37
C ARG D 300 -36.17 5.77 33.74
N PRO D 301 -35.07 6.27 33.21
CA PRO D 301 -34.12 5.41 32.52
C PRO D 301 -33.36 4.50 33.47
N ILE D 302 -32.77 3.43 32.94
CA ILE D 302 -31.92 2.56 33.72
C ILE D 302 -30.50 2.89 33.26
N VAL D 303 -29.62 3.28 34.18
CA VAL D 303 -28.32 3.86 33.77
C VAL D 303 -27.23 2.94 34.23
N ILE D 304 -26.40 2.43 33.29
CA ILE D 304 -25.25 1.67 33.65
C ILE D 304 -24.09 2.66 33.70
N CYS D 305 -23.47 2.81 34.88
CA CYS D 305 -22.46 3.83 35.08
C CYS D 305 -21.40 3.30 36.03
N ASN D 306 -20.32 4.05 36.16
CA ASN D 306 -19.27 3.61 37.07
C ASN D 306 -19.63 3.91 38.53
N GLU D 307 -19.12 3.05 39.42
CA GLU D 307 -19.40 3.10 40.86
C GLU D 307 -19.09 4.50 41.33
N GLY D 308 -20.07 5.09 42.01
CA GLY D 308 -19.98 6.42 42.58
C GLY D 308 -20.31 7.61 41.70
N ASP D 309 -20.60 7.40 40.41
CA ASP D 309 -20.93 8.50 39.53
C ASP D 309 -22.42 8.73 39.58
N ALA D 310 -22.85 9.97 39.85
CA ALA D 310 -24.28 10.31 39.74
C ALA D 310 -24.52 10.96 38.38
N ILE D 311 -25.01 10.17 37.44
CA ILE D 311 -25.25 10.67 36.08
C ILE D 311 -26.54 11.47 36.05
N ILE D 312 -27.51 11.03 36.85
CA ILE D 312 -28.81 11.73 36.96
C ILE D 312 -28.98 12.14 38.40
N SER D 313 -29.45 13.37 38.64
CA SER D 313 -29.66 13.81 40.02
C SER D 313 -30.90 13.12 40.62
N ASN D 314 -31.04 13.20 41.93
CA ASN D 314 -32.10 12.46 42.58
C ASN D 314 -33.47 13.12 42.44
N ASP D 315 -33.56 14.22 41.71
CA ASP D 315 -34.86 14.86 41.47
C ASP D 315 -35.50 14.35 40.18
N LYS D 316 -34.85 13.38 39.56
CA LYS D 316 -35.46 12.58 38.48
C LYS D 316 -35.41 11.12 38.88
N VAL D 317 -36.52 10.42 38.71
CA VAL D 317 -36.58 9.00 39.03
C VAL D 317 -35.74 8.23 37.99
N HIS D 318 -34.91 7.33 38.50
CA HIS D 318 -34.07 6.45 37.63
C HIS D 318 -33.59 5.25 38.42
N THR D 319 -33.09 4.24 37.70
CA THR D 319 -32.49 3.04 38.29
C THR D 319 -31.03 3.08 37.88
N THR D 320 -30.11 2.75 38.79
CA THR D 320 -28.68 2.79 38.46
CA THR D 320 -28.67 2.77 38.46
C THR D 320 -28.10 1.38 38.65
N LEU D 321 -27.21 0.96 37.74
CA LEU D 321 -26.52 -0.31 37.86
C LEU D 321 -25.04 0.07 37.73
N GLU D 322 -24.36 0.13 38.88
CA GLU D 322 -22.97 0.58 38.93
C GLU D 322 -22.05 -0.56 38.67
N VAL D 323 -21.00 -0.29 37.89
CA VAL D 323 -19.99 -1.29 37.55
C VAL D 323 -18.59 -0.70 37.83
N PRO D 324 -17.60 -1.56 38.14
CA PRO D 324 -16.25 -1.01 38.38
C PRO D 324 -15.70 -0.26 37.15
N GLU D 325 -14.85 0.75 37.39
CA GLU D 325 -14.22 1.44 36.26
C GLU D 325 -13.01 0.63 35.85
N THR D 326 -12.90 0.35 34.55
CA THR D 326 -11.71 -0.30 34.05
C THR D 326 -11.07 0.60 33.01
N VAL D 327 -10.02 0.11 32.36
CA VAL D 327 -9.45 0.79 31.22
C VAL D 327 -10.55 0.96 30.14
N ASP D 328 -10.58 2.14 29.53
CA ASP D 328 -11.66 2.52 28.61
C ASP D 328 -11.99 1.43 27.62
N CYS D 329 -11.02 0.93 26.87
CA CYS D 329 -11.30 -0.13 25.89
C CYS D 329 -11.68 -1.50 26.49
N LEU D 330 -11.64 -1.66 27.83
CA LEU D 330 -12.04 -2.92 28.42
C LEU D 330 -13.43 -2.76 29.10
N GLN D 331 -13.94 -1.54 29.17
CA GLN D 331 -15.19 -1.30 29.96
C GLN D 331 -16.34 -2.14 29.43
N GLY D 332 -16.39 -2.34 28.14
CA GLY D 332 -17.45 -3.21 27.56
C GLY D 332 -17.49 -4.65 28.10
N LEU D 333 -16.34 -5.19 28.53
CA LEU D 333 -16.32 -6.50 29.13
C LEU D 333 -17.20 -6.56 30.38
N LEU D 334 -17.19 -5.48 31.16
CA LEU D 334 -18.05 -5.41 32.37
C LEU D 334 -19.44 -4.94 32.07
N ASN D 335 -19.58 -3.98 31.15
CA ASN D 335 -20.91 -3.37 30.87
C ASN D 335 -21.89 -4.36 30.25
N VAL D 336 -21.37 -5.39 29.58
CA VAL D 336 -22.25 -6.37 28.93
C VAL D 336 -22.90 -7.31 29.97
N ILE D 337 -22.24 -7.51 31.11
CA ILE D 337 -22.69 -8.55 32.08
C ILE D 337 -24.11 -8.22 32.59
N PRO D 338 -24.37 -6.96 33.00
CA PRO D 338 -25.79 -6.69 33.42
C PRO D 338 -26.82 -6.95 32.33
N LEU D 339 -26.45 -6.73 31.06
CA LEU D 339 -27.38 -7.00 29.97
C LEU D 339 -27.59 -8.48 29.78
N GLN D 340 -26.54 -9.28 29.92
CA GLN D 340 -26.73 -10.75 29.88
C GLN D 340 -27.74 -11.18 30.97
N LEU D 341 -27.53 -10.65 32.17
CA LEU D 341 -28.38 -10.99 33.36
C LEU D 341 -29.80 -10.45 33.18
N ILE D 342 -29.94 -9.24 32.65
CA ILE D 342 -31.29 -8.68 32.38
C ILE D 342 -32.00 -9.56 31.36
N SER D 343 -31.31 -9.94 30.27
CA SER D 343 -31.98 -10.75 29.25
C SER D 343 -32.42 -12.09 29.85
N TYR D 344 -31.54 -12.68 30.65
CA TYR D 344 -31.84 -13.96 31.29
C TYR D 344 -33.05 -13.84 32.27
N TRP D 345 -32.98 -12.91 33.21
CA TRP D 345 -34.13 -12.75 34.17
C TRP D 345 -35.41 -12.27 33.53
N LEU D 346 -35.33 -11.40 32.53
CA LEU D 346 -36.59 -11.09 31.79
C LEU D 346 -37.25 -12.36 31.22
N ALA D 347 -36.47 -13.23 30.61
CA ALA D 347 -36.99 -14.47 30.06
C ALA D 347 -37.65 -15.36 31.14
N VAL D 348 -36.95 -15.58 32.25
CA VAL D 348 -37.51 -16.31 33.41
C VAL D 348 -38.84 -15.70 33.91
N ASN D 349 -38.88 -14.38 34.09
CA ASN D 349 -40.11 -13.77 34.55
C ASN D 349 -41.22 -13.93 33.50
N ARG D 350 -40.82 -14.12 32.24
CA ARG D 350 -41.78 -14.25 31.13
C ARG D 350 -42.12 -15.71 30.82
N GLY D 351 -41.64 -16.61 31.67
CA GLY D 351 -41.89 -18.04 31.54
C GLY D 351 -41.16 -18.72 30.40
N ILE D 352 -40.07 -18.11 29.94
CA ILE D 352 -39.33 -18.67 28.81
C ILE D 352 -38.23 -19.63 29.28
N ASP D 353 -38.19 -20.83 28.72
CA ASP D 353 -37.06 -21.71 28.97
C ASP D 353 -35.92 -21.27 28.09
N VAL D 354 -34.93 -20.57 28.70
CA VAL D 354 -33.79 -20.02 27.95
C VAL D 354 -32.86 -21.08 27.37
N ASP D 355 -32.98 -22.32 27.82
CA ASP D 355 -32.12 -23.38 27.30
C ASP D 355 -32.77 -24.18 26.17
C1 BG6 E . 29.10 17.72 -10.11
C2 BG6 E . 30.39 17.74 -9.28
O1 BG6 E . 29.28 16.56 -10.92
O5 BG6 E . 27.90 17.54 -9.27
C3 BG6 E . 30.42 16.52 -8.35
O2 BG6 E . 31.54 17.71 -10.17
C4 BG6 E . 29.17 16.51 -7.45
O3 BG6 E . 31.56 16.59 -7.48
C5 BG6 E . 27.91 16.45 -8.34
O4 BG6 E . 29.24 15.37 -6.58
C6 BG6 E . 26.68 16.66 -7.45
O6 BG6 E . 26.71 17.98 -6.86
P BG6 E . 25.75 18.26 -5.60
O1P BG6 E . 26.06 17.35 -4.42
O2P BG6 E . 25.96 19.84 -5.28
O3P BG6 E . 24.30 18.18 -6.18
NA NA F . 11.97 23.49 1.94
C1' UD1 G . 17.28 25.38 12.73
C2' UD1 G . 17.90 26.62 12.12
C3' UD1 G . 19.23 26.96 12.80
C4' UD1 G . 19.11 27.02 14.32
C5' UD1 G . 18.33 25.82 14.88
C6' UD1 G . 18.04 26.02 16.37
C7' UD1 G . 17.83 27.41 9.85
C8' UD1 G . 18.16 27.16 8.41
N2' UD1 G . 18.11 26.43 10.70
O1' UD1 G . 18.14 24.26 12.46
O3' UD1 G . 19.66 28.23 12.28
O4' UD1 G . 20.42 27.03 14.90
O5' UD1 G . 17.11 25.59 14.15
O6' UD1 G . 17.14 25.01 16.85
O7' UD1 G . 17.33 28.48 10.22
N1 UD1 G . 14.64 22.18 4.99
C2 UD1 G . 14.12 21.88 3.74
N3 UD1 G . 14.90 21.31 2.79
C4 UD1 G . 16.21 21.08 3.03
C5 UD1 G . 16.77 21.39 4.25
C6 UD1 G . 15.95 21.96 5.24
O2 UD1 G . 12.91 22.11 3.55
O4 UD1 G . 16.92 20.60 2.11
C1B UD1 G . 13.77 22.85 5.97
C2B UD1 G . 13.51 22.12 7.26
O2' UD1 G . 12.29 21.37 7.16
C3B UD1 G . 13.37 23.27 8.27
C4B UD1 G . 14.28 24.34 7.72
O4B UD1 G . 14.54 24.03 6.33
O3B UD1 G . 11.99 23.69 8.22
C5B UD1 G . 15.60 24.41 8.46
O5B UD1 G . 16.26 23.11 8.46
PA UD1 G . 17.51 22.79 9.40
O1A UD1 G . 18.51 23.89 9.17
O2A UD1 G . 17.96 21.34 9.18
O3A UD1 G . 16.76 22.90 10.83
PB UD1 G . 17.44 22.84 12.26
O1B UD1 G . 18.50 21.77 12.31
O2B UD1 G . 16.27 22.67 13.20
C1 BG6 H . 27.20 -16.31 -14.79
C2 BG6 H . 27.59 -16.33 -16.27
O1 BG6 H . 27.50 -15.04 -14.13
O5 BG6 H . 25.76 -16.52 -14.76
C3 BG6 H . 26.81 -15.28 -17.05
O2 BG6 H . 29.01 -16.16 -16.51
C4 BG6 H . 25.30 -15.55 -16.89
O3 BG6 H . 27.19 -15.38 -18.42
C5 BG6 H . 25.00 -15.47 -15.38
O4 BG6 H . 24.58 -14.51 -17.54
C6 BG6 H . 23.57 -15.75 -15.12
O6 BG6 H . 23.27 -17.12 -15.51
P BG6 H . 21.73 -17.51 -15.63
O1P BG6 H . 21.67 -18.97 -16.06
O2P BG6 H . 21.03 -17.34 -14.23
O3P BG6 H . 21.05 -16.57 -16.62
C ACT I . 32.55 8.46 -16.47
O ACT I . 33.78 8.40 -16.16
OXT ACT I . 32.24 9.32 -17.37
CH3 ACT I . 31.50 7.63 -15.78
NA NA J . 7.15 -23.24 -10.40
C1' UD1 K . 2.50 -24.89 -21.42
C2' UD1 K . 3.34 -26.16 -21.59
C3' UD1 K . 3.38 -26.62 -23.05
C4' UD1 K . 2.04 -26.53 -23.79
C5' UD1 K . 1.07 -25.45 -23.31
C6' UD1 K . -0.38 -25.89 -23.55
C7' UD1 K . 5.34 -26.88 -20.42
C8' UD1 K . 6.83 -26.80 -20.51
N2' UD1 K . 4.66 -25.93 -21.07
O1' UD1 K . 3.17 -23.77 -22.02
O3' UD1 K . 3.75 -28.00 -23.07
O4' UD1 K . 2.34 -26.31 -25.18
O5' UD1 K . 1.17 -25.08 -21.93
O6' UD1 K . -1.03 -24.76 -24.13
O7' UD1 K . 4.75 -27.76 -19.80
N1 UD1 K . 6.58 -21.88 -14.52
C2 UD1 K . 7.12 -21.53 -13.27
N3 UD1 K . 8.30 -20.91 -13.21
C4 UD1 K . 8.98 -20.61 -14.33
C5 UD1 K . 8.48 -20.95 -15.59
C6 UD1 K . 7.26 -21.63 -15.67
O2 UD1 K . 6.50 -21.78 -12.21
O4 UD1 K . 10.09 -20.07 -14.24
C1B UD1 K . 5.30 -22.61 -14.56
C2B UD1 K . 4.15 -21.87 -15.17
O2' UD1 K . 3.41 -21.11 -14.21
C3B UD1 K . 3.33 -23.00 -15.76
C4B UD1 K . 4.35 -24.07 -16.14
O4B UD1 K . 5.52 -23.81 -15.35
O3B UD1 K . 2.50 -23.55 -14.73
C5B UD1 K . 4.78 -24.09 -17.61
O5B UD1 K . 5.04 -22.72 -18.04
PA UD1 K . 5.17 -22.37 -19.60
O1A UD1 K . 6.03 -23.44 -20.17
O2A UD1 K . 5.60 -20.90 -19.68
O3A UD1 K . 3.59 -22.47 -19.96
PB UD1 K . 2.90 -22.32 -21.40
O1B UD1 K . 3.62 -21.29 -22.24
O2B UD1 K . 1.43 -22.18 -21.11
C1 BG6 L . -29.36 16.14 10.35
C2 BG6 L . -30.69 16.15 9.65
O1 BG6 L . -29.25 14.86 10.97
O5 BG6 L . -28.25 16.25 9.35
C3 BG6 L . -30.75 15.01 8.63
O2 BG6 L . -31.76 15.96 10.60
C4 BG6 L . -29.60 15.21 7.61
O3 BG6 L . -31.98 15.06 7.96
C5 BG6 L . -28.26 15.21 8.35
O4 BG6 L . -29.61 14.18 6.63
C6 BG6 L . -27.13 15.54 7.39
O6 BG6 L . -27.26 16.85 6.85
P BG6 L . -26.29 17.23 5.62
O1P BG6 L . -26.57 18.70 5.26
O2P BG6 L . -24.83 17.10 6.13
O3P BG6 L . -26.56 16.26 4.39
C ACT M . -33.62 -8.49 13.84
O ACT M . -34.13 -9.34 13.05
OXT ACT M . -34.16 -8.38 14.96
CH3 ACT M . -32.42 -7.65 13.44
NA NA N . -12.79 23.15 -2.03
C1' UD1 O . -18.11 24.28 -13.24
C2' UD1 O . -18.80 25.57 -12.84
C3' UD1 O . -20.20 25.58 -13.43
C4' UD1 O . -20.17 25.44 -14.94
C5' UD1 O . -19.40 24.17 -15.28
C6' UD1 O . -19.17 23.99 -16.79
C7' UD1 O . -18.54 26.76 -10.72
C8' UD1 O . -18.82 26.75 -9.26
N2' UD1 O . -18.90 25.67 -11.38
O1' UD1 O . -18.81 23.14 -12.72
O3' UD1 O . -20.85 26.78 -12.98
O4' UD1 O . -21.50 25.28 -15.43
O5' UD1 O . -18.11 24.16 -14.66
O6' UD1 O . -18.63 22.67 -16.95
O7' UD1 O . -18.05 27.71 -11.34
N1 UD1 O . -15.42 21.67 -5.11
C2 UD1 O . -14.85 21.33 -3.89
N3 UD1 O . -15.62 20.72 -2.96
C4 UD1 O . -16.90 20.41 -3.19
C5 UD1 O . -17.49 20.72 -4.41
C6 UD1 O . -16.73 21.36 -5.36
O2 UD1 O . -13.67 21.65 -3.62
O4 UD1 O . -17.56 19.89 -2.29
C1B UD1 O . -14.62 22.37 -6.12
C2B UD1 O . -14.32 21.61 -7.38
O2' UD1 O . -13.11 20.86 -7.24
C3B UD1 O . -14.23 22.74 -8.40
C4B UD1 O . -15.18 23.79 -7.89
O4B UD1 O . -15.42 23.51 -6.53
O3B UD1 O . -12.90 23.29 -8.34
C5B UD1 O . -16.60 23.81 -8.49
O5B UD1 O . -17.05 22.44 -8.53
PA UD1 O . -18.31 22.08 -9.48
O1A UD1 O . -19.33 23.18 -9.41
O2A UD1 O . -18.75 20.63 -9.16
O3A UD1 O . -17.51 21.97 -10.85
PB UD1 O . -18.07 21.78 -12.35
O1B UD1 O . -19.18 20.74 -12.39
O2B UD1 O . -16.84 21.60 -13.18
C1 BG6 P . -26.29 -17.36 15.31
C2 BG6 P . -26.61 -17.46 16.79
O1 BG6 P . -26.85 -16.06 14.87
O5 BG6 P . -24.86 -17.36 15.13
C3 BG6 P . -25.90 -16.30 17.55
O2 BG6 P . -28.03 -17.32 16.94
C4 BG6 P . -24.42 -16.30 17.27
O3 BG6 P . -26.09 -16.42 18.95
C5 BG6 P . -24.19 -16.23 15.77
O4 BG6 P . -23.84 -15.14 17.93
C6 BG6 P . -22.72 -16.46 15.48
O6 BG6 P . -22.36 -17.77 15.96
P BG6 P . -20.82 -18.17 15.93
O1P BG6 P . -20.28 -17.97 14.54
O2P BG6 P . -20.11 -17.24 17.00
O3P BG6 P . -20.75 -19.71 16.43
NA NA Q . -6.01 -23.34 10.83
C1' UD1 R . -1.30 -24.80 21.84
C2' UD1 R . -2.13 -26.08 22.00
C3' UD1 R . -2.46 -26.31 23.48
C4' UD1 R . -1.19 -26.35 24.31
C5' UD1 R . -0.23 -25.20 24.01
C6' UD1 R . 1.15 -25.59 24.53
C7' UD1 R . -3.73 -27.03 20.50
C8' UD1 R . -4.99 -26.88 19.72
N2' UD1 R . -3.34 -25.97 21.20
O1' UD1 R . -2.07 -23.68 22.29
O3' UD1 R . -3.14 -27.56 23.66
O4' UD1 R . -1.61 -26.25 25.68
O5' UD1 R . -0.10 -24.89 22.61
O6' UD1 R . 1.87 -24.39 24.84
O7' UD1 R . -3.06 -28.08 20.50
N1 UD1 R . -5.43 -21.84 14.77
C2 UD1 R . -6.02 -21.56 13.54
N3 UD1 R . -7.24 -20.98 13.50
C4 UD1 R . -7.95 -20.78 14.62
C5 UD1 R . -7.41 -21.12 15.86
C6 UD1 R . -6.14 -21.65 15.89
O2 UD1 R . -5.37 -21.74 12.48
O4 UD1 R . -9.12 -20.30 14.57
C1B UD1 R . -4.11 -22.50 14.80
C2B UD1 R . -2.99 -21.72 15.45
O2' UD1 R . -2.31 -20.92 14.47
C3B UD1 R . -2.09 -22.84 15.99
C4B UD1 R . -3.06 -23.94 16.37
O4B UD1 R . -4.27 -23.70 15.58
O3B UD1 R . -1.25 -23.34 14.91
C5B UD1 R . -3.41 -23.98 17.84
O5B UD1 R . -3.90 -22.69 18.28
PA UD1 R . -4.02 -22.30 19.79
O1A UD1 R . -4.83 -23.38 20.47
O2A UD1 R . -4.51 -20.87 19.92
O3A UD1 R . -2.46 -22.35 20.18
PB UD1 R . -1.77 -22.26 21.64
O1B UD1 R . -2.43 -21.23 22.52
O2B UD1 R . -0.31 -22.13 21.32
#